data_5GY2
#
_entry.id   5GY2
#
_cell.length_a   78.146
_cell.length_b   54.281
_cell.length_c   165.980
_cell.angle_alpha   90.00
_cell.angle_beta   98.62
_cell.angle_gamma   90.00
#
_symmetry.space_group_name_H-M   'P 1 21 1'
#
loop_
_entity.id
_entity.type
_entity.pdbx_description
1 polymer 'Tlr5b protein,Variable lymphocyte receptor B'
2 polymer Flagellin
3 branched 2-acetamido-2-deoxy-beta-D-glucopyranose-(1-4)-2-acetamido-2-deoxy-beta-D-glucopyranose
4 non-polymer 2-acetamido-2-deoxy-beta-D-glucopyranose
5 non-polymer 'TETRAETHYLENE GLYCOL'
6 water water
#
loop_
_entity_poly.entity_id
_entity_poly.type
_entity_poly.pdbx_seq_one_letter_code
_entity_poly.pdbx_strand_id
1 'polypeptide(L)'
;ADPGTSECSVIGYNAICINRGLHQVPELPAHVNYVDLSLNSIAELNETSFSRLQDLQFLKVEQQTPGLVIRNNTFRGLSS
LIILKLDYNQFLQLETGAFNGLANLEVLTLTQCNLDGAVLSGNFFKPLTSLEMLVLRDNNIKKIQPASFFLNMRRFHVLD
LTFNKVKSICEEDLLNFQGKHFTLLRLSSITLQDMNEYWLGWEKCGNPFKNTSITTLDLSGNGFKESMAKRFFDAIAGTK
IQSLILSNSYNMGSSFGHTNFKDPDNFTFKGLEASGVKTCDLSKSKIFALLKSVFSHFTDLEQLTLAQNEINKIDDNAFW
GLTHLLKLNLSQNFLGSIDSRMFENLDKLEVLDLSYNHIRALGDQSFLGLPNLKELALDTNQLKSVPDGIFDRLTSLQKI
WLHTNPWDCSCPRIDYLSRWLNKNSQKEQGSAKCSGSGKPVRSIICPTSASLVPR
;
A,B
2 'polypeptide(L)'
;GSAKDPGQIRGLEMASKNSQDGISLIQTAEGALTETHAILQRMRELTVQAGNTGTQQAEDLGAIKDEMDALIEEIDGISN
RTEFNGKKLLDGTNSTDGFTFQIGANAGQQLNVKIDSMSSTALGVNALDVTDFAATAFDDQLKSIDTAINTVSTQRAKLG
AVQNRLEHTINNLGASGENLTAA
;
C,D
#
loop_
_chem_comp.id
_chem_comp.type
_chem_comp.name
_chem_comp.formula
NAG D-saccharide, beta linking 2-acetamido-2-deoxy-beta-D-glucopyranose 'C8 H15 N O6'
PG4 non-polymer 'TETRAETHYLENE GLYCOL' 'C8 H18 O5'
#
# COMPACT_ATOMS: atom_id res chain seq x y z
N SER A 6 15.22 13.10 7.19
CA SER A 6 14.79 12.40 5.91
C SER A 6 13.95 13.25 4.92
N GLU A 7 14.20 13.11 3.62
CA GLU A 7 13.50 13.89 2.55
C GLU A 7 12.01 13.54 2.36
N CYS A 8 11.76 12.23 2.44
CA CYS A 8 10.50 11.57 2.20
C CYS A 8 9.65 11.53 3.46
N SER A 9 8.38 11.21 3.30
CA SER A 9 7.53 10.93 4.45
C SER A 9 7.49 9.40 4.69
N VAL A 10 8.11 8.93 5.78
CA VAL A 10 8.16 7.51 6.12
C VAL A 10 7.25 7.17 7.28
N ILE A 11 6.20 6.40 7.05
CA ILE A 11 5.27 5.97 8.10
C ILE A 11 5.25 4.44 8.07
N GLY A 12 5.86 3.84 9.09
CA GLY A 12 5.86 2.39 9.25
C GLY A 12 6.65 1.71 8.15
N TYR A 13 5.96 0.91 7.36
CA TYR A 13 6.59 0.23 6.20
C TYR A 13 6.60 1.02 4.87
N ASN A 14 5.98 2.20 4.89
CA ASN A 14 5.72 2.98 3.68
C ASN A 14 6.62 4.21 3.56
N ALA A 15 7.37 4.33 2.46
CA ALA A 15 8.07 5.58 2.14
C ALA A 15 7.38 6.30 1.00
N ILE A 16 6.76 7.42 1.33
CA ILE A 16 6.12 8.27 0.32
C ILE A 16 7.10 9.37 -0.10
N CYS A 17 7.64 9.24 -1.31
CA CYS A 17 8.66 10.16 -1.81
C CYS A 17 8.19 10.98 -3.03
N ILE A 18 6.88 11.16 -3.12
CA ILE A 18 6.26 11.79 -4.30
C ILE A 18 6.63 13.27 -4.39
N ASN A 19 7.03 13.70 -5.58
CA ASN A 19 7.23 15.13 -5.85
C ASN A 19 8.14 15.82 -4.86
N ARG A 20 9.37 15.35 -4.79
CA ARG A 20 10.35 15.85 -3.83
C ARG A 20 11.58 16.40 -4.51
N GLY A 21 11.52 16.55 -5.83
CA GLY A 21 12.66 17.06 -6.59
C GLY A 21 13.86 16.14 -6.53
N LEU A 22 13.62 14.85 -6.38
CA LEU A 22 14.70 13.88 -6.32
C LEU A 22 15.28 13.60 -7.70
N HIS A 23 16.61 13.50 -7.80
CA HIS A 23 17.29 13.05 -9.03
C HIS A 23 17.86 11.63 -8.94
N GLN A 24 17.77 11.02 -7.75
CA GLN A 24 18.16 9.64 -7.53
C GLN A 24 17.30 9.05 -6.40
N VAL A 25 17.35 7.73 -6.26
CA VAL A 25 16.68 7.04 -5.16
C VAL A 25 17.29 7.55 -3.86
N PRO A 26 16.45 8.07 -2.95
CA PRO A 26 16.94 8.63 -1.70
C PRO A 26 17.28 7.56 -0.67
N GLU A 27 17.95 7.99 0.38
CA GLU A 27 18.26 7.10 1.51
C GLU A 27 17.01 6.85 2.35
N LEU A 28 16.75 5.59 2.69
CA LEU A 28 15.52 5.20 3.39
C LEU A 28 15.75 4.04 4.34
N PRO A 29 14.93 3.96 5.41
CA PRO A 29 15.14 2.84 6.36
C PRO A 29 15.05 1.51 5.64
N ALA A 30 15.97 0.63 5.99
CA ALA A 30 16.05 -0.69 5.37
C ALA A 30 14.76 -1.50 5.48
N HIS A 31 13.94 -1.22 6.49
CA HIS A 31 12.72 -1.99 6.71
C HIS A 31 11.50 -1.57 5.88
N VAL A 32 11.58 -0.49 5.07
CA VAL A 32 10.45 -0.09 4.22
C VAL A 32 10.22 -1.15 3.14
N ASN A 33 8.96 -1.49 2.89
CA ASN A 33 8.61 -2.44 1.86
C ASN A 33 7.69 -1.87 0.74
N TYR A 34 7.37 -0.59 0.85
CA TYR A 34 6.50 0.14 -0.07
C TYR A 34 7.14 1.51 -0.32
N VAL A 35 7.46 1.81 -1.56
CA VAL A 35 8.10 3.08 -1.91
C VAL A 35 7.38 3.68 -3.12
N ASP A 36 6.98 4.94 -2.98
CA ASP A 36 6.43 5.71 -4.06
C ASP A 36 7.38 6.86 -4.39
N LEU A 37 8.00 6.77 -5.56
CA LEU A 37 8.88 7.82 -6.06
C LEU A 37 8.30 8.57 -7.22
N SER A 38 6.99 8.52 -7.40
CA SER A 38 6.38 9.17 -8.55
C SER A 38 6.58 10.69 -8.58
N LEU A 39 6.57 11.24 -9.80
CA LEU A 39 6.61 12.69 -10.04
C LEU A 39 7.93 13.28 -9.57
N ASN A 40 9.04 12.58 -9.82
CA ASN A 40 10.36 13.15 -9.56
C ASN A 40 11.12 13.33 -10.85
N SER A 41 12.42 13.67 -10.76
CA SER A 41 13.23 13.90 -11.93
C SER A 41 14.37 12.90 -11.99
N ILE A 42 14.05 11.64 -11.75
CA ILE A 42 15.05 10.58 -11.87
C ILE A 42 15.25 10.28 -13.33
N ALA A 43 16.45 10.55 -13.82
CA ALA A 43 16.79 10.38 -15.25
C ALA A 43 17.23 8.91 -15.60
N GLU A 44 17.85 8.25 -14.62
CA GLU A 44 18.43 6.91 -14.82
C GLU A 44 18.32 6.06 -13.52
N LEU A 45 17.94 4.80 -13.65
CA LEU A 45 17.99 3.85 -12.56
C LEU A 45 18.94 2.74 -12.97
N ASN A 46 19.74 2.27 -12.02
CA ASN A 46 20.62 1.12 -12.22
C ASN A 46 20.69 0.25 -10.95
N GLU A 47 21.53 -0.77 -10.97
CA GLU A 47 21.56 -1.76 -9.89
C GLU A 47 21.90 -1.16 -8.52
N THR A 48 22.69 -0.08 -8.49
CA THR A 48 22.91 0.65 -7.23
CA THR A 48 22.92 0.68 -7.26
C THR A 48 21.63 1.32 -6.71
N SER A 49 20.68 1.66 -7.58
CA SER A 49 19.51 2.43 -7.12
C SER A 49 18.71 1.80 -5.97
N PHE A 50 18.44 0.50 -6.03
CA PHE A 50 17.61 -0.19 -5.03
C PHE A 50 18.40 -1.18 -4.17
N SER A 51 19.72 -1.04 -4.21
CA SER A 51 20.64 -1.97 -3.55
C SER A 51 20.55 -1.87 -2.03
N ARG A 52 20.02 -0.78 -1.47
CA ARG A 52 19.81 -0.68 -0.03
C ARG A 52 18.37 -0.98 0.43
N LEU A 53 17.48 -1.31 -0.50
CA LEU A 53 16.07 -1.52 -0.21
C LEU A 53 15.59 -2.94 -0.57
N GLN A 54 16.39 -3.95 -0.28
CA GLN A 54 16.11 -5.34 -0.67
C GLN A 54 14.71 -5.89 -0.28
N ASP A 55 14.03 -5.26 0.66
CA ASP A 55 12.76 -5.81 1.13
C ASP A 55 11.52 -5.24 0.43
N LEU A 56 11.71 -4.41 -0.60
CA LEU A 56 10.57 -3.85 -1.34
C LEU A 56 9.60 -4.92 -1.85
N GLN A 57 8.32 -4.70 -1.57
CA GLN A 57 7.23 -5.51 -2.15
C GLN A 57 6.43 -4.72 -3.20
N PHE A 58 6.36 -3.41 -3.02
CA PHE A 58 5.53 -2.54 -3.82
C PHE A 58 6.40 -1.31 -4.12
N LEU A 59 6.66 -1.07 -5.39
CA LEU A 59 7.44 0.07 -5.88
C LEU A 59 6.76 0.83 -7.05
N LYS A 60 6.60 2.14 -6.87
CA LYS A 60 6.10 3.03 -7.90
C LYS A 60 7.21 4.00 -8.28
N VAL A 61 7.50 4.12 -9.56
CA VAL A 61 8.34 5.24 -10.05
C VAL A 61 7.68 5.86 -11.28
N GLU A 62 6.43 6.28 -11.09
CA GLU A 62 5.62 6.78 -12.19
C GLU A 62 5.95 8.22 -12.50
N GLN A 63 5.77 8.52 -13.79
CA GLN A 63 5.76 9.87 -14.32
C GLN A 63 6.90 10.70 -13.78
N GLN A 64 8.11 10.28 -14.09
CA GLN A 64 9.26 11.12 -13.92
C GLN A 64 9.30 12.14 -15.07
N THR A 65 10.27 13.05 -15.05
CA THR A 65 10.58 13.85 -16.25
C THR A 65 10.79 12.89 -17.41
N PRO A 66 10.45 13.31 -18.64
CA PRO A 66 10.49 12.37 -19.76
C PRO A 66 11.86 11.76 -20.01
N GLY A 67 11.90 10.53 -20.47
CA GLY A 67 13.15 9.92 -20.89
C GLY A 67 13.84 9.01 -19.90
N LEU A 68 13.14 8.59 -18.84
CA LEU A 68 13.74 7.72 -17.83
C LEU A 68 14.40 6.49 -18.47
N VAL A 69 15.67 6.25 -18.12
CA VAL A 69 16.45 5.07 -18.54
C VAL A 69 16.51 4.06 -17.38
N ILE A 70 16.16 2.81 -17.63
CA ILE A 70 16.25 1.75 -16.62
C ILE A 70 17.29 0.79 -17.13
N ARG A 71 18.41 0.72 -16.45
CA ARG A 71 19.49 -0.16 -16.87
C ARG A 71 19.29 -1.59 -16.44
N ASN A 72 20.02 -2.46 -17.10
CA ASN A 72 20.12 -3.85 -16.71
C ASN A 72 20.32 -4.01 -15.20
N ASN A 73 19.59 -4.97 -14.63
CA ASN A 73 19.72 -5.38 -13.23
C ASN A 73 19.33 -4.32 -12.21
N THR A 74 18.61 -3.30 -12.65
CA THR A 74 18.11 -2.25 -11.76
C THR A 74 17.37 -2.84 -10.56
N PHE A 75 16.55 -3.86 -10.77
CA PHE A 75 15.80 -4.48 -9.67
C PHE A 75 16.34 -5.86 -9.24
N ARG A 76 17.56 -6.17 -9.66
CA ARG A 76 18.15 -7.46 -9.32
C ARG A 76 18.29 -7.50 -7.81
N GLY A 77 17.87 -8.58 -7.17
CA GLY A 77 17.95 -8.59 -5.69
C GLY A 77 16.73 -8.02 -4.97
N LEU A 78 15.77 -7.45 -5.70
CA LEU A 78 14.46 -7.16 -5.12
C LEU A 78 13.60 -8.42 -5.28
N SER A 79 14.01 -9.49 -4.62
CA SER A 79 13.40 -10.80 -4.82
C SER A 79 12.06 -10.92 -4.11
N SER A 80 11.73 -9.92 -3.28
CA SER A 80 10.37 -9.79 -2.74
C SER A 80 9.40 -8.86 -3.46
N LEU A 81 9.81 -8.22 -4.57
CA LEU A 81 8.97 -7.24 -5.22
C LEU A 81 7.81 -7.96 -5.89
N ILE A 82 6.59 -7.51 -5.60
CA ILE A 82 5.37 -8.14 -6.09
C ILE A 82 4.67 -7.23 -7.13
N ILE A 83 4.75 -5.91 -6.88
CA ILE A 83 4.09 -4.91 -7.72
C ILE A 83 5.10 -3.84 -8.08
N LEU A 84 5.30 -3.65 -9.38
CA LEU A 84 6.11 -2.57 -9.92
C LEU A 84 5.29 -1.69 -10.91
N LYS A 85 5.22 -0.41 -10.64
CA LYS A 85 4.48 0.55 -11.50
C LYS A 85 5.44 1.58 -12.03
N LEU A 86 5.56 1.64 -13.37
CA LEU A 86 6.43 2.58 -14.06
C LEU A 86 5.66 3.41 -15.10
N ASP A 87 4.35 3.51 -14.90
CA ASP A 87 3.45 4.27 -15.80
C ASP A 87 3.82 5.75 -16.02
N TYR A 88 3.45 6.25 -17.21
CA TYR A 88 3.52 7.66 -17.57
C TYR A 88 4.95 8.19 -17.59
N ASN A 89 5.91 7.30 -17.87
CA ASN A 89 7.27 7.69 -18.19
C ASN A 89 7.44 7.81 -19.68
N GLN A 90 7.27 9.05 -20.12
CA GLN A 90 7.29 9.38 -21.54
C GLN A 90 8.68 9.10 -22.08
N PHE A 91 8.70 8.42 -23.23
CA PHE A 91 9.91 7.94 -23.86
C PHE A 91 10.77 7.08 -22.96
N LEU A 92 10.15 6.20 -22.19
CA LEU A 92 10.85 5.28 -21.29
C LEU A 92 11.88 4.46 -22.05
N GLN A 93 13.10 4.38 -21.52
CA GLN A 93 14.18 3.68 -22.19
C GLN A 93 14.57 2.46 -21.35
N LEU A 94 14.18 1.27 -21.80
CA LEU A 94 14.49 0.04 -21.11
C LEU A 94 15.64 -0.68 -21.77
N GLU A 95 16.67 -1.03 -21.00
CA GLU A 95 17.64 -2.00 -21.47
C GLU A 95 17.00 -3.40 -21.38
N THR A 96 17.47 -4.34 -22.17
CA THR A 96 16.73 -5.59 -22.30
C THR A 96 16.76 -6.47 -21.03
N GLY A 97 17.71 -6.26 -20.12
CA GLY A 97 17.71 -6.94 -18.83
C GLY A 97 17.25 -6.07 -17.66
N ALA A 98 16.48 -5.03 -17.97
CA ALA A 98 15.97 -4.09 -16.98
C ALA A 98 15.26 -4.81 -15.85
N PHE A 99 14.59 -5.92 -16.17
CA PHE A 99 13.77 -6.67 -15.17
C PHE A 99 14.40 -7.94 -14.66
N ASN A 100 15.70 -8.13 -14.93
CA ASN A 100 16.46 -9.21 -14.29
C ASN A 100 16.22 -9.28 -12.79
N GLY A 101 16.08 -10.49 -12.26
CA GLY A 101 15.91 -10.71 -10.81
C GLY A 101 14.49 -10.71 -10.26
N LEU A 102 13.53 -10.43 -11.13
CA LEU A 102 12.15 -10.21 -10.68
C LEU A 102 11.27 -11.43 -10.90
N ALA A 103 11.80 -12.59 -10.53
CA ALA A 103 11.09 -13.89 -10.68
C ALA A 103 9.78 -13.97 -9.87
N ASN A 104 9.70 -13.20 -8.79
CA ASN A 104 8.48 -13.17 -7.97
C ASN A 104 7.47 -12.06 -8.25
N LEU A 105 7.79 -11.16 -9.20
CA LEU A 105 6.93 -10.07 -9.52
C LEU A 105 5.61 -10.62 -10.03
N GLU A 106 4.51 -10.02 -9.57
CA GLU A 106 3.17 -10.43 -9.99
C GLU A 106 2.43 -9.41 -10.87
N VAL A 107 2.70 -8.13 -10.67
CA VAL A 107 2.04 -7.05 -11.39
C VAL A 107 3.09 -6.11 -11.94
N LEU A 108 3.03 -5.85 -13.23
CA LEU A 108 3.89 -4.82 -13.90
C LEU A 108 3.00 -3.84 -14.69
N THR A 109 3.07 -2.55 -14.38
CA THR A 109 2.28 -1.57 -15.11
C THR A 109 3.20 -0.58 -15.84
N LEU A 110 2.91 -0.38 -17.12
CA LEU A 110 3.71 0.41 -18.05
C LEU A 110 2.79 1.19 -19.01
N THR A 111 1.79 1.85 -18.44
CA THR A 111 0.87 2.68 -19.20
C THR A 111 1.52 3.91 -19.68
N GLN A 112 1.29 4.19 -20.97
CA GLN A 112 1.68 5.41 -21.67
C GLN A 112 3.16 5.76 -21.55
N CYS A 113 3.98 4.81 -21.95
CA CYS A 113 5.42 4.95 -21.88
C CYS A 113 6.11 4.97 -23.26
N ASN A 114 5.31 5.18 -24.30
CA ASN A 114 5.73 5.19 -25.71
C ASN A 114 6.40 3.90 -26.14
N LEU A 115 6.00 2.79 -25.55
CA LEU A 115 6.65 1.51 -25.91
C LEU A 115 6.11 0.93 -27.20
N ASP A 116 6.92 0.16 -27.91
CA ASP A 116 6.41 -0.47 -29.11
C ASP A 116 6.28 -1.95 -28.94
N GLY A 117 5.88 -2.67 -30.02
CA GLY A 117 5.66 -4.12 -29.99
C GLY A 117 6.84 -4.96 -29.59
N ALA A 118 8.06 -4.43 -29.74
CA ALA A 118 9.26 -5.17 -29.33
C ALA A 118 9.28 -5.39 -27.81
N VAL A 119 8.49 -4.65 -27.04
CA VAL A 119 8.51 -4.85 -25.61
C VAL A 119 7.92 -6.22 -25.22
N LEU A 120 7.01 -6.74 -26.06
CA LEU A 120 6.44 -8.07 -25.90
C LEU A 120 7.20 -9.18 -26.65
N SER A 121 7.84 -8.83 -27.79
CA SER A 121 8.51 -9.82 -28.66
C SER A 121 9.97 -10.01 -28.33
N GLY A 122 10.59 -8.98 -27.71
CA GLY A 122 11.96 -9.07 -27.15
C GLY A 122 12.04 -9.75 -25.78
N ASN A 123 13.22 -9.66 -25.15
CA ASN A 123 13.50 -10.37 -23.90
C ASN A 123 13.23 -9.58 -22.64
N PHE A 124 12.59 -8.41 -22.78
CA PHE A 124 12.29 -7.56 -21.63
C PHE A 124 11.60 -8.31 -20.50
N PHE A 125 10.61 -9.13 -20.81
CA PHE A 125 9.79 -9.77 -19.78
C PHE A 125 10.23 -11.22 -19.50
N LYS A 126 11.28 -11.69 -20.14
CA LYS A 126 11.73 -13.07 -19.90
C LYS A 126 11.93 -13.42 -18.42
N PRO A 127 12.48 -12.49 -17.60
CA PRO A 127 12.74 -12.88 -16.20
C PRO A 127 11.47 -13.02 -15.35
N LEU A 128 10.34 -12.55 -15.87
CA LEU A 128 9.14 -12.39 -15.06
C LEU A 128 8.32 -13.69 -14.99
N THR A 129 8.88 -14.72 -14.41
CA THR A 129 8.24 -16.04 -14.49
C THR A 129 6.98 -16.15 -13.65
N SER A 130 6.82 -15.36 -12.59
CA SER A 130 5.60 -15.41 -11.81
C SER A 130 4.55 -14.38 -12.23
N LEU A 131 4.78 -13.62 -13.29
CA LEU A 131 3.89 -12.53 -13.65
C LEU A 131 2.44 -12.99 -13.81
N GLU A 132 1.54 -12.23 -13.19
CA GLU A 132 0.10 -12.41 -13.29
C GLU A 132 -0.61 -11.39 -14.11
N MET A 133 -0.15 -10.13 -14.01
CA MET A 133 -0.86 -8.99 -14.61
C MET A 133 0.13 -8.04 -15.29
N LEU A 134 -0.12 -7.76 -16.55
CA LEU A 134 0.71 -6.82 -17.33
C LEU A 134 -0.15 -5.74 -17.93
N VAL A 135 0.06 -4.49 -17.54
CA VAL A 135 -0.75 -3.37 -18.08
C VAL A 135 0.13 -2.53 -19.01
N LEU A 136 -0.26 -2.48 -20.29
CA LEU A 136 0.50 -1.81 -21.35
C LEU A 136 -0.37 -0.85 -22.13
N ARG A 137 -1.34 -0.24 -21.43
CA ARG A 137 -2.30 0.66 -22.07
C ARG A 137 -1.61 1.84 -22.66
N ASP A 138 -2.17 2.36 -23.76
CA ASP A 138 -1.78 3.69 -24.29
C ASP A 138 -0.31 3.76 -24.70
N ASN A 139 0.18 2.70 -25.31
CA ASN A 139 1.53 2.73 -25.84
C ASN A 139 1.48 2.82 -27.38
N ASN A 140 2.56 2.41 -28.05
CA ASN A 140 2.64 2.41 -29.53
C ASN A 140 2.85 1.00 -30.06
N ILE A 141 2.10 0.05 -29.49
CA ILE A 141 2.15 -1.36 -29.87
C ILE A 141 1.20 -1.56 -31.08
N LYS A 142 1.77 -1.92 -32.25
CA LYS A 142 1.00 -2.03 -33.49
C LYS A 142 0.67 -3.46 -33.88
N LYS A 143 1.46 -4.39 -33.37
CA LYS A 143 1.14 -5.81 -33.44
C LYS A 143 1.45 -6.42 -32.07
N ILE A 144 0.62 -7.37 -31.64
CA ILE A 144 0.76 -8.11 -30.39
C ILE A 144 1.43 -9.47 -30.68
N GLN A 145 2.73 -9.56 -30.38
CA GLN A 145 3.53 -10.75 -30.73
C GLN A 145 4.41 -11.16 -29.57
N PRO A 146 3.80 -11.83 -28.58
CA PRO A 146 4.54 -12.27 -27.42
C PRO A 146 5.62 -13.33 -27.75
N ALA A 147 6.79 -13.17 -27.13
CA ALA A 147 7.92 -14.08 -27.27
C ALA A 147 7.59 -15.43 -26.66
N SER A 148 8.39 -16.41 -27.04
CA SER A 148 8.10 -17.80 -26.68
C SER A 148 8.11 -18.09 -25.19
N PHE A 149 8.89 -17.34 -24.40
CA PHE A 149 8.90 -17.56 -22.96
C PHE A 149 7.53 -17.37 -22.29
N PHE A 150 6.62 -16.66 -22.94
CA PHE A 150 5.26 -16.52 -22.37
C PHE A 150 4.61 -17.90 -22.17
N LEU A 151 5.06 -18.88 -22.97
CA LEU A 151 4.52 -20.23 -22.87
C LEU A 151 4.68 -20.80 -21.47
N ASN A 152 5.73 -20.40 -20.78
CA ASN A 152 6.07 -20.92 -19.48
C ASN A 152 5.73 -19.99 -18.31
N MET A 153 5.06 -18.87 -18.58
CA MET A 153 4.58 -17.97 -17.51
C MET A 153 3.22 -18.47 -17.06
N ARG A 154 3.25 -19.41 -16.13
CA ARG A 154 2.07 -20.22 -15.80
C ARG A 154 1.05 -19.56 -14.93
N ARG A 155 1.37 -18.41 -14.37
CA ARG A 155 0.38 -17.68 -13.61
C ARG A 155 -0.12 -16.46 -14.37
N PHE A 156 0.28 -16.30 -15.63
CA PHE A 156 -0.08 -15.09 -16.38
C PHE A 156 -1.56 -15.09 -16.80
N HIS A 157 -2.34 -14.14 -16.31
CA HIS A 157 -3.80 -14.20 -16.52
C HIS A 157 -4.57 -12.91 -16.77
N VAL A 158 -3.89 -11.78 -16.68
CA VAL A 158 -4.44 -10.48 -16.94
C VAL A 158 -3.53 -9.68 -17.87
N LEU A 159 -4.05 -9.28 -19.03
CA LEU A 159 -3.30 -8.42 -19.98
C LEU A 159 -4.17 -7.28 -20.43
N ASP A 160 -3.66 -6.06 -20.33
CA ASP A 160 -4.42 -4.90 -20.76
C ASP A 160 -3.67 -4.10 -21.81
N LEU A 161 -4.20 -4.07 -23.03
CA LEU A 161 -3.58 -3.36 -24.15
C LEU A 161 -4.43 -2.18 -24.68
N THR A 162 -5.39 -1.73 -23.88
CA THR A 162 -6.27 -0.64 -24.21
C THR A 162 -5.54 0.57 -24.76
N PHE A 163 -6.06 1.08 -25.87
CA PHE A 163 -5.58 2.28 -26.54
C PHE A 163 -4.33 2.15 -27.37
N ASN A 164 -3.80 0.94 -27.54
CA ASN A 164 -2.76 0.77 -28.57
C ASN A 164 -3.40 0.63 -29.92
N LYS A 165 -2.85 1.29 -30.92
CA LYS A 165 -3.36 1.20 -32.29
C LYS A 165 -2.83 -0.05 -33.00
N VAL A 166 -3.53 -1.17 -32.78
CA VAL A 166 -3.14 -2.46 -33.31
C VAL A 166 -3.76 -2.67 -34.69
N LYS A 167 -2.92 -2.94 -35.66
CA LYS A 167 -3.36 -3.13 -37.01
C LYS A 167 -4.31 -4.31 -37.17
N SER A 168 -3.96 -5.44 -36.59
CA SER A 168 -4.72 -6.66 -36.72
C SER A 168 -4.22 -7.67 -35.70
N ILE A 169 -5.03 -8.66 -35.39
CA ILE A 169 -4.56 -9.78 -34.58
C ILE A 169 -4.89 -11.08 -35.27
N CYS A 170 -3.93 -11.98 -35.34
CA CYS A 170 -4.18 -13.29 -35.93
CA CYS A 170 -4.14 -13.28 -35.96
C CYS A 170 -3.52 -14.39 -35.11
N GLU A 171 -3.82 -15.64 -35.49
CA GLU A 171 -3.29 -16.82 -34.82
C GLU A 171 -1.76 -16.76 -34.70
N GLU A 172 -1.08 -16.35 -35.76
CA GLU A 172 0.38 -16.35 -35.70
C GLU A 172 0.92 -15.32 -34.70
N ASP A 173 0.19 -14.23 -34.49
CA ASP A 173 0.63 -13.19 -33.54
C ASP A 173 0.60 -13.65 -32.09
N LEU A 174 -0.50 -14.29 -31.73
CA LEU A 174 -0.82 -14.65 -30.35
C LEU A 174 -0.38 -16.08 -29.99
N LEU A 175 0.42 -16.69 -30.86
CA LEU A 175 0.87 -18.07 -30.70
C LEU A 175 1.26 -18.40 -29.26
N ASN A 176 2.13 -17.57 -28.74
CA ASN A 176 2.74 -17.83 -27.45
C ASN A 176 1.84 -17.52 -26.25
N PHE A 177 0.61 -17.08 -26.52
CA PHE A 177 -0.44 -17.06 -25.52
C PHE A 177 -1.31 -18.29 -25.57
N GLN A 178 -1.05 -19.21 -26.50
CA GLN A 178 -1.88 -20.40 -26.56
C GLN A 178 -1.73 -21.24 -25.29
N GLY A 179 -2.82 -21.87 -24.89
CA GLY A 179 -2.85 -22.67 -23.70
C GLY A 179 -3.16 -21.88 -22.43
N LYS A 180 -3.24 -20.57 -22.50
CA LYS A 180 -3.51 -19.75 -21.31
C LYS A 180 -4.99 -19.69 -20.94
N HIS A 181 -5.26 -19.49 -19.66
CA HIS A 181 -6.55 -19.01 -19.24
C HIS A 181 -6.39 -17.58 -18.76
N PHE A 182 -6.92 -16.64 -19.51
CA PHE A 182 -6.95 -15.27 -19.07
C PHE A 182 -8.18 -15.08 -18.23
N THR A 183 -8.05 -14.41 -17.09
CA THR A 183 -9.22 -13.94 -16.37
C THR A 183 -9.69 -12.64 -16.99
N LEU A 184 -8.77 -11.82 -17.49
CA LEU A 184 -9.12 -10.61 -18.17
C LEU A 184 -8.20 -10.36 -19.32
N LEU A 185 -8.76 -10.28 -20.52
CA LEU A 185 -7.99 -9.91 -21.72
C LEU A 185 -8.60 -8.64 -22.22
N ARG A 186 -7.91 -7.53 -22.02
CA ARG A 186 -8.52 -6.27 -22.35
C ARG A 186 -7.83 -5.71 -23.56
N LEU A 187 -8.56 -5.85 -24.68
CA LEU A 187 -8.18 -5.38 -26.01
C LEU A 187 -9.19 -4.31 -26.48
N SER A 188 -9.38 -3.32 -25.64
CA SER A 188 -10.35 -2.28 -25.85
C SER A 188 -9.68 -1.18 -26.61
N SER A 189 -10.44 -0.58 -27.54
CA SER A 189 -10.02 0.59 -28.32
C SER A 189 -8.67 0.44 -28.94
N ILE A 190 -8.44 -0.73 -29.54
CA ILE A 190 -7.22 -0.94 -30.30
C ILE A 190 -7.45 -0.81 -31.80
N THR A 191 -8.71 -0.66 -32.20
CA THR A 191 -9.14 -0.26 -33.58
C THR A 191 -9.07 -1.38 -34.63
N LEU A 192 -7.91 -2.04 -34.76
CA LEU A 192 -7.78 -3.22 -35.66
C LEU A 192 -8.12 -2.77 -37.07
N GLN A 193 -7.49 -1.70 -37.51
CA GLN A 193 -7.90 -0.98 -38.71
CA GLN A 193 -8.10 -1.20 -38.68
C GLN A 193 -7.71 -1.79 -40.00
N ASP A 194 -6.66 -2.60 -40.06
CA ASP A 194 -6.46 -3.39 -41.26
C ASP A 194 -7.54 -4.47 -41.44
N MET A 195 -8.25 -4.89 -40.39
CA MET A 195 -9.14 -6.06 -40.52
C MET A 195 -10.49 -5.70 -41.13
N ASN A 196 -10.48 -5.19 -42.36
CA ASN A 196 -11.70 -4.71 -43.01
C ASN A 196 -12.25 -5.73 -44.02
N GLU A 197 -13.24 -5.29 -44.78
CA GLU A 197 -14.08 -6.17 -45.62
C GLU A 197 -13.27 -6.92 -46.72
N TYR A 198 -12.23 -6.27 -47.24
CA TYR A 198 -11.47 -6.82 -48.36
C TYR A 198 -10.01 -7.26 -48.03
N TRP A 199 -9.68 -7.35 -46.75
CA TRP A 199 -8.32 -7.66 -46.32
C TRP A 199 -8.00 -9.14 -46.56
N LEU A 200 -6.90 -9.38 -47.26
CA LEU A 200 -6.48 -10.75 -47.57
C LEU A 200 -6.05 -11.56 -46.36
N GLY A 201 -5.87 -10.86 -45.22
CA GLY A 201 -5.41 -11.49 -44.01
C GLY A 201 -6.49 -12.39 -43.51
N TRP A 202 -7.75 -12.13 -43.89
CA TRP A 202 -8.84 -12.94 -43.38
C TRP A 202 -8.69 -14.42 -43.74
N GLU A 203 -8.17 -14.70 -44.92
CA GLU A 203 -8.05 -16.06 -45.38
C GLU A 203 -7.08 -16.89 -44.56
N LYS A 204 -6.09 -16.24 -43.95
CA LYS A 204 -4.94 -16.88 -43.29
C LYS A 204 -4.85 -16.53 -41.80
N CYS A 205 -5.79 -15.76 -41.30
CA CYS A 205 -5.73 -15.26 -39.95
CA CYS A 205 -5.70 -15.26 -39.94
C CYS A 205 -5.85 -16.38 -38.92
N GLY A 206 -6.67 -17.39 -39.23
CA GLY A 206 -6.88 -18.51 -38.33
C GLY A 206 -7.55 -17.98 -37.06
N ASN A 207 -7.34 -18.65 -35.96
CA ASN A 207 -7.94 -18.29 -34.68
C ASN A 207 -6.90 -17.63 -33.74
N PRO A 208 -6.95 -16.32 -33.60
CA PRO A 208 -6.15 -15.58 -32.65
C PRO A 208 -6.13 -16.18 -31.25
N PHE A 209 -7.26 -16.74 -30.82
CA PHE A 209 -7.36 -17.31 -29.47
C PHE A 209 -7.37 -18.81 -29.45
N LYS A 210 -6.68 -19.43 -30.39
CA LYS A 210 -6.57 -20.89 -30.41
C LYS A 210 -6.17 -21.42 -29.04
N ASN A 211 -6.91 -22.41 -28.56
CA ASN A 211 -6.59 -23.13 -27.30
C ASN A 211 -6.34 -22.23 -26.10
N THR A 212 -7.06 -21.12 -26.06
CA THR A 212 -6.98 -20.12 -25.02
C THR A 212 -8.39 -19.96 -24.50
N SER A 213 -8.55 -19.76 -23.21
CA SER A 213 -9.87 -19.48 -22.64
C SER A 213 -9.82 -18.15 -21.91
N ILE A 214 -10.95 -17.46 -21.88
CA ILE A 214 -11.03 -16.09 -21.39
C ILE A 214 -12.28 -15.91 -20.53
N THR A 215 -12.10 -15.51 -19.27
CA THR A 215 -13.25 -15.23 -18.43
C THR A 215 -13.89 -13.93 -18.96
N THR A 216 -13.15 -12.84 -18.96
CA THR A 216 -13.64 -11.57 -19.49
C THR A 216 -12.80 -11.09 -20.63
N LEU A 217 -13.43 -11.09 -21.82
CA LEU A 217 -12.83 -10.60 -23.04
C LEU A 217 -13.40 -9.22 -23.36
N ASP A 218 -12.58 -8.20 -23.23
CA ASP A 218 -13.00 -6.83 -23.50
C ASP A 218 -12.51 -6.42 -24.86
N LEU A 219 -13.44 -6.39 -25.83
CA LEU A 219 -13.19 -5.91 -27.17
C LEU A 219 -13.99 -4.63 -27.46
N SER A 220 -14.29 -3.86 -26.42
CA SER A 220 -15.02 -2.60 -26.59
C SER A 220 -14.24 -1.59 -27.41
N GLY A 221 -14.98 -0.66 -28.04
CA GLY A 221 -14.39 0.51 -28.67
C GLY A 221 -13.60 0.19 -29.91
N ASN A 222 -13.99 -0.88 -30.59
CA ASN A 222 -13.24 -1.32 -31.73
C ASN A 222 -13.96 -1.25 -33.07
N GLY A 223 -15.08 -0.52 -33.15
CA GLY A 223 -15.87 -0.49 -34.38
C GLY A 223 -16.79 -1.68 -34.57
N PHE A 224 -16.22 -2.82 -34.94
CA PHE A 224 -17.02 -4.01 -35.13
C PHE A 224 -18.26 -3.81 -36.02
N LYS A 225 -18.03 -3.18 -37.17
CA LYS A 225 -18.99 -3.24 -38.28
C LYS A 225 -19.48 -4.69 -38.41
N GLU A 226 -20.76 -4.86 -38.70
CA GLU A 226 -21.37 -6.19 -38.72
C GLU A 226 -20.53 -7.24 -39.50
N SER A 227 -20.00 -6.84 -40.66
CA SER A 227 -19.31 -7.74 -41.53
C SER A 227 -18.00 -8.12 -40.90
N MET A 228 -17.45 -7.20 -40.12
CA MET A 228 -16.20 -7.45 -39.44
C MET A 228 -16.43 -8.37 -38.23
N ALA A 229 -17.50 -8.09 -37.50
CA ALA A 229 -17.86 -8.90 -36.38
C ALA A 229 -18.08 -10.34 -36.81
N LYS A 230 -18.84 -10.53 -37.85
CA LYS A 230 -19.12 -11.86 -38.35
C LYS A 230 -17.83 -12.61 -38.69
N ARG A 231 -16.88 -11.93 -39.34
CA ARG A 231 -15.63 -12.58 -39.72
C ARG A 231 -14.80 -12.88 -38.47
N PHE A 232 -14.80 -11.94 -37.55
CA PHE A 232 -13.97 -12.08 -36.37
C PHE A 232 -14.48 -13.26 -35.49
N PHE A 233 -15.79 -13.31 -35.24
CA PHE A 233 -16.35 -14.35 -34.45
C PHE A 233 -16.33 -15.70 -35.14
N ASP A 234 -16.36 -15.74 -36.47
CA ASP A 234 -16.10 -16.98 -37.17
C ASP A 234 -14.66 -17.42 -36.89
N ALA A 235 -13.72 -16.46 -36.91
CA ALA A 235 -12.29 -16.81 -36.74
C ALA A 235 -12.04 -17.42 -35.36
N ILE A 236 -12.64 -16.84 -34.32
CA ILE A 236 -12.44 -17.35 -32.96
C ILE A 236 -13.46 -18.40 -32.48
N ALA A 237 -14.18 -19.04 -33.39
CA ALA A 237 -15.22 -20.00 -33.01
C ALA A 237 -14.63 -21.08 -32.08
N GLY A 238 -15.35 -21.47 -31.03
CA GLY A 238 -14.84 -22.48 -30.05
C GLY A 238 -14.17 -21.89 -28.80
N THR A 239 -13.73 -20.64 -28.86
CA THR A 239 -13.05 -19.99 -27.75
C THR A 239 -14.01 -19.86 -26.57
N LYS A 240 -13.64 -20.38 -25.40
CA LYS A 240 -14.57 -20.34 -24.26
C LYS A 240 -14.43 -18.96 -23.66
N ILE A 241 -15.54 -18.24 -23.62
CA ILE A 241 -15.55 -16.88 -23.12
C ILE A 241 -16.75 -16.78 -22.21
N GLN A 242 -16.54 -16.36 -20.97
CA GLN A 242 -17.69 -16.20 -20.07
C GLN A 242 -18.34 -14.84 -20.16
N SER A 243 -17.55 -13.80 -20.30
CA SER A 243 -18.09 -12.45 -20.34
C SER A 243 -17.48 -11.69 -21.53
N LEU A 244 -18.32 -11.32 -22.51
CA LEU A 244 -17.88 -10.64 -23.70
C LEU A 244 -18.34 -9.17 -23.65
N ILE A 245 -17.39 -8.25 -23.69
CA ILE A 245 -17.71 -6.85 -23.70
C ILE A 245 -17.42 -6.29 -25.08
N LEU A 246 -18.48 -5.85 -25.75
CA LEU A 246 -18.43 -5.23 -27.08
C LEU A 246 -19.08 -3.84 -27.01
N SER A 247 -19.06 -3.18 -25.86
CA SER A 247 -19.64 -1.84 -25.77
C SER A 247 -18.88 -0.87 -26.69
N ASN A 248 -19.54 0.19 -27.11
CA ASN A 248 -18.95 1.20 -28.02
C ASN A 248 -18.43 0.53 -29.29
N SER A 249 -19.20 -0.42 -29.83
CA SER A 249 -18.89 -0.97 -31.14
C SER A 249 -19.55 -0.02 -32.16
N TYR A 250 -18.82 1.02 -32.51
CA TYR A 250 -19.42 2.24 -33.10
C TYR A 250 -19.81 2.08 -34.56
N ASN A 251 -19.40 0.97 -35.16
CA ASN A 251 -19.77 0.62 -36.51
C ASN A 251 -20.84 -0.43 -36.59
N MET A 252 -21.22 -1.02 -35.45
CA MET A 252 -22.05 -2.22 -35.47
C MET A 252 -23.49 -1.93 -35.87
N GLY A 253 -24.03 -0.82 -35.38
CA GLY A 253 -25.46 -0.53 -35.58
C GLY A 253 -25.68 0.27 -36.82
N SER A 254 -26.90 0.15 -37.36
CA SER A 254 -27.31 0.94 -38.54
C SER A 254 -27.53 2.41 -38.23
N SER A 255 -27.94 2.66 -37.00
CA SER A 255 -28.28 4.00 -36.51
CA SER A 255 -28.30 3.97 -36.46
C SER A 255 -29.72 4.34 -36.88
N PHE A 256 -30.35 5.17 -36.09
CA PHE A 256 -31.73 5.58 -36.35
C PHE A 256 -31.72 6.55 -37.56
N GLY A 257 -32.49 6.23 -38.59
CA GLY A 257 -32.57 7.05 -39.77
C GLY A 257 -31.52 6.87 -40.83
N HIS A 258 -30.77 5.77 -40.82
CA HIS A 258 -29.75 5.54 -41.87
C HIS A 258 -29.62 4.08 -42.11
N THR A 259 -29.24 3.71 -43.33
CA THR A 259 -29.18 2.31 -43.72
C THR A 259 -27.90 2.04 -44.47
N ASN A 260 -26.86 2.85 -44.22
CA ASN A 260 -25.58 2.59 -44.80
C ASN A 260 -24.94 1.32 -44.24
N PHE A 261 -25.08 1.12 -42.95
CA PHE A 261 -24.58 -0.05 -42.26
C PHE A 261 -25.77 -0.95 -41.84
N LYS A 262 -25.45 -2.23 -41.67
CA LYS A 262 -26.39 -3.25 -41.25
C LYS A 262 -26.32 -3.44 -39.77
N ASP A 263 -27.47 -3.63 -39.16
CA ASP A 263 -27.55 -4.05 -37.77
C ASP A 263 -27.18 -5.54 -37.76
N PRO A 264 -26.71 -6.02 -36.62
CA PRO A 264 -26.46 -7.44 -36.55
C PRO A 264 -27.72 -8.28 -36.79
N ASP A 265 -27.51 -9.46 -37.36
CA ASP A 265 -28.56 -10.39 -37.53
C ASP A 265 -28.14 -11.79 -37.06
N ASN A 266 -29.02 -12.74 -37.35
CA ASN A 266 -28.85 -14.10 -36.88
C ASN A 266 -27.50 -14.70 -37.26
N PHE A 267 -26.87 -14.25 -38.33
CA PHE A 267 -25.63 -14.88 -38.78
C PHE A 267 -24.41 -14.20 -38.21
N THR A 268 -24.58 -13.01 -37.66
CA THR A 268 -23.45 -12.23 -37.17
C THR A 268 -22.64 -12.87 -36.05
N PHE A 269 -23.36 -13.44 -35.07
CA PHE A 269 -22.75 -14.00 -33.88
C PHE A 269 -22.72 -15.53 -33.88
N LYS A 270 -22.93 -16.17 -35.01
CA LYS A 270 -22.95 -17.64 -35.06
C LYS A 270 -21.66 -18.30 -34.53
N GLY A 271 -20.52 -17.72 -34.87
CA GLY A 271 -19.24 -18.22 -34.36
C GLY A 271 -19.13 -18.37 -32.83
N LEU A 272 -19.94 -17.62 -32.09
CA LEU A 272 -19.92 -17.67 -30.63
C LEU A 272 -20.76 -18.83 -30.02
N GLU A 273 -21.33 -19.64 -30.88
CA GLU A 273 -22.26 -20.71 -30.46
C GLU A 273 -21.61 -21.70 -29.46
N ALA A 274 -20.31 -21.95 -29.60
CA ALA A 274 -19.62 -22.91 -28.71
C ALA A 274 -18.84 -22.22 -27.59
N SER A 275 -19.06 -20.93 -27.34
CA SER A 275 -18.21 -20.19 -26.41
C SER A 275 -18.70 -20.19 -24.96
N GLY A 276 -19.95 -20.55 -24.75
CA GLY A 276 -20.50 -20.60 -23.43
C GLY A 276 -20.72 -19.22 -22.80
N VAL A 277 -20.94 -18.21 -23.61
CA VAL A 277 -20.99 -16.87 -23.11
C VAL A 277 -22.16 -16.69 -22.09
N LYS A 278 -21.84 -16.18 -20.90
CA LYS A 278 -22.86 -15.99 -19.87
C LYS A 278 -23.32 -14.54 -19.76
N THR A 279 -22.44 -13.61 -20.06
CA THR A 279 -22.85 -12.24 -20.13
C THR A 279 -22.27 -11.55 -21.37
N CYS A 280 -23.06 -10.63 -21.93
CA CYS A 280 -22.70 -9.88 -23.15
C CYS A 280 -23.16 -8.43 -23.00
N ASP A 281 -22.22 -7.54 -23.32
CA ASP A 281 -22.44 -6.12 -23.33
C ASP A 281 -22.27 -5.56 -24.76
N LEU A 282 -23.38 -5.17 -25.37
CA LEU A 282 -23.45 -4.56 -26.69
C LEU A 282 -23.99 -3.14 -26.57
N SER A 283 -23.73 -2.50 -25.43
CA SER A 283 -24.20 -1.14 -25.24
C SER A 283 -23.44 -0.18 -26.17
N LYS A 284 -24.04 1.01 -26.36
CA LYS A 284 -23.44 2.15 -27.02
C LYS A 284 -22.93 1.81 -28.39
N SER A 285 -23.71 1.08 -29.19
CA SER A 285 -23.21 0.60 -30.48
C SER A 285 -24.12 1.02 -31.69
N LYS A 286 -24.92 2.06 -31.49
CA LYS A 286 -25.75 2.59 -32.58
C LYS A 286 -26.76 1.60 -33.20
N ILE A 287 -27.12 0.54 -32.49
CA ILE A 287 -28.05 -0.44 -33.01
C ILE A 287 -29.46 0.15 -33.07
N PHE A 288 -30.14 -0.09 -34.19
CA PHE A 288 -31.48 0.46 -34.41
C PHE A 288 -32.57 -0.62 -34.36
N ALA A 289 -32.29 -1.76 -34.95
CA ALA A 289 -33.25 -2.85 -35.00
C ALA A 289 -32.66 -4.10 -34.37
N LEU A 290 -33.44 -4.78 -33.53
CA LEU A 290 -33.10 -6.12 -33.07
C LEU A 290 -33.74 -7.11 -33.99
N LEU A 291 -32.94 -7.78 -34.82
CA LEU A 291 -33.48 -8.62 -35.88
C LEU A 291 -33.78 -10.03 -35.40
N LYS A 292 -34.60 -10.73 -36.16
CA LYS A 292 -35.00 -12.10 -35.87
C LYS A 292 -33.82 -13.01 -35.53
N SER A 293 -33.85 -13.65 -34.34
CA SER A 293 -32.87 -14.62 -33.88
C SER A 293 -31.46 -14.10 -33.79
N VAL A 294 -31.31 -12.81 -33.60
CA VAL A 294 -29.99 -12.20 -33.60
C VAL A 294 -29.10 -12.74 -32.47
N PHE A 295 -29.74 -13.13 -31.35
CA PHE A 295 -29.00 -13.57 -30.19
C PHE A 295 -29.08 -15.09 -30.01
N SER A 296 -29.63 -15.81 -30.97
CA SER A 296 -29.90 -17.23 -30.77
C SER A 296 -28.70 -18.15 -30.72
N HIS A 297 -27.50 -17.65 -31.02
CA HIS A 297 -26.28 -18.44 -30.90
C HIS A 297 -25.65 -18.33 -29.54
N PHE A 298 -26.09 -17.35 -28.77
CA PHE A 298 -25.69 -17.26 -27.38
C PHE A 298 -26.55 -18.18 -26.49
N THR A 299 -26.38 -19.49 -26.64
CA THR A 299 -27.24 -20.46 -25.98
C THR A 299 -27.13 -20.50 -24.43
N ASP A 300 -26.05 -19.97 -23.86
CA ASP A 300 -25.91 -19.96 -22.42
C ASP A 300 -26.14 -18.58 -21.76
N LEU A 301 -26.56 -17.59 -22.56
CA LEU A 301 -26.59 -16.20 -22.10
C LEU A 301 -27.50 -15.95 -20.86
N GLU A 302 -26.91 -15.32 -19.85
CA GLU A 302 -27.67 -14.98 -18.65
C GLU A 302 -27.92 -13.51 -18.47
N GLN A 303 -26.99 -12.68 -18.93
CA GLN A 303 -27.17 -11.25 -18.92
C GLN A 303 -26.79 -10.61 -20.24
N LEU A 304 -27.63 -9.65 -20.64
CA LEU A 304 -27.50 -8.95 -21.89
C LEU A 304 -27.85 -7.50 -21.64
N THR A 305 -26.90 -6.62 -21.93
CA THR A 305 -27.15 -5.21 -22.02
C THR A 305 -27.04 -4.67 -23.47
N LEU A 306 -28.10 -3.94 -23.85
CA LEU A 306 -28.20 -3.21 -25.07
C LEU A 306 -28.50 -1.75 -24.81
N ALA A 307 -28.12 -1.31 -23.61
CA ALA A 307 -28.30 0.05 -23.19
C ALA A 307 -27.56 1.04 -24.12
N GLN A 308 -28.16 2.22 -24.24
CA GLN A 308 -27.55 3.32 -24.96
C GLN A 308 -27.27 3.03 -26.41
N ASN A 309 -28.19 2.32 -27.05
CA ASN A 309 -28.15 2.17 -28.49
C ASN A 309 -29.18 3.13 -29.06
N GLU A 310 -29.66 2.88 -30.27
CA GLU A 310 -30.66 3.74 -30.91
C GLU A 310 -31.86 2.87 -31.24
N ILE A 311 -32.17 1.93 -30.35
CA ILE A 311 -33.11 0.87 -30.67
C ILE A 311 -34.51 1.43 -30.71
N ASN A 312 -35.15 1.27 -31.87
CA ASN A 312 -36.55 1.67 -32.09
C ASN A 312 -37.45 0.54 -32.64
N LYS A 313 -36.84 -0.58 -33.01
CA LYS A 313 -37.54 -1.65 -33.66
C LYS A 313 -37.02 -2.98 -33.08
N ILE A 314 -37.95 -3.79 -32.57
CA ILE A 314 -37.63 -5.13 -32.10
C ILE A 314 -38.53 -6.09 -32.90
N ASP A 315 -37.91 -6.93 -33.71
CA ASP A 315 -38.65 -7.84 -34.56
C ASP A 315 -39.21 -8.97 -33.73
N ASP A 316 -40.27 -9.57 -34.23
CA ASP A 316 -40.78 -10.76 -33.60
C ASP A 316 -39.60 -11.77 -33.61
N ASN A 317 -39.45 -12.46 -32.50
CA ASN A 317 -38.44 -13.52 -32.33
C ASN A 317 -37.03 -12.97 -32.27
N ALA A 318 -36.90 -11.69 -31.98
CA ALA A 318 -35.59 -11.09 -31.72
C ALA A 318 -34.81 -11.84 -30.60
N PHE A 319 -35.52 -12.38 -29.60
CA PHE A 319 -34.87 -12.94 -28.45
C PHE A 319 -34.96 -14.44 -28.45
N TRP A 320 -35.36 -14.98 -29.60
CA TRP A 320 -35.49 -16.42 -29.75
CA TRP A 320 -35.49 -16.41 -29.74
C TRP A 320 -34.19 -17.11 -29.35
N GLY A 321 -34.33 -18.18 -28.56
CA GLY A 321 -33.19 -18.97 -28.12
C GLY A 321 -32.51 -18.52 -26.83
N LEU A 322 -33.00 -17.46 -26.20
CA LEU A 322 -32.43 -16.96 -24.94
C LEU A 322 -33.14 -17.56 -23.74
N THR A 323 -33.14 -18.89 -23.64
CA THR A 323 -33.98 -19.60 -22.68
C THR A 323 -33.40 -19.59 -21.27
N HIS A 324 -32.16 -19.11 -21.13
CA HIS A 324 -31.49 -18.93 -19.84
C HIS A 324 -31.35 -17.46 -19.41
N LEU A 325 -31.86 -16.52 -20.19
CA LEU A 325 -31.58 -15.12 -19.90
C LEU A 325 -32.30 -14.67 -18.63
N LEU A 326 -31.54 -14.00 -17.74
CA LEU A 326 -32.05 -13.51 -16.48
C LEU A 326 -32.25 -12.01 -16.44
N LYS A 327 -31.43 -11.29 -17.21
CA LYS A 327 -31.36 -9.85 -17.13
C LYS A 327 -31.16 -9.30 -18.55
N LEU A 328 -32.02 -8.33 -18.88
CA LEU A 328 -32.09 -7.69 -20.15
C LEU A 328 -32.16 -6.20 -19.89
N ASN A 329 -31.09 -5.50 -20.25
CA ASN A 329 -31.06 -4.05 -20.18
C ASN A 329 -31.28 -3.37 -21.55
N LEU A 330 -32.44 -2.72 -21.68
CA LEU A 330 -32.72 -1.88 -22.87
C LEU A 330 -32.82 -0.39 -22.54
N SER A 331 -32.28 0.01 -21.41
CA SER A 331 -32.32 1.41 -20.98
C SER A 331 -31.66 2.35 -21.98
N GLN A 332 -32.15 3.59 -22.06
CA GLN A 332 -31.58 4.64 -22.91
C GLN A 332 -31.53 4.24 -24.38
N ASN A 333 -32.70 3.92 -24.93
CA ASN A 333 -32.88 3.64 -26.33
C ASN A 333 -34.02 4.52 -26.86
N PHE A 334 -34.57 4.22 -28.03
CA PHE A 334 -35.54 5.07 -28.73
C PHE A 334 -36.85 4.33 -28.90
N LEU A 335 -37.16 3.42 -27.99
CA LEU A 335 -38.43 2.68 -28.12
C LEU A 335 -39.63 3.57 -27.90
N GLY A 336 -40.61 3.46 -28.77
CA GLY A 336 -41.80 4.31 -28.71
C GLY A 336 -42.99 3.57 -28.18
N SER A 337 -42.87 2.25 -28.13
CA SER A 337 -43.92 1.42 -27.57
C SER A 337 -43.45 -0.01 -27.33
N ILE A 338 -44.27 -0.73 -26.57
CA ILE A 338 -44.01 -2.09 -26.24
C ILE A 338 -45.27 -2.83 -26.53
N ASP A 339 -45.14 -4.02 -27.11
CA ASP A 339 -46.26 -4.97 -27.28
C ASP A 339 -45.84 -6.38 -26.83
N SER A 340 -46.82 -7.28 -26.75
CA SER A 340 -46.61 -8.63 -26.20
C SER A 340 -45.66 -9.52 -26.99
N ARG A 341 -45.50 -9.27 -28.27
CA ARG A 341 -44.60 -10.12 -29.05
C ARG A 341 -43.13 -9.76 -28.83
N MET A 342 -42.87 -8.53 -28.44
CA MET A 342 -41.50 -8.04 -28.29
C MET A 342 -40.69 -8.92 -27.39
N PHE A 343 -41.28 -9.38 -26.29
CA PHE A 343 -40.57 -10.12 -25.26
C PHE A 343 -40.98 -11.58 -25.14
N GLU A 344 -41.31 -12.20 -26.27
CA GLU A 344 -41.47 -13.66 -26.28
C GLU A 344 -40.08 -14.26 -26.24
N ASN A 345 -39.99 -15.54 -25.87
CA ASN A 345 -38.73 -16.30 -25.82
C ASN A 345 -37.78 -15.83 -24.72
N LEU A 346 -38.35 -15.38 -23.61
CA LEU A 346 -37.62 -14.87 -22.46
C LEU A 346 -38.28 -15.37 -21.16
N ASP A 347 -38.71 -16.63 -21.16
CA ASP A 347 -39.43 -17.18 -19.99
C ASP A 347 -38.73 -17.07 -18.62
N LYS A 348 -37.41 -17.19 -18.56
CA LYS A 348 -36.65 -17.07 -17.30
C LYS A 348 -36.28 -15.64 -16.88
N LEU A 349 -36.74 -14.64 -17.61
CA LEU A 349 -36.30 -13.28 -17.36
C LEU A 349 -36.68 -12.81 -15.96
N GLU A 350 -35.68 -12.26 -15.24
CA GLU A 350 -35.83 -11.67 -13.90
C GLU A 350 -35.73 -10.11 -13.81
N VAL A 351 -34.96 -9.51 -14.73
CA VAL A 351 -34.67 -8.10 -14.67
C VAL A 351 -34.85 -7.56 -16.09
N LEU A 352 -35.74 -6.57 -16.22
CA LEU A 352 -36.03 -5.92 -17.49
C LEU A 352 -35.94 -4.42 -17.26
N ASP A 353 -34.92 -3.80 -17.83
CA ASP A 353 -34.77 -2.37 -17.75
C ASP A 353 -35.21 -1.69 -19.06
N LEU A 354 -36.32 -0.96 -19.01
CA LEU A 354 -36.85 -0.20 -20.16
C LEU A 354 -36.89 1.30 -19.86
N SER A 355 -36.13 1.71 -18.86
CA SER A 355 -36.08 3.10 -18.45
C SER A 355 -35.42 3.97 -19.55
N TYR A 356 -35.70 5.26 -19.52
CA TYR A 356 -35.09 6.25 -20.44
C TYR A 356 -35.30 5.85 -21.90
N ASN A 357 -36.52 5.47 -22.22
CA ASN A 357 -36.89 5.35 -23.61
C ASN A 357 -37.91 6.45 -23.94
N HIS A 358 -38.71 6.26 -24.97
CA HIS A 358 -39.74 7.24 -25.35
C HIS A 358 -41.06 6.50 -25.43
N ILE A 359 -41.22 5.51 -24.55
CA ILE A 359 -42.37 4.62 -24.65
C ILE A 359 -43.66 5.37 -24.32
N ARG A 360 -44.63 5.37 -25.24
CA ARG A 360 -45.88 6.01 -24.90
C ARG A 360 -47.05 5.06 -24.75
N ALA A 361 -46.85 3.79 -24.99
CA ALA A 361 -47.95 2.86 -24.80
C ALA A 361 -47.41 1.45 -24.55
N LEU A 362 -48.08 0.72 -23.68
CA LEU A 362 -47.78 -0.71 -23.47
C LEU A 362 -48.96 -1.49 -24.03
N GLY A 363 -48.66 -2.42 -24.94
CA GLY A 363 -49.64 -3.32 -25.48
C GLY A 363 -50.28 -4.17 -24.40
N ASP A 364 -51.48 -4.66 -24.70
CA ASP A 364 -52.33 -5.29 -23.71
C ASP A 364 -51.66 -6.37 -22.88
N GLN A 365 -51.01 -7.34 -23.49
CA GLN A 365 -50.42 -8.37 -22.60
C GLN A 365 -48.89 -8.35 -22.63
N SER A 366 -48.32 -7.15 -22.51
CA SER A 366 -46.90 -6.97 -22.84
C SER A 366 -46.00 -7.91 -22.10
N PHE A 367 -46.33 -8.20 -20.84
CA PHE A 367 -45.43 -8.92 -19.95
C PHE A 367 -45.92 -10.38 -19.65
N LEU A 368 -46.94 -10.83 -20.39
CA LEU A 368 -47.54 -12.15 -20.16
C LEU A 368 -46.52 -13.28 -20.19
N GLY A 369 -45.48 -13.15 -21.01
CA GLY A 369 -44.48 -14.22 -21.13
C GLY A 369 -43.28 -14.08 -20.19
N LEU A 370 -43.52 -13.47 -19.02
CA LEU A 370 -42.46 -13.12 -18.08
C LEU A 370 -42.89 -13.29 -16.63
N PRO A 371 -43.22 -14.53 -16.25
CA PRO A 371 -43.72 -14.81 -14.91
C PRO A 371 -42.68 -14.75 -13.81
N ASN A 372 -41.39 -14.84 -14.15
CA ASN A 372 -40.32 -14.83 -13.15
C ASN A 372 -39.71 -13.47 -12.92
N LEU A 373 -40.27 -12.45 -13.53
CA LEU A 373 -39.71 -11.12 -13.46
C LEU A 373 -39.73 -10.60 -12.01
N LYS A 374 -38.58 -10.19 -11.50
CA LYS A 374 -38.42 -9.56 -10.19
C LYS A 374 -38.32 -8.02 -10.25
N GLU A 375 -37.72 -7.49 -11.33
CA GLU A 375 -37.44 -6.06 -11.46
C GLU A 375 -37.82 -5.54 -12.85
N LEU A 376 -38.59 -4.45 -12.87
CA LEU A 376 -39.17 -3.91 -14.09
C LEU A 376 -39.03 -2.42 -13.99
N ALA A 377 -38.15 -1.86 -14.83
CA ALA A 377 -37.97 -0.41 -14.88
C ALA A 377 -38.63 0.17 -16.13
N LEU A 378 -39.62 1.04 -15.90
CA LEU A 378 -40.30 1.84 -16.94
C LEU A 378 -40.21 3.33 -16.65
N ASP A 379 -39.33 3.73 -15.73
CA ASP A 379 -39.23 5.17 -15.42
C ASP A 379 -38.66 5.92 -16.63
N THR A 380 -38.94 7.22 -16.67
CA THR A 380 -38.47 8.19 -17.65
C THR A 380 -38.79 7.77 -19.09
N ASN A 381 -40.09 7.61 -19.32
CA ASN A 381 -40.64 7.32 -20.63
C ASN A 381 -41.75 8.36 -20.84
N GLN A 382 -42.77 8.03 -21.62
CA GLN A 382 -43.85 8.97 -21.89
C GLN A 382 -45.16 8.28 -21.68
N LEU A 383 -45.24 7.45 -20.65
CA LEU A 383 -46.49 6.71 -20.39
C LEU A 383 -47.53 7.62 -19.75
N LYS A 384 -48.74 7.61 -20.33
CA LYS A 384 -49.87 8.31 -19.75
C LYS A 384 -50.84 7.37 -19.06
N SER A 385 -50.75 6.10 -19.41
CA SER A 385 -51.62 5.13 -18.88
C SER A 385 -51.05 3.77 -19.22
N VAL A 386 -51.60 2.75 -18.58
CA VAL A 386 -51.34 1.37 -18.90
C VAL A 386 -52.70 0.65 -19.06
N PRO A 387 -52.74 -0.47 -19.77
CA PRO A 387 -53.97 -1.24 -19.86
C PRO A 387 -54.31 -1.90 -18.52
N ASP A 388 -55.59 -2.05 -18.23
CA ASP A 388 -56.04 -2.67 -17.01
C ASP A 388 -55.47 -4.08 -16.90
N GLY A 389 -54.93 -4.41 -15.74
CA GLY A 389 -54.43 -5.76 -15.41
C GLY A 389 -53.02 -6.07 -15.88
N ILE A 390 -52.33 -5.08 -16.42
CA ILE A 390 -51.06 -5.31 -17.11
C ILE A 390 -50.03 -5.99 -16.19
N PHE A 391 -50.03 -5.66 -14.92
CA PHE A 391 -49.05 -6.19 -13.99
C PHE A 391 -49.56 -7.41 -13.20
N ASP A 392 -50.79 -7.85 -13.43
CA ASP A 392 -51.41 -8.83 -12.52
C ASP A 392 -50.76 -10.22 -12.43
N ARG A 393 -50.18 -10.70 -13.51
CA ARG A 393 -49.52 -11.99 -13.50
C ARG A 393 -48.06 -11.91 -13.08
N LEU A 394 -47.53 -10.72 -12.81
CA LEU A 394 -46.12 -10.59 -12.39
C LEU A 394 -45.95 -10.95 -10.94
N THR A 395 -46.11 -12.24 -10.63
CA THR A 395 -46.24 -12.69 -9.27
C THR A 395 -44.91 -12.73 -8.51
N SER A 396 -43.79 -12.52 -9.20
CA SER A 396 -42.50 -12.48 -8.54
C SER A 396 -41.94 -11.09 -8.45
N LEU A 397 -42.72 -10.11 -8.86
CA LEU A 397 -42.22 -8.77 -8.93
C LEU A 397 -41.85 -8.30 -7.52
N GLN A 398 -40.63 -7.76 -7.41
CA GLN A 398 -40.15 -7.21 -6.15
C GLN A 398 -39.97 -5.69 -6.25
N LYS A 399 -39.50 -5.21 -7.41
CA LYS A 399 -39.36 -3.78 -7.66
C LYS A 399 -39.87 -3.35 -9.04
N ILE A 400 -40.44 -2.15 -9.06
CA ILE A 400 -41.03 -1.55 -10.25
C ILE A 400 -40.76 -0.07 -10.15
N TRP A 401 -40.27 0.49 -11.26
CA TRP A 401 -40.06 1.91 -11.41
C TRP A 401 -41.07 2.43 -12.43
N LEU A 402 -41.91 3.39 -12.02
CA LEU A 402 -42.91 4.03 -12.87
C LEU A 402 -42.83 5.56 -12.89
N HIS A 403 -41.83 6.10 -12.21
CA HIS A 403 -41.73 7.56 -12.06
C HIS A 403 -41.18 8.27 -13.29
N THR A 404 -41.37 9.59 -13.30
CA THR A 404 -40.94 10.44 -14.38
C THR A 404 -41.68 10.05 -15.67
N ASN A 405 -42.98 9.81 -15.53
CA ASN A 405 -43.90 9.59 -16.64
C ASN A 405 -45.11 10.53 -16.48
N PRO A 406 -45.65 10.98 -17.61
CA PRO A 406 -46.76 11.92 -17.54
C PRO A 406 -48.10 11.24 -17.29
N TRP A 407 -48.28 10.61 -16.14
CA TRP A 407 -49.49 9.85 -15.89
C TRP A 407 -50.74 10.72 -15.98
N ASP A 408 -51.71 10.28 -16.78
CA ASP A 408 -53.04 10.87 -16.84
C ASP A 408 -53.91 10.35 -15.72
N CYS A 409 -54.17 11.18 -14.71
CA CYS A 409 -54.90 10.71 -13.55
C CYS A 409 -56.41 11.00 -13.59
N SER A 410 -56.99 11.06 -14.80
CA SER A 410 -58.45 11.10 -14.97
C SER A 410 -59.06 9.84 -14.48
N CYS A 411 -60.25 9.94 -13.95
CA CYS A 411 -60.99 8.75 -13.56
C CYS A 411 -62.05 8.50 -14.62
N PRO A 412 -62.24 7.22 -15.00
CA PRO A 412 -61.69 6.02 -14.38
C PRO A 412 -60.40 5.48 -15.00
N ARG A 413 -59.80 6.23 -15.94
CA ARG A 413 -58.62 5.74 -16.63
C ARG A 413 -57.58 5.26 -15.61
N ILE A 414 -57.31 6.07 -14.61
CA ILE A 414 -56.23 5.79 -13.66
C ILE A 414 -56.60 4.78 -12.56
N ASP A 415 -57.82 4.29 -12.59
CA ASP A 415 -58.31 3.42 -11.53
C ASP A 415 -57.44 2.19 -11.20
N TYR A 416 -57.14 1.38 -12.23
CA TYR A 416 -56.33 0.19 -12.01
C TYR A 416 -54.96 0.55 -11.43
N LEU A 417 -54.26 1.47 -12.07
CA LEU A 417 -52.87 1.74 -11.70
C LEU A 417 -52.75 2.37 -10.32
N SER A 418 -53.63 3.31 -10.03
CA SER A 418 -53.64 3.91 -8.70
C SER A 418 -53.91 2.82 -7.66
N ARG A 419 -54.93 1.99 -7.88
CA ARG A 419 -55.24 0.94 -6.88
C ARG A 419 -54.08 -0.06 -6.79
N TRP A 420 -53.44 -0.36 -7.91
CA TRP A 420 -52.36 -1.34 -7.91
C TRP A 420 -51.15 -0.80 -7.17
N LEU A 421 -50.83 0.48 -7.37
CA LEU A 421 -49.64 1.06 -6.76
C LEU A 421 -49.83 1.30 -5.29
N ASN A 422 -51.07 1.43 -4.87
CA ASN A 422 -51.37 1.55 -3.47
C ASN A 422 -51.26 0.18 -2.77
N LYS A 423 -51.95 -0.81 -3.31
CA LYS A 423 -51.83 -2.22 -2.89
C LYS A 423 -50.37 -2.72 -2.91
N ASN A 424 -49.53 -2.25 -3.82
CA ASN A 424 -48.17 -2.77 -3.96
C ASN A 424 -47.14 -1.69 -3.71
N SER A 425 -47.42 -0.80 -2.77
CA SER A 425 -46.54 0.34 -2.48
C SER A 425 -45.13 -0.05 -2.02
N GLN A 426 -44.98 -1.24 -1.45
CA GLN A 426 -43.66 -1.72 -1.08
C GLN A 426 -42.79 -2.10 -2.29
N LYS A 427 -43.38 -2.23 -3.48
CA LYS A 427 -42.60 -2.55 -4.67
C LYS A 427 -42.11 -1.31 -5.44
N GLU A 428 -42.88 -0.23 -5.34
CA GLU A 428 -42.60 0.95 -6.16
C GLU A 428 -41.32 1.59 -5.67
N GLN A 429 -40.42 1.87 -6.61
CA GLN A 429 -39.17 2.61 -6.38
C GLN A 429 -39.33 4.02 -6.92
N GLY A 430 -39.11 5.03 -6.07
CA GLY A 430 -39.44 6.40 -6.36
C GLY A 430 -40.95 6.54 -6.42
N SER A 431 -41.46 7.62 -7.01
CA SER A 431 -42.87 7.93 -6.88
C SER A 431 -43.47 8.46 -8.21
N ALA A 432 -44.33 7.64 -8.82
CA ALA A 432 -45.14 8.04 -9.97
C ALA A 432 -46.09 9.19 -9.62
N LYS A 433 -46.04 10.27 -10.39
CA LYS A 433 -46.88 11.47 -10.17
C LYS A 433 -47.83 11.78 -11.35
N CYS A 434 -48.98 12.33 -11.01
CA CYS A 434 -49.99 12.78 -11.96
C CYS A 434 -49.52 14.04 -12.71
N SER A 435 -49.72 14.04 -14.03
CA SER A 435 -49.50 15.24 -14.84
C SER A 435 -50.48 16.28 -14.34
N GLY A 436 -50.03 17.53 -14.32
CA GLY A 436 -50.88 18.62 -13.91
C GLY A 436 -50.81 18.86 -12.42
N SER A 437 -51.51 18.02 -11.64
CA SER A 437 -51.58 18.17 -10.17
C SER A 437 -50.27 17.85 -9.47
N GLY A 438 -49.47 16.95 -10.02
CA GLY A 438 -48.23 16.55 -9.36
C GLY A 438 -48.40 15.69 -8.10
N LYS A 439 -49.62 15.25 -7.78
CA LYS A 439 -49.81 14.30 -6.67
C LYS A 439 -49.39 12.87 -7.02
N PRO A 440 -48.98 12.11 -6.01
CA PRO A 440 -48.60 10.73 -6.29
C PRO A 440 -49.77 9.96 -6.90
N VAL A 441 -49.49 9.14 -7.92
CA VAL A 441 -50.53 8.31 -8.53
C VAL A 441 -51.19 7.38 -7.50
N ARG A 442 -50.41 6.84 -6.57
CA ARG A 442 -50.94 5.93 -5.54
C ARG A 442 -52.05 6.52 -4.66
N SER A 443 -52.16 7.85 -4.63
CA SER A 443 -53.10 8.52 -3.73
C SER A 443 -54.46 8.82 -4.36
N ILE A 444 -54.60 8.61 -5.67
CA ILE A 444 -55.83 8.89 -6.39
C ILE A 444 -56.86 7.79 -6.11
N ILE A 445 -58.05 8.18 -5.65
CA ILE A 445 -59.13 7.20 -5.44
C ILE A 445 -60.30 7.48 -6.37
N CYS A 446 -60.47 6.65 -7.38
CA CYS A 446 -61.55 6.82 -8.36
C CYS A 446 -62.87 6.24 -7.80
N PRO A 447 -63.99 6.99 -7.92
CA PRO A 447 -65.26 6.61 -7.27
C PRO A 447 -66.11 5.63 -8.12
N GLY B 7 -3.40 23.98 11.52
CA GLY B 7 -3.63 24.80 10.28
C GLY B 7 -3.03 24.16 9.05
N GLN B 8 -1.93 23.44 9.24
CA GLN B 8 -1.28 22.69 8.16
C GLN B 8 -2.17 21.56 7.63
N ILE B 9 -2.94 20.93 8.53
CA ILE B 9 -3.92 19.91 8.15
C ILE B 9 -5.02 20.45 7.21
N ARG B 10 -5.56 21.64 7.51
CA ARG B 10 -6.54 22.28 6.60
C ARG B 10 -5.96 22.46 5.16
N GLY B 11 -4.68 22.82 5.08
CA GLY B 11 -4.02 23.11 3.81
C GLY B 11 -3.89 21.85 2.94
N LEU B 12 -3.48 20.75 3.57
CA LEU B 12 -3.44 19.42 2.92
C LEU B 12 -4.86 18.98 2.48
N GLU B 13 -5.84 19.13 3.38
CA GLU B 13 -7.26 18.83 3.06
C GLU B 13 -7.72 19.59 1.83
N MET B 14 -7.38 20.88 1.77
CA MET B 14 -7.74 21.73 0.64
C MET B 14 -7.07 21.35 -0.68
N ALA B 15 -5.75 21.11 -0.65
CA ALA B 15 -5.00 20.70 -1.83
C ALA B 15 -5.54 19.40 -2.41
N SER B 16 -6.00 18.54 -1.51
CA SER B 16 -6.53 17.22 -1.85
C SER B 16 -7.86 17.31 -2.58
N LYS B 17 -8.82 18.03 -1.96
CA LYS B 17 -10.14 18.33 -2.58
C LYS B 17 -10.01 18.98 -3.93
N ASN B 18 -9.14 19.99 -4.04
CA ASN B 18 -8.86 20.61 -5.36
C ASN B 18 -8.27 19.61 -6.38
N SER B 19 -7.42 18.69 -5.90
CA SER B 19 -6.87 17.62 -6.77
C SER B 19 -7.99 16.67 -7.26
N GLN B 20 -8.88 16.23 -6.37
CA GLN B 20 -10.02 15.36 -6.74
C GLN B 20 -10.91 16.02 -7.77
N ASP B 21 -11.11 17.32 -7.61
CA ASP B 21 -11.90 18.07 -8.53
C ASP B 21 -11.31 18.20 -9.92
N GLY B 22 -9.99 18.44 -9.97
CA GLY B 22 -9.27 18.30 -11.21
C GLY B 22 -9.50 16.93 -11.85
N ILE B 23 -9.51 15.86 -11.04
CA ILE B 23 -9.73 14.54 -11.60
C ILE B 23 -11.15 14.44 -12.22
N SER B 24 -12.17 14.91 -11.51
CA SER B 24 -13.55 14.79 -11.99
C SER B 24 -13.71 15.58 -13.29
N LEU B 25 -13.12 16.77 -13.33
CA LEU B 25 -13.11 17.57 -14.56
C LEU B 25 -12.49 16.84 -15.72
N ILE B 26 -11.31 16.29 -15.50
CA ILE B 26 -10.60 15.53 -16.51
C ILE B 26 -11.44 14.32 -16.96
N GLN B 27 -12.07 13.62 -16.01
CA GLN B 27 -12.89 12.47 -16.38
C GLN B 27 -14.05 12.88 -17.27
N THR B 28 -14.71 13.99 -16.98
CA THR B 28 -15.80 14.47 -17.81
C THR B 28 -15.29 14.71 -19.22
N ALA B 29 -14.11 15.30 -19.33
CA ALA B 29 -13.53 15.61 -20.65
C ALA B 29 -13.13 14.33 -21.35
N GLU B 30 -12.54 13.40 -20.61
CA GLU B 30 -12.15 12.13 -21.21
C GLU B 30 -13.38 11.42 -21.75
N GLY B 31 -14.47 11.42 -20.98
CA GLY B 31 -15.72 10.76 -21.44
C GLY B 31 -16.24 11.30 -22.76
N ALA B 32 -16.30 12.62 -22.85
CA ALA B 32 -16.72 13.30 -24.07
C ALA B 32 -15.78 13.05 -25.26
N LEU B 33 -14.47 13.09 -25.01
CA LEU B 33 -13.49 12.81 -26.04
C LEU B 33 -13.62 11.40 -26.59
N THR B 34 -13.96 10.42 -25.74
CA THR B 34 -14.11 9.07 -26.26
C THR B 34 -15.37 9.00 -27.19
N GLU B 35 -16.37 9.84 -26.92
CA GLU B 35 -17.53 9.95 -27.82
C GLU B 35 -17.14 10.56 -29.16
N THR B 36 -16.34 11.62 -29.12
CA THR B 36 -15.84 12.24 -30.31
C THR B 36 -15.05 11.27 -31.11
N HIS B 37 -14.16 10.56 -30.45
CA HIS B 37 -13.32 9.56 -31.12
C HIS B 37 -14.16 8.53 -31.87
N ALA B 38 -15.19 8.02 -31.22
CA ALA B 38 -16.09 7.02 -31.78
C ALA B 38 -16.88 7.52 -33.00
N ILE B 39 -17.39 8.74 -32.91
CA ILE B 39 -18.00 9.39 -34.04
C ILE B 39 -16.99 9.53 -35.22
N LEU B 40 -15.78 10.01 -34.93
CA LEU B 40 -14.78 10.13 -35.99
C LEU B 40 -14.42 8.80 -36.68
N GLN B 41 -14.35 7.72 -35.91
CA GLN B 41 -14.05 6.42 -36.49
C GLN B 41 -15.24 5.91 -37.31
N ARG B 42 -16.46 6.23 -36.90
CA ARG B 42 -17.60 5.84 -37.71
C ARG B 42 -17.59 6.63 -39.01
N MET B 43 -17.29 7.92 -38.94
CA MET B 43 -17.08 8.74 -40.13
C MET B 43 -16.01 8.18 -41.07
N ARG B 44 -14.93 7.68 -40.49
CA ARG B 44 -13.86 7.10 -41.25
C ARG B 44 -14.38 5.92 -42.00
N GLU B 45 -15.14 5.09 -41.30
CA GLU B 45 -15.62 3.86 -41.89
C GLU B 45 -16.63 4.16 -43.00
N LEU B 46 -17.42 5.19 -42.80
CA LEU B 46 -18.36 5.58 -43.83
C LEU B 46 -17.58 6.08 -45.02
N THR B 47 -16.48 6.76 -44.78
CA THR B 47 -15.72 7.32 -45.88
C THR B 47 -15.07 6.20 -46.70
N VAL B 48 -14.54 5.23 -45.99
CA VAL B 48 -13.95 4.02 -46.66
C VAL B 48 -14.99 3.34 -47.54
N GLN B 49 -16.19 3.17 -47.00
CA GLN B 49 -17.28 2.48 -47.70
C GLN B 49 -17.65 3.30 -48.95
N ALA B 50 -17.64 4.62 -48.83
CA ALA B 50 -17.90 5.46 -49.94
C ALA B 50 -16.82 5.26 -51.03
N GLY B 51 -15.56 5.19 -50.64
CA GLY B 51 -14.46 4.99 -51.59
C GLY B 51 -14.55 3.66 -52.31
N ASN B 52 -15.15 2.68 -51.66
CA ASN B 52 -15.31 1.36 -52.26
C ASN B 52 -16.62 1.22 -53.01
N THR B 53 -17.33 2.32 -53.24
CA THR B 53 -18.62 2.27 -53.89
C THR B 53 -18.39 2.29 -55.40
N GLY B 54 -18.95 1.28 -56.07
CA GLY B 54 -18.76 1.11 -57.49
C GLY B 54 -19.38 2.25 -58.29
N THR B 55 -19.14 2.20 -59.60
CA THR B 55 -19.59 3.24 -60.51
C THR B 55 -21.11 3.15 -60.70
N GLN B 56 -21.63 1.93 -60.81
CA GLN B 56 -23.08 1.66 -60.87
C GLN B 56 -23.81 1.82 -59.53
N GLN B 57 -23.04 1.98 -58.44
CA GLN B 57 -23.62 2.09 -57.11
C GLN B 57 -23.52 3.52 -56.55
N ALA B 58 -23.34 4.51 -57.42
CA ALA B 58 -23.10 5.90 -57.01
C ALA B 58 -24.27 6.56 -56.25
N GLU B 59 -25.48 6.02 -56.38
CA GLU B 59 -26.65 6.48 -55.61
C GLU B 59 -26.52 6.33 -54.09
N ASP B 60 -25.73 5.34 -53.66
CA ASP B 60 -25.44 5.13 -52.28
C ASP B 60 -24.70 6.33 -51.65
N LEU B 61 -24.01 7.16 -52.45
CA LEU B 61 -23.11 8.14 -51.85
C LEU B 61 -23.87 9.23 -51.11
N GLY B 62 -25.04 9.59 -51.61
CA GLY B 62 -25.84 10.59 -50.96
C GLY B 62 -26.31 10.14 -49.58
N ALA B 63 -26.67 8.88 -49.41
CA ALA B 63 -27.11 8.34 -48.10
C ALA B 63 -25.94 8.38 -47.11
N ILE B 64 -24.73 8.13 -47.62
CA ILE B 64 -23.53 8.20 -46.79
C ILE B 64 -23.27 9.64 -46.32
N LYS B 65 -23.27 10.58 -47.25
CA LYS B 65 -23.10 12.00 -46.91
C LYS B 65 -24.14 12.44 -45.88
N ASP B 66 -25.38 12.00 -46.03
CA ASP B 66 -26.44 12.34 -45.05
C ASP B 66 -26.05 11.93 -43.64
N GLU B 67 -25.58 10.68 -43.48
CA GLU B 67 -25.20 10.18 -42.19
C GLU B 67 -24.01 10.93 -41.62
N MET B 68 -22.97 11.16 -42.43
CA MET B 68 -21.77 11.88 -42.00
C MET B 68 -22.10 13.28 -41.59
N ASP B 69 -23.02 13.93 -42.30
CA ASP B 69 -23.41 15.27 -41.93
C ASP B 69 -24.01 15.30 -40.56
N ALA B 70 -24.92 14.37 -40.24
CA ALA B 70 -25.49 14.21 -38.88
C ALA B 70 -24.41 13.91 -37.82
N LEU B 71 -23.42 13.12 -38.20
CA LEU B 71 -22.32 12.80 -37.27
C LEU B 71 -21.45 14.03 -37.02
N ILE B 72 -21.16 14.83 -38.07
CA ILE B 72 -20.45 16.09 -37.88
C ILE B 72 -21.24 16.99 -36.89
N GLU B 73 -22.56 17.02 -37.02
CA GLU B 73 -23.41 17.78 -36.09
CA GLU B 73 -23.29 17.86 -36.08
C GLU B 73 -23.23 17.27 -34.66
N GLU B 74 -23.14 15.94 -34.50
CA GLU B 74 -22.96 15.36 -33.16
C GLU B 74 -21.60 15.78 -32.54
N ILE B 75 -20.56 15.79 -33.35
CA ILE B 75 -19.27 16.28 -32.88
C ILE B 75 -19.41 17.68 -32.31
N ASP B 76 -20.12 18.53 -33.05
CA ASP B 76 -20.32 19.89 -32.61
C ASP B 76 -21.19 20.02 -31.38
N GLY B 77 -22.14 19.11 -31.22
CA GLY B 77 -22.99 19.07 -30.05
C GLY B 77 -22.16 18.75 -28.83
N ILE B 78 -21.29 17.75 -28.98
CA ILE B 78 -20.38 17.40 -27.89
C ILE B 78 -19.43 18.56 -27.50
N SER B 79 -18.78 19.14 -28.51
CA SER B 79 -17.94 20.29 -28.33
C SER B 79 -18.62 21.44 -27.56
N ASN B 80 -19.91 21.63 -27.79
CA ASN B 80 -20.62 22.79 -27.27
C ASN B 80 -21.24 22.54 -25.92
N ARG B 81 -21.65 21.31 -25.63
CA ARG B 81 -22.35 21.09 -24.37
C ARG B 81 -21.45 20.63 -23.20
N THR B 82 -20.32 19.98 -23.50
CA THR B 82 -19.54 19.33 -22.49
C THR B 82 -19.05 20.32 -21.43
N GLU B 83 -19.47 20.13 -20.20
CA GLU B 83 -19.17 21.09 -19.16
C GLU B 83 -18.92 20.45 -17.81
N PHE B 84 -18.07 21.09 -17.01
CA PHE B 84 -17.89 20.74 -15.63
C PHE B 84 -17.87 21.97 -14.76
N ASN B 85 -18.64 21.97 -13.69
CA ASN B 85 -18.65 23.08 -12.77
C ASN B 85 -19.04 24.35 -13.51
N GLY B 86 -19.95 24.22 -14.49
CA GLY B 86 -20.48 25.34 -15.27
C GLY B 86 -19.55 25.90 -16.31
N LYS B 87 -18.45 25.22 -16.59
CA LYS B 87 -17.46 25.71 -17.54
C LYS B 87 -17.36 24.78 -18.69
N LYS B 88 -17.32 25.33 -19.90
CA LYS B 88 -17.22 24.53 -21.12
C LYS B 88 -15.79 24.02 -21.22
N LEU B 89 -15.67 22.74 -21.50
CA LEU B 89 -14.38 22.04 -21.51
C LEU B 89 -13.79 21.88 -22.91
N LEU B 90 -14.65 21.79 -23.92
CA LEU B 90 -14.21 21.36 -25.26
C LEU B 90 -14.55 22.31 -26.42
N ASP B 91 -15.02 23.53 -26.13
CA ASP B 91 -15.30 24.47 -27.20
C ASP B 91 -14.20 25.48 -27.42
N GLY B 92 -13.05 25.26 -26.80
CA GLY B 92 -11.94 26.20 -26.93
C GLY B 92 -12.02 27.51 -26.15
N THR B 93 -13.17 27.82 -25.56
CA THR B 93 -13.36 29.15 -24.93
C THR B 93 -12.53 29.37 -23.67
N ASN B 94 -12.05 28.29 -23.07
CA ASN B 94 -11.17 28.35 -21.92
C ASN B 94 -9.73 27.96 -22.28
N SER B 95 -9.44 27.83 -23.58
CA SER B 95 -8.19 27.18 -23.98
CA SER B 95 -8.21 27.21 -24.08
C SER B 95 -6.92 28.04 -23.97
N THR B 96 -7.02 29.34 -23.70
CA THR B 96 -5.77 30.10 -23.62
C THR B 96 -5.34 30.28 -22.18
N ASP B 97 -6.26 30.70 -21.30
CA ASP B 97 -6.00 30.63 -19.85
C ASP B 97 -5.88 29.17 -19.32
N GLY B 98 -6.84 28.31 -19.66
CA GLY B 98 -6.87 26.92 -19.20
C GLY B 98 -7.53 26.81 -17.83
N PHE B 99 -7.53 25.61 -17.25
CA PHE B 99 -8.09 25.44 -15.90
C PHE B 99 -6.93 25.28 -14.90
N THR B 100 -6.96 26.08 -13.84
CA THR B 100 -5.89 26.10 -12.85
C THR B 100 -6.39 25.53 -11.54
N PHE B 101 -5.64 24.55 -11.01
CA PHE B 101 -5.96 23.91 -9.72
C PHE B 101 -4.90 24.18 -8.69
N GLN B 102 -5.36 24.59 -7.50
CA GLN B 102 -4.49 24.84 -6.35
C GLN B 102 -4.28 23.55 -5.60
N ILE B 103 -3.19 22.86 -5.90
CA ILE B 103 -2.98 21.50 -5.39
C ILE B 103 -1.83 21.38 -4.40
N GLY B 104 -1.11 22.48 -4.19
CA GLY B 104 0.05 22.49 -3.32
C GLY B 104 -0.34 22.98 -1.95
N ALA B 105 0.33 22.44 -0.93
CA ALA B 105 0.11 22.83 0.46
C ALA B 105 0.56 24.28 0.74
N ASN B 106 1.19 24.92 -0.25
CA ASN B 106 1.51 26.35 -0.22
C ASN B 106 1.26 27.00 -1.59
N ALA B 107 0.99 28.30 -1.58
CA ALA B 107 0.76 29.04 -2.84
C ALA B 107 1.99 28.97 -3.77
N GLY B 108 1.74 28.93 -5.09
CA GLY B 108 2.81 28.76 -6.08
C GLY B 108 2.79 27.37 -6.67
N GLN B 109 2.63 26.36 -5.81
CA GLN B 109 2.48 24.96 -6.27
C GLN B 109 1.11 24.75 -6.95
N GLN B 110 1.13 24.65 -8.27
CA GLN B 110 -0.07 24.88 -9.07
C GLN B 110 -0.07 24.12 -10.36
N LEU B 111 -1.26 23.84 -10.89
CA LEU B 111 -1.41 23.00 -12.06
C LEU B 111 -2.41 23.60 -13.02
N ASN B 112 -1.97 23.78 -14.26
CA ASN B 112 -2.77 24.39 -15.31
C ASN B 112 -2.96 23.41 -16.44
N VAL B 113 -4.21 23.22 -16.83
CA VAL B 113 -4.59 22.27 -17.86
C VAL B 113 -5.26 23.02 -19.00
N LYS B 114 -4.71 22.89 -20.19
CA LYS B 114 -5.28 23.45 -21.39
C LYS B 114 -5.90 22.35 -22.20
N ILE B 115 -7.12 22.59 -22.67
CA ILE B 115 -7.84 21.66 -23.51
C ILE B 115 -8.21 22.40 -24.77
N ASP B 116 -7.79 21.88 -25.92
CA ASP B 116 -8.12 22.55 -27.18
C ASP B 116 -9.56 22.25 -27.60
N SER B 117 -10.06 23.10 -28.48
CA SER B 117 -11.40 22.93 -29.03
C SER B 117 -11.48 21.63 -29.82
N MET B 118 -12.58 20.91 -29.66
CA MET B 118 -12.87 19.70 -30.40
C MET B 118 -14.13 19.84 -31.26
N SER B 119 -14.42 21.05 -31.73
CA SER B 119 -15.47 21.24 -32.71
C SER B 119 -15.06 20.63 -34.05
N SER B 120 -16.04 20.41 -34.93
CA SER B 120 -15.76 19.87 -36.26
C SER B 120 -14.90 20.86 -37.08
N THR B 121 -15.09 22.16 -36.86
CA THR B 121 -14.26 23.14 -37.52
C THR B 121 -12.84 23.09 -37.01
N ALA B 122 -12.66 23.08 -35.70
CA ALA B 122 -11.30 23.06 -35.15
C ALA B 122 -10.63 21.75 -35.52
N LEU B 123 -11.36 20.65 -35.63
CA LEU B 123 -10.76 19.37 -35.97
C LEU B 123 -10.55 19.23 -37.49
N GLY B 124 -11.19 20.11 -38.26
CA GLY B 124 -11.05 20.16 -39.74
C GLY B 124 -11.83 19.07 -40.49
N VAL B 125 -12.97 18.63 -39.93
CA VAL B 125 -13.78 17.57 -40.54
C VAL B 125 -15.16 18.07 -40.98
N ASN B 126 -15.31 19.41 -40.90
CA ASN B 126 -16.48 20.19 -41.33
CA ASN B 126 -16.54 20.08 -41.30
C ASN B 126 -16.82 20.08 -42.85
N ALA B 127 -15.77 20.06 -43.66
CA ALA B 127 -15.84 20.13 -45.12
C ALA B 127 -15.94 18.78 -45.81
N LEU B 128 -15.94 17.69 -45.07
CA LEU B 128 -16.03 16.35 -45.68
C LEU B 128 -17.25 16.21 -46.56
N ASP B 129 -17.05 15.54 -47.71
CA ASP B 129 -18.13 15.40 -48.71
C ASP B 129 -17.81 14.26 -49.67
N VAL B 130 -18.45 13.14 -49.37
CA VAL B 130 -18.23 11.85 -49.99
C VAL B 130 -18.90 11.80 -51.43
N THR B 131 -19.75 12.76 -51.76
CA THR B 131 -20.29 12.85 -53.11
C THR B 131 -19.33 13.65 -54.01
N ASP B 132 -18.21 14.09 -53.48
CA ASP B 132 -17.36 15.03 -54.20
C ASP B 132 -15.88 14.62 -54.14
N PHE B 133 -15.60 13.32 -54.24
CA PHE B 133 -14.19 12.88 -54.29
C PHE B 133 -13.49 13.47 -55.55
N ALA B 134 -14.30 13.91 -56.51
CA ALA B 134 -13.81 14.53 -57.72
C ALA B 134 -13.17 15.90 -57.45
N ALA B 135 -13.55 16.55 -56.36
CA ALA B 135 -13.03 17.88 -56.03
C ALA B 135 -12.08 17.86 -54.83
N THR B 136 -12.40 17.06 -53.82
CA THR B 136 -11.54 16.91 -52.66
CA THR B 136 -11.50 16.91 -52.69
C THR B 136 -11.20 15.41 -52.53
N ALA B 137 -9.97 15.05 -52.86
CA ALA B 137 -9.57 13.64 -52.99
C ALA B 137 -9.92 12.77 -51.79
N PHE B 138 -10.38 11.57 -52.08
CA PHE B 138 -10.59 10.59 -51.02
C PHE B 138 -9.42 10.58 -50.01
N ASP B 139 -8.19 10.54 -50.52
CA ASP B 139 -7.04 10.45 -49.61
C ASP B 139 -6.99 11.67 -48.70
N ASP B 140 -7.35 12.84 -49.21
CA ASP B 140 -7.30 14.07 -48.41
C ASP B 140 -8.40 14.09 -47.37
N GLN B 141 -9.59 13.62 -47.75
CA GLN B 141 -10.69 13.50 -46.82
C GLN B 141 -10.39 12.47 -45.69
N LEU B 142 -9.90 11.29 -46.09
CA LEU B 142 -9.48 10.32 -45.12
C LEU B 142 -8.40 10.87 -44.19
N LYS B 143 -7.43 11.59 -44.76
CA LYS B 143 -6.35 12.17 -43.98
C LYS B 143 -6.91 13.19 -42.95
N SER B 144 -7.89 13.99 -43.37
CA SER B 144 -8.49 14.94 -42.45
C SER B 144 -9.05 14.18 -41.25
N ILE B 145 -9.75 13.09 -41.53
CA ILE B 145 -10.38 12.32 -40.50
C ILE B 145 -9.31 11.67 -39.57
N ASP B 146 -8.25 11.11 -40.15
CA ASP B 146 -7.13 10.51 -39.40
C ASP B 146 -6.38 11.57 -38.53
N THR B 147 -6.23 12.78 -39.04
CA THR B 147 -5.58 13.85 -38.30
C THR B 147 -6.47 14.23 -37.13
N ALA B 148 -7.76 14.30 -37.35
CA ALA B 148 -8.72 14.58 -36.28
C ALA B 148 -8.70 13.49 -35.23
N ILE B 149 -8.57 12.24 -35.64
CA ILE B 149 -8.55 11.10 -34.70
C ILE B 149 -7.27 11.23 -33.82
N ASN B 150 -6.15 11.60 -34.45
CA ASN B 150 -4.88 11.71 -33.78
C ASN B 150 -4.94 12.85 -32.82
N THR B 151 -5.56 13.95 -33.22
CA THR B 151 -5.71 15.11 -32.36
C THR B 151 -6.52 14.79 -31.08
N VAL B 152 -7.66 14.13 -31.23
CA VAL B 152 -8.49 13.78 -30.11
C VAL B 152 -7.75 12.82 -29.16
N SER B 153 -7.10 11.83 -29.76
CA SER B 153 -6.42 10.81 -29.04
C SER B 153 -5.20 11.36 -28.24
N THR B 154 -4.50 12.32 -28.85
CA THR B 154 -3.41 12.99 -28.20
C THR B 154 -3.95 13.86 -27.05
N GLN B 155 -5.04 14.57 -27.27
CA GLN B 155 -5.61 15.36 -26.18
C GLN B 155 -6.03 14.44 -25.00
N ARG B 156 -6.61 13.28 -25.31
CA ARG B 156 -7.02 12.33 -24.25
C ARG B 156 -5.79 11.80 -23.46
N ALA B 157 -4.74 11.48 -24.18
CA ALA B 157 -3.50 10.93 -23.60
C ALA B 157 -2.90 11.99 -22.68
N LYS B 158 -2.93 13.24 -23.12
CA LYS B 158 -2.40 14.33 -22.34
C LYS B 158 -3.13 14.51 -21.02
N LEU B 159 -4.44 14.32 -21.07
CA LEU B 159 -5.29 14.42 -19.90
C LEU B 159 -5.09 13.23 -18.98
N GLY B 160 -4.72 12.11 -19.54
CA GLY B 160 -4.43 10.91 -18.75
C GLY B 160 -3.20 11.14 -17.92
N ALA B 161 -2.20 11.83 -18.48
CA ALA B 161 -0.95 12.14 -17.77
C ALA B 161 -1.22 13.09 -16.62
N VAL B 162 -2.06 14.10 -16.84
CA VAL B 162 -2.41 15.05 -15.80
C VAL B 162 -3.22 14.40 -14.68
N GLN B 163 -4.22 13.58 -15.05
CA GLN B 163 -4.95 12.78 -14.07
C GLN B 163 -4.02 11.92 -13.18
N ASN B 164 -3.02 11.29 -13.79
CA ASN B 164 -2.07 10.44 -13.05
C ASN B 164 -1.28 11.30 -12.05
N ARG B 165 -0.94 12.51 -12.46
CA ARG B 165 -0.21 13.46 -11.65
C ARG B 165 -1.04 13.86 -10.43
N LEU B 166 -2.32 14.05 -10.68
CA LEU B 166 -3.25 14.41 -9.64
C LEU B 166 -3.54 13.26 -8.68
N GLU B 167 -3.51 12.03 -9.17
CA GLU B 167 -3.65 10.87 -8.28
C GLU B 167 -2.43 10.79 -7.33
N HIS B 168 -1.25 11.00 -7.86
CA HIS B 168 -0.05 10.96 -7.05
C HIS B 168 -0.05 12.11 -6.04
N THR B 169 -0.54 13.28 -6.43
CA THR B 169 -0.56 14.42 -5.50
CA THR B 169 -0.58 14.43 -5.54
C THR B 169 -1.50 14.14 -4.33
N ILE B 170 -2.65 13.55 -4.60
CA ILE B 170 -3.56 13.11 -3.54
C ILE B 170 -2.90 12.12 -2.61
N ASN B 171 -2.24 11.08 -3.13
CA ASN B 171 -1.49 10.16 -2.22
C ASN B 171 -0.41 10.87 -1.40
N ASN B 172 0.22 11.88 -1.98
CA ASN B 172 1.29 12.60 -1.34
C ASN B 172 0.78 13.41 -0.17
N LEU B 173 -0.34 14.06 -0.35
CA LEU B 173 -0.92 14.94 0.64
C LEU B 173 -1.44 14.07 1.80
N GLY B 174 -1.97 12.90 1.46
CA GLY B 174 -2.48 11.96 2.48
C GLY B 174 -1.38 11.49 3.37
N ALA B 175 -0.23 11.15 2.79
CA ALA B 175 1.00 10.97 3.56
C ALA B 175 1.54 12.32 3.99
N GLU C 7 -24.86 -5.98 21.39
CA GLU C 7 -24.29 -4.68 21.82
C GLU C 7 -23.18 -4.16 20.88
N CYS C 8 -22.81 -4.89 19.81
CA CYS C 8 -21.62 -4.48 19.03
C CYS C 8 -21.94 -3.24 18.22
N SER C 9 -20.92 -2.47 17.89
CA SER C 9 -21.02 -1.35 16.96
C SER C 9 -20.57 -1.82 15.57
N VAL C 10 -21.52 -1.96 14.64
CA VAL C 10 -21.25 -2.41 13.28
C VAL C 10 -21.34 -1.23 12.28
N ILE C 11 -20.22 -0.92 11.64
CA ILE C 11 -20.15 0.13 10.63
C ILE C 11 -19.56 -0.50 9.37
N GLY C 12 -20.42 -0.71 8.38
CA GLY C 12 -19.97 -1.27 7.12
C GLY C 12 -19.45 -2.69 7.30
N TYR C 13 -18.20 -2.90 6.94
CA TYR C 13 -17.60 -4.24 7.02
C TYR C 13 -16.99 -4.57 8.40
N ASN C 14 -17.05 -3.60 9.32
CA ASN C 14 -16.38 -3.67 10.60
C ASN C 14 -17.33 -3.88 11.76
N ALA C 15 -17.13 -4.94 12.54
CA ALA C 15 -17.86 -5.13 13.80
C ALA C 15 -16.93 -4.93 15.02
N ILE C 16 -17.14 -3.81 15.72
CA ILE C 16 -16.38 -3.50 16.90
C ILE C 16 -17.14 -3.99 18.12
N CYS C 17 -16.61 -5.05 18.74
CA CYS C 17 -17.25 -5.69 19.89
C CYS C 17 -16.41 -5.59 21.18
N ILE C 18 -15.57 -4.55 21.25
CA ILE C 18 -14.69 -4.38 22.38
C ILE C 18 -15.43 -4.10 23.69
N ASN C 19 -15.05 -4.83 24.73
CA ASN C 19 -15.50 -4.52 26.09
C ASN C 19 -17.01 -4.46 26.25
N ARG C 20 -17.67 -5.54 25.87
CA ARG C 20 -19.13 -5.63 25.86
C ARG C 20 -19.71 -6.67 26.81
N GLY C 21 -18.88 -7.21 27.68
CA GLY C 21 -19.29 -8.26 28.63
C GLY C 21 -19.73 -9.54 27.95
N LEU C 22 -19.16 -9.83 26.79
CA LEU C 22 -19.55 -11.01 26.02
C LEU C 22 -18.91 -12.25 26.58
N HIS C 23 -19.69 -13.34 26.67
CA HIS C 23 -19.13 -14.65 27.03
C HIS C 23 -19.04 -15.64 25.86
N GLN C 24 -19.50 -15.22 24.69
CA GLN C 24 -19.38 -16.00 23.46
C GLN C 24 -19.37 -15.05 22.29
N VAL C 25 -18.99 -15.54 21.12
CA VAL C 25 -19.02 -14.74 19.89
C VAL C 25 -20.48 -14.35 19.61
N PRO C 26 -20.76 -13.04 19.49
CA PRO C 26 -22.12 -12.55 19.32
C PRO C 26 -22.66 -12.80 17.90
N GLU C 27 -23.96 -12.61 17.73
CA GLU C 27 -24.56 -12.66 16.40
C GLU C 27 -24.20 -11.38 15.61
N LEU C 28 -23.71 -11.53 14.38
CA LEU C 28 -23.28 -10.39 13.55
C LEU C 28 -23.67 -10.55 12.06
N PRO C 29 -23.81 -9.43 11.31
CA PRO C 29 -24.14 -9.57 9.88
C PRO C 29 -23.11 -10.42 9.13
N ALA C 30 -23.58 -11.34 8.30
CA ALA C 30 -22.73 -12.47 7.88
C ALA C 30 -21.62 -12.16 6.89
N HIS C 31 -21.50 -10.91 6.43
CA HIS C 31 -20.44 -10.55 5.47
C HIS C 31 -19.46 -9.50 5.99
N VAL C 32 -19.53 -9.22 7.30
CA VAL C 32 -18.47 -8.45 7.98
C VAL C 32 -17.17 -9.17 7.80
N ASN C 33 -16.09 -8.42 7.59
CA ASN C 33 -14.81 -9.02 7.35
C ASN C 33 -13.72 -8.62 8.38
N TYR C 34 -14.08 -7.75 9.32
CA TYR C 34 -13.21 -7.25 10.36
C TYR C 34 -13.97 -7.31 11.68
N VAL C 35 -13.43 -8.05 12.66
CA VAL C 35 -14.11 -8.24 13.93
C VAL C 35 -13.12 -8.08 15.10
N ASP C 36 -13.45 -7.16 16.02
CA ASP C 36 -12.65 -6.94 17.22
C ASP C 36 -13.44 -7.34 18.46
N LEU C 37 -13.06 -8.47 19.06
CA LEU C 37 -13.73 -8.96 20.26
C LEU C 37 -12.84 -8.78 21.51
N SER C 38 -11.86 -7.89 21.44
CA SER C 38 -10.95 -7.71 22.57
C SER C 38 -11.65 -7.23 23.86
N LEU C 39 -11.12 -7.66 25.00
CA LEU C 39 -11.57 -7.24 26.35
C LEU C 39 -12.93 -7.80 26.73
N ASN C 40 -13.18 -9.05 26.40
CA ASN C 40 -14.43 -9.67 26.79
C ASN C 40 -14.11 -10.85 27.67
N SER C 41 -15.14 -11.62 28.03
CA SER C 41 -14.99 -12.76 28.90
C SER C 41 -15.29 -14.07 28.19
N ILE C 42 -14.76 -14.22 26.98
CA ILE C 42 -14.97 -15.47 26.26
C ILE C 42 -13.99 -16.47 26.86
N ALA C 43 -14.51 -17.56 27.42
CA ALA C 43 -13.68 -18.60 28.06
C ALA C 43 -13.16 -19.64 27.05
N GLU C 44 -13.94 -19.88 26.00
CA GLU C 44 -13.69 -20.98 25.05
C GLU C 44 -14.12 -20.57 23.64
N LEU C 45 -13.31 -20.91 22.67
CA LEU C 45 -13.70 -20.82 21.26
C LEU C 45 -13.58 -22.19 20.64
N ASN C 46 -14.56 -22.53 19.80
CA ASN C 46 -14.54 -23.77 19.03
C ASN C 46 -15.07 -23.55 17.60
N GLU C 47 -15.24 -24.62 16.85
CA GLU C 47 -15.63 -24.50 15.45
C GLU C 47 -17.02 -23.84 15.26
N THR C 48 -17.92 -23.98 16.23
CA THR C 48 -19.17 -23.24 16.16
C THR C 48 -18.99 -21.71 16.35
N SER C 49 -17.91 -21.26 16.96
CA SER C 49 -17.74 -19.82 17.21
C SER C 49 -17.73 -18.89 15.98
N PHE C 50 -17.03 -19.29 14.91
CA PHE C 50 -16.90 -18.47 13.69
C PHE C 50 -17.56 -19.09 12.46
N SER C 51 -18.50 -20.00 12.71
CA SER C 51 -19.18 -20.70 11.64
C SER C 51 -20.14 -19.81 10.84
N ARG C 52 -20.58 -18.70 11.43
CA ARG C 52 -21.42 -17.76 10.71
C ARG C 52 -20.65 -16.59 10.10
N LEU C 53 -19.34 -16.53 10.30
CA LEU C 53 -18.56 -15.36 9.85
C LEU C 53 -17.48 -15.75 8.85
N GLN C 54 -17.87 -16.56 7.87
CA GLN C 54 -16.92 -17.16 6.94
C GLN C 54 -16.03 -16.15 6.15
N ASP C 55 -16.41 -14.88 6.11
CA ASP C 55 -15.69 -13.87 5.31
C ASP C 55 -14.65 -13.08 6.09
N LEU C 56 -14.42 -13.42 7.35
CA LEU C 56 -13.44 -12.69 8.13
C LEU C 56 -12.07 -12.61 7.44
N GLN C 57 -11.52 -11.41 7.34
CA GLN C 57 -10.12 -11.20 6.92
C GLN C 57 -9.22 -10.78 8.09
N PHE C 58 -9.81 -10.07 9.06
CA PHE C 58 -9.06 -9.51 10.21
C PHE C 58 -9.87 -9.84 11.49
N LEU C 59 -9.23 -10.52 12.44
CA LEU C 59 -9.90 -10.95 13.68
C LEU C 59 -9.02 -10.74 14.91
N LYS C 60 -9.54 -9.97 15.87
CA LYS C 60 -8.90 -9.72 17.14
C LYS C 60 -9.73 -10.34 18.25
N VAL C 61 -9.09 -11.18 19.08
CA VAL C 61 -9.72 -11.62 20.32
C VAL C 61 -8.71 -11.49 21.45
N GLU C 62 -8.17 -10.28 21.57
CA GLU C 62 -7.13 -10.00 22.56
C GLU C 62 -7.70 -9.85 23.96
N GLN C 63 -6.80 -10.11 24.92
CA GLN C 63 -6.99 -9.85 26.33
C GLN C 63 -8.40 -10.15 26.82
N GLN C 64 -8.77 -11.42 26.76
CA GLN C 64 -9.98 -11.87 27.43
C GLN C 64 -9.68 -12.03 28.92
N THR C 65 -10.69 -12.42 29.70
CA THR C 65 -10.43 -12.91 31.05
C THR C 65 -9.43 -14.08 30.95
N PRO C 66 -8.48 -14.20 31.90
CA PRO C 66 -7.43 -15.22 31.73
C PRO C 66 -7.94 -16.62 31.47
N GLY C 67 -7.19 -17.40 30.72
CA GLY C 67 -7.46 -18.83 30.56
C GLY C 67 -8.26 -19.22 29.33
N LEU C 68 -8.29 -18.36 28.31
CA LEU C 68 -9.02 -18.65 27.07
C LEU C 68 -8.59 -19.98 26.44
N VAL C 69 -9.56 -20.83 26.11
CA VAL C 69 -9.28 -22.10 25.43
C VAL C 69 -9.65 -21.93 23.96
N ILE C 70 -8.77 -22.36 23.06
CA ILE C 70 -9.08 -22.38 21.64
C ILE C 70 -9.04 -23.82 21.20
N ARG C 71 -10.18 -24.34 20.77
CA ARG C 71 -10.28 -25.74 20.41
C ARG C 71 -9.88 -26.00 18.96
N ASN C 72 -9.57 -27.26 18.69
CA ASN C 72 -9.31 -27.72 17.34
C ASN C 72 -10.40 -27.22 16.36
N ASN C 73 -9.95 -26.72 15.22
CA ASN C 73 -10.82 -26.29 14.12
C ASN C 73 -11.68 -25.05 14.44
N THR C 74 -11.30 -24.29 15.44
CA THR C 74 -11.99 -23.04 15.77
C THR C 74 -12.13 -22.15 14.55
N PHE C 75 -11.05 -22.01 13.77
CA PHE C 75 -11.04 -21.13 12.58
C PHE C 75 -11.16 -21.86 11.24
N ARG C 76 -11.58 -23.13 11.30
CA ARG C 76 -11.68 -23.92 10.09
C ARG C 76 -12.78 -23.35 9.19
N GLY C 77 -12.46 -23.13 7.93
CA GLY C 77 -13.41 -22.44 7.07
C GLY C 77 -13.26 -20.92 7.03
N LEU C 78 -12.46 -20.32 7.90
CA LEU C 78 -12.14 -18.91 7.75
C LEU C 78 -10.99 -18.88 6.74
N SER C 79 -11.28 -19.24 5.50
CA SER C 79 -10.25 -19.37 4.46
C SER C 79 -9.85 -18.01 3.88
N SER C 80 -10.57 -16.94 4.24
CA SER C 80 -10.12 -15.57 3.95
C SER C 80 -9.36 -14.84 5.06
N LEU C 81 -9.10 -15.48 6.21
CA LEU C 81 -8.47 -14.78 7.34
C LEU C 81 -7.00 -14.52 7.05
N ILE C 82 -6.62 -13.26 7.10
CA ILE C 82 -5.24 -12.80 6.81
C ILE C 82 -4.48 -12.41 8.11
N ILE C 83 -5.21 -11.81 9.04
CA ILE C 83 -4.62 -11.32 10.27
C ILE C 83 -5.44 -11.82 11.45
N LEU C 84 -4.74 -12.49 12.38
CA LEU C 84 -5.32 -12.98 13.62
C LEU C 84 -4.49 -12.49 14.81
N LYS C 85 -5.12 -11.73 15.71
CA LYS C 85 -4.48 -11.22 16.93
C LYS C 85 -5.14 -11.82 18.18
N LEU C 86 -4.37 -12.55 18.97
CA LEU C 86 -4.86 -13.19 20.23
C LEU C 86 -3.96 -12.81 21.41
N ASP C 87 -3.27 -11.68 21.28
CA ASP C 87 -2.38 -11.19 22.33
C ASP C 87 -3.03 -11.00 23.69
N TYR C 88 -2.19 -11.08 24.74
CA TYR C 88 -2.55 -10.74 26.15
C TYR C 88 -3.66 -11.61 26.70
N ASN C 89 -3.74 -12.84 26.21
CA ASN C 89 -4.62 -13.83 26.78
C ASN C 89 -3.78 -14.64 27.73
N GLN C 90 -3.84 -14.23 29.00
CA GLN C 90 -3.07 -14.87 30.07
C GLN C 90 -3.50 -16.33 30.22
N PHE C 91 -2.50 -17.21 30.32
CA PHE C 91 -2.67 -18.67 30.36
C PHE C 91 -3.53 -19.20 29.21
N LEU C 92 -3.26 -18.70 28.00
CA LEU C 92 -3.93 -19.17 26.79
C LEU C 92 -3.74 -20.68 26.59
N GLN C 93 -4.85 -21.35 26.31
CA GLN C 93 -4.85 -22.80 26.18
C GLN C 93 -5.18 -23.19 24.76
N LEU C 94 -4.18 -23.60 24.02
CA LEU C 94 -4.35 -23.96 22.62
C LEU C 94 -4.37 -25.45 22.43
N GLU C 95 -5.42 -25.99 21.82
CA GLU C 95 -5.36 -27.37 21.34
C GLU C 95 -4.47 -27.40 20.08
N THR C 96 -3.90 -28.55 19.75
CA THR C 96 -2.81 -28.55 18.75
C THR C 96 -3.30 -28.25 17.31
N GLY C 97 -4.58 -28.49 17.05
CA GLY C 97 -5.22 -28.12 15.77
C GLY C 97 -6.05 -26.85 15.83
N ALA C 98 -5.74 -25.98 16.81
CA ALA C 98 -6.44 -24.70 16.98
C ALA C 98 -6.43 -23.87 15.71
N PHE C 99 -5.37 -23.98 14.92
CA PHE C 99 -5.22 -23.16 13.71
C PHE C 99 -5.49 -23.91 12.41
N ASN C 100 -6.11 -25.09 12.49
CA ASN C 100 -6.53 -25.78 11.29
C ASN C 100 -7.35 -24.87 10.35
N GLY C 101 -7.11 -24.96 9.05
CA GLY C 101 -7.86 -24.18 8.07
C GLY C 101 -7.32 -22.82 7.70
N LEU C 102 -6.22 -22.42 8.33
CA LEU C 102 -5.71 -21.05 8.16
C LEU C 102 -4.51 -21.02 7.20
N ALA C 103 -4.64 -21.74 6.09
CA ALA C 103 -3.56 -21.79 5.09
C ALA C 103 -3.20 -20.41 4.52
N ASN C 104 -4.17 -19.49 4.47
CA ASN C 104 -3.96 -18.13 3.94
C ASN C 104 -3.58 -17.08 4.97
N LEU C 105 -3.49 -17.46 6.25
CA LEU C 105 -3.15 -16.50 7.31
C LEU C 105 -1.75 -15.96 7.08
N GLU C 106 -1.59 -14.64 7.21
CA GLU C 106 -0.30 -13.97 7.00
C GLU C 106 0.38 -13.46 8.30
N VAL C 107 -0.43 -13.04 9.25
CA VAL C 107 0.02 -12.44 10.47
C VAL C 107 -0.65 -13.13 11.65
N LEU C 108 0.16 -13.60 12.60
CA LEU C 108 -0.36 -14.15 13.86
C LEU C 108 0.37 -13.50 15.02
N THR C 109 -0.41 -12.92 15.92
CA THR C 109 0.20 -12.28 17.10
C THR C 109 -0.30 -12.91 18.40
N LEU C 110 0.67 -13.28 19.23
CA LEU C 110 0.45 -14.07 20.46
C LEU C 110 1.33 -13.54 21.58
N THR C 111 1.32 -12.21 21.72
CA THR C 111 2.12 -11.55 22.74
C THR C 111 1.57 -11.81 24.10
N GLN C 112 2.49 -12.12 25.02
CA GLN C 112 2.21 -12.30 26.47
C GLN C 112 1.03 -13.23 26.77
N CYS C 113 1.13 -14.43 26.24
CA CYS C 113 0.09 -15.45 26.44
C CYS C 113 0.59 -16.65 27.22
N ASN C 114 1.68 -16.49 27.99
CA ASN C 114 2.31 -17.56 28.82
C ASN C 114 2.68 -18.81 28.05
N LEU C 115 2.98 -18.67 26.77
CA LEU C 115 3.29 -19.84 25.94
C LEU C 115 4.72 -20.28 26.15
N ASP C 116 4.98 -21.57 25.98
CA ASP C 116 6.33 -22.05 26.09
C ASP C 116 6.84 -22.53 24.74
N GLY C 117 8.06 -23.06 24.73
CA GLY C 117 8.75 -23.43 23.51
C GLY C 117 8.07 -24.47 22.67
N ALA C 118 7.22 -25.28 23.29
CA ALA C 118 6.43 -26.28 22.56
C ALA C 118 5.53 -25.66 21.48
N VAL C 119 5.22 -24.36 21.62
CA VAL C 119 4.36 -23.72 20.64
C VAL C 119 5.07 -23.61 19.28
N LEU C 120 6.40 -23.53 19.30
CA LEU C 120 7.16 -23.56 18.06
C LEU C 120 7.58 -25.00 17.62
N SER C 121 7.73 -25.91 18.58
CA SER C 121 8.26 -27.27 18.27
C SER C 121 7.13 -28.27 18.02
N GLY C 122 5.95 -27.97 18.56
CA GLY C 122 4.76 -28.76 18.31
C GLY C 122 4.11 -28.47 16.95
N ASN C 123 2.90 -28.98 16.77
CA ASN C 123 2.18 -28.87 15.50
C ASN C 123 1.23 -27.66 15.39
N PHE C 124 1.22 -26.81 16.40
CA PHE C 124 0.31 -25.66 16.46
C PHE C 124 0.33 -24.83 15.17
N PHE C 125 1.50 -24.57 14.60
CA PHE C 125 1.60 -23.69 13.44
C PHE C 125 1.72 -24.43 12.11
N LYS C 126 1.61 -25.76 12.14
CA LYS C 126 1.69 -26.56 10.91
C LYS C 126 0.73 -26.12 9.79
N PRO C 127 -0.53 -25.78 10.15
CA PRO C 127 -1.45 -25.37 9.09
C PRO C 127 -1.11 -24.03 8.45
N LEU C 128 -0.20 -23.25 9.04
CA LEU C 128 -0.05 -21.88 8.61
C LEU C 128 0.95 -21.78 7.46
N THR C 129 0.60 -22.33 6.31
CA THR C 129 1.54 -22.40 5.20
C THR C 129 1.90 -21.03 4.58
N SER C 130 0.99 -20.05 4.62
CA SER C 130 1.27 -18.73 4.07
C SER C 130 1.75 -17.72 5.12
N LEU C 131 2.06 -18.15 6.34
CA LEU C 131 2.44 -17.21 7.38
C LEU C 131 3.65 -16.38 7.01
N GLU C 132 3.56 -15.07 7.25
CA GLU C 132 4.68 -14.13 6.99
C GLU C 132 5.28 -13.56 8.28
N MET C 133 4.43 -13.35 9.28
CA MET C 133 4.80 -12.64 10.51
C MET C 133 4.23 -13.35 11.73
N LEU C 134 5.14 -13.64 12.65
CA LEU C 134 4.76 -14.29 13.91
C LEU C 134 5.29 -13.49 15.08
N VAL C 135 4.39 -12.99 15.93
CA VAL C 135 4.78 -12.19 17.10
C VAL C 135 4.52 -13.02 18.36
N LEU C 136 5.60 -13.30 19.08
CA LEU C 136 5.56 -14.17 20.27
C LEU C 136 6.26 -13.49 21.46
N ARG C 137 6.19 -12.16 21.49
CA ARG C 137 6.84 -11.38 22.56
C ARG C 137 6.36 -11.76 23.90
N ASP C 138 7.24 -11.64 24.89
CA ASP C 138 6.82 -11.66 26.31
C ASP C 138 6.12 -12.94 26.75
N ASN C 139 6.57 -14.08 26.22
CA ASN C 139 6.06 -15.39 26.63
C ASN C 139 7.07 -16.13 27.54
N ASN C 140 6.97 -17.46 27.66
CA ASN C 140 7.89 -18.26 28.48
C ASN C 140 8.65 -19.24 27.58
N ILE C 141 9.14 -18.72 26.46
CA ILE C 141 9.92 -19.51 25.50
C ILE C 141 11.41 -19.49 25.89
N LYS C 142 11.90 -20.64 26.35
CA LYS C 142 13.27 -20.77 26.86
C LYS C 142 14.28 -21.28 25.83
N LYS C 143 13.80 -22.01 24.83
CA LYS C 143 14.60 -22.40 23.69
C LYS C 143 13.76 -22.17 22.43
N ILE C 144 14.41 -21.72 21.36
CA ILE C 144 13.78 -21.49 20.04
C ILE C 144 14.00 -22.68 19.08
N GLN C 145 13.00 -23.54 18.97
CA GLN C 145 13.18 -24.81 18.26
C GLN C 145 12.03 -25.10 17.28
N PRO C 146 12.01 -24.37 16.16
CA PRO C 146 10.96 -24.51 15.20
C PRO C 146 10.91 -25.91 14.56
N ALA C 147 9.68 -26.44 14.45
CA ALA C 147 9.41 -27.73 13.84
C ALA C 147 9.70 -27.74 12.33
N SER C 148 9.80 -28.94 11.76
CA SER C 148 10.30 -29.09 10.41
C SER C 148 9.44 -28.47 9.33
N PHE C 149 8.13 -28.35 9.58
CA PHE C 149 7.25 -27.72 8.61
C PHE C 149 7.64 -26.25 8.35
N PHE C 150 8.38 -25.62 9.25
CA PHE C 150 8.83 -24.25 8.96
C PHE C 150 9.67 -24.18 7.68
N LEU C 151 10.31 -25.29 7.33
CA LEU C 151 11.09 -25.37 6.09
C LEU C 151 10.26 -25.04 4.83
N ASN C 152 8.98 -25.37 4.87
CA ASN C 152 8.08 -25.12 3.74
C ASN C 152 7.18 -23.90 3.86
N MET C 153 7.38 -23.09 4.90
CA MET C 153 6.65 -21.82 5.02
C MET C 153 7.44 -20.73 4.29
N ARG C 154 7.21 -20.66 2.99
CA ARG C 154 8.07 -19.90 2.06
C ARG C 154 7.89 -18.40 2.08
N ARG C 155 6.86 -17.92 2.77
CA ARG C 155 6.67 -16.48 2.88
C ARG C 155 6.99 -15.99 4.29
N PHE C 156 7.52 -16.88 5.13
CA PHE C 156 7.77 -16.52 6.53
C PHE C 156 9.02 -15.65 6.66
N HIS C 157 8.87 -14.40 7.11
CA HIS C 157 9.99 -13.46 7.08
C HIS C 157 10.15 -12.50 8.29
N VAL C 158 9.17 -12.51 9.19
CA VAL C 158 9.21 -11.69 10.37
C VAL C 158 8.95 -12.55 11.58
N LEU C 159 9.92 -12.54 12.51
CA LEU C 159 9.73 -13.24 13.83
C LEU C 159 10.12 -12.35 14.99
N ASP C 160 9.20 -12.16 15.92
CA ASP C 160 9.49 -11.32 17.10
C ASP C 160 9.40 -12.11 18.39
N LEU C 161 10.55 -12.34 19.03
CA LEU C 161 10.64 -13.09 20.30
C LEU C 161 11.03 -12.25 21.50
N THR C 162 10.92 -10.94 21.39
CA THR C 162 11.33 -9.99 22.43
C THR C 162 10.76 -10.36 23.80
N PHE C 163 11.62 -10.28 24.81
CA PHE C 163 11.28 -10.51 26.23
C PHE C 163 11.12 -11.95 26.63
N ASN C 164 11.30 -12.91 25.73
CA ASN C 164 11.39 -14.31 26.20
C ASN C 164 12.75 -14.56 26.83
N LYS C 165 12.75 -15.22 27.98
CA LYS C 165 14.04 -15.58 28.61
C LYS C 165 14.59 -16.84 27.97
N VAL C 166 15.35 -16.63 26.89
CA VAL C 166 15.96 -17.72 26.13
C VAL C 166 17.34 -18.04 26.72
N LYS C 167 17.56 -19.31 27.07
CA LYS C 167 18.83 -19.74 27.63
C LYS C 167 20.01 -19.59 26.67
N SER C 168 19.80 -19.97 25.42
CA SER C 168 20.87 -19.93 24.42
C SER C 168 20.24 -20.17 23.07
N ILE C 169 20.98 -19.85 22.00
CA ILE C 169 20.58 -20.27 20.64
C ILE C 169 21.77 -20.88 19.91
N CYS C 170 21.56 -22.01 19.25
CA CYS C 170 22.63 -22.63 18.48
CA CYS C 170 22.62 -22.67 18.51
C CYS C 170 22.09 -23.17 17.16
N GLU C 171 23.02 -23.64 16.31
CA GLU C 171 22.70 -24.16 15.00
C GLU C 171 21.60 -25.20 15.06
N GLU C 172 21.68 -26.12 16.01
CA GLU C 172 20.69 -27.20 16.09
C GLU C 172 19.30 -26.66 16.39
N ASP C 173 19.20 -25.63 17.23
CA ASP C 173 17.89 -25.07 17.61
C ASP C 173 17.16 -24.48 16.41
N LEU C 174 17.87 -23.71 15.62
CA LEU C 174 17.29 -22.91 14.54
C LEU C 174 17.29 -23.65 13.18
N LEU C 175 17.61 -24.94 13.18
CA LEU C 175 17.73 -25.75 11.98
C LEU C 175 16.65 -25.44 10.96
N ASN C 176 15.40 -25.48 11.41
CA ASN C 176 14.28 -25.37 10.50
C ASN C 176 13.93 -23.95 10.00
N PHE C 177 14.72 -22.97 10.43
CA PHE C 177 14.74 -21.66 9.83
C PHE C 177 15.82 -21.54 8.76
N GLN C 178 16.68 -22.54 8.60
CA GLN C 178 17.73 -22.41 7.61
C GLN C 178 17.11 -22.25 6.24
N GLY C 179 17.83 -21.49 5.39
CA GLY C 179 17.34 -21.18 4.05
C GLY C 179 16.39 -20.00 3.95
N LYS C 180 16.00 -19.40 5.07
CA LYS C 180 15.07 -18.26 5.05
C LYS C 180 15.79 -16.91 4.84
N HIS C 181 15.04 -15.96 4.32
CA HIS C 181 15.43 -14.57 4.43
C HIS C 181 14.45 -13.88 5.36
N PHE C 182 14.92 -13.48 6.53
CA PHE C 182 14.10 -12.68 7.44
C PHE C 182 14.28 -11.22 7.11
N THR C 183 13.19 -10.50 6.98
CA THR C 183 13.27 -9.04 6.94
C THR C 183 13.47 -8.51 8.36
N LEU C 184 12.83 -9.15 9.34
CA LEU C 184 12.98 -8.73 10.72
C LEU C 184 13.06 -9.94 11.60
N LEU C 185 14.21 -10.08 12.27
CA LEU C 185 14.39 -11.11 13.28
C LEU C 185 14.63 -10.43 14.61
N ARG C 186 13.59 -10.39 15.44
CA ARG C 186 13.67 -9.60 16.62
C ARG C 186 13.87 -10.53 17.79
N LEU C 187 15.14 -10.55 18.25
CA LEU C 187 15.56 -11.33 19.39
C LEU C 187 16.05 -10.40 20.47
N SER C 188 15.21 -9.42 20.80
CA SER C 188 15.57 -8.39 21.76
C SER C 188 15.21 -8.80 23.16
N SER C 189 16.09 -8.46 24.12
CA SER C 189 15.87 -8.72 25.55
C SER C 189 15.51 -10.14 25.88
N ILE C 190 16.24 -11.06 25.28
CA ILE C 190 16.02 -12.46 25.55
C ILE C 190 17.11 -12.99 26.46
N THR C 191 18.16 -12.21 26.68
CA THR C 191 19.18 -12.40 27.74
C THR C 191 20.26 -13.44 27.36
N LEU C 192 19.86 -14.64 26.95
CA LEU C 192 20.81 -15.67 26.50
C LEU C 192 21.77 -15.96 27.63
N GLN C 193 21.25 -16.23 28.82
CA GLN C 193 22.05 -16.25 30.06
CA GLN C 193 22.23 -16.15 29.87
C GLN C 193 23.08 -17.39 30.10
N ASP C 194 22.72 -18.53 29.55
CA ASP C 194 23.71 -19.61 29.52
C ASP C 194 24.91 -19.33 28.64
N MET C 195 24.86 -18.38 27.72
CA MET C 195 25.96 -18.25 26.76
C MET C 195 27.10 -17.38 27.25
N ASN C 196 27.68 -17.77 28.37
CA ASN C 196 28.73 -17.00 29.06
C ASN C 196 30.15 -17.50 28.75
N GLU C 197 31.13 -16.94 29.47
CA GLU C 197 32.55 -17.08 29.12
C GLU C 197 33.04 -18.54 29.16
N TYR C 198 32.44 -19.38 30.01
CA TYR C 198 32.93 -20.73 30.27
C TYR C 198 31.98 -21.87 29.85
N TRP C 199 30.92 -21.51 29.12
CA TRP C 199 29.89 -22.45 28.70
C TRP C 199 30.44 -23.38 27.61
N LEU C 200 30.30 -24.69 27.84
CA LEU C 200 30.74 -25.70 26.88
C LEU C 200 29.94 -25.71 25.56
N GLY C 201 28.80 -25.02 25.55
CA GLY C 201 27.95 -25.00 24.38
C GLY C 201 28.62 -24.28 23.24
N TRP C 202 29.57 -23.39 23.58
CA TRP C 202 30.26 -22.63 22.56
C TRP C 202 30.96 -23.55 21.56
N GLU C 203 31.51 -24.67 22.03
CA GLU C 203 32.32 -25.52 21.18
C GLU C 203 31.49 -26.20 20.09
N LYS C 204 30.20 -26.38 20.36
CA LYS C 204 29.27 -27.18 19.55
C LYS C 204 28.08 -26.36 19.02
N CYS C 205 28.09 -25.06 19.30
CA CYS C 205 26.96 -24.20 18.96
CA CYS C 205 26.93 -24.23 18.96
C CYS C 205 26.83 -24.02 17.45
N GLY C 206 27.97 -23.96 16.75
CA GLY C 206 27.95 -23.81 15.29
C GLY C 206 27.36 -22.44 14.95
N ASN C 207 26.69 -22.33 13.80
CA ASN C 207 26.07 -21.06 13.38
C ASN C 207 24.55 -21.08 13.47
N PRO C 208 24.00 -20.41 14.49
CA PRO C 208 22.55 -20.27 14.64
C PRO C 208 21.82 -19.85 13.36
N PHE C 209 22.49 -19.04 12.54
CA PHE C 209 21.86 -18.47 11.36
C PHE C 209 22.44 -19.05 10.08
N LYS C 210 22.84 -20.32 10.12
CA LYS C 210 23.41 -20.98 8.94
C LYS C 210 22.47 -20.88 7.74
N ASN C 211 23.02 -20.38 6.63
CA ASN C 211 22.26 -20.25 5.38
C ASN C 211 20.94 -19.45 5.54
N THR C 212 20.99 -18.44 6.38
CA THR C 212 19.86 -17.59 6.67
C THR C 212 20.40 -16.20 6.43
N SER C 213 19.55 -15.32 5.90
CA SER C 213 19.89 -13.92 5.69
C SER C 213 18.85 -13.06 6.40
N ILE C 214 19.26 -11.90 6.87
CA ILE C 214 18.43 -11.07 7.74
C ILE C 214 18.62 -9.65 7.29
N THR C 215 17.53 -8.96 7.00
CA THR C 215 17.63 -7.53 6.73
C THR C 215 17.89 -6.82 8.07
N THR C 216 16.91 -6.87 8.98
CA THR C 216 17.08 -6.30 10.32
C THR C 216 17.16 -7.37 11.41
N LEU C 217 18.34 -7.45 12.02
CA LEU C 217 18.58 -8.32 13.15
C LEU C 217 18.62 -7.49 14.42
N ASP C 218 17.59 -7.65 15.24
CA ASP C 218 17.52 -6.96 16.54
C ASP C 218 17.97 -7.85 17.67
N LEU C 219 19.19 -7.58 18.13
CA LEU C 219 19.74 -8.23 19.28
C LEU C 219 19.95 -7.25 20.43
N SER C 220 19.13 -6.20 20.49
CA SER C 220 19.20 -5.25 21.62
C SER C 220 18.83 -5.83 22.99
N GLY C 221 19.34 -5.18 24.03
CA GLY C 221 19.04 -5.53 25.44
C GLY C 221 19.45 -6.90 25.93
N ASN C 222 20.54 -7.43 25.39
CA ASN C 222 20.98 -8.78 25.65
C ASN C 222 22.32 -8.85 26.38
N GLY C 223 22.78 -7.74 26.92
CA GLY C 223 24.10 -7.77 27.60
C GLY C 223 25.25 -7.59 26.62
N PHE C 224 25.58 -8.66 25.91
CA PHE C 224 26.73 -8.66 24.99
C PHE C 224 28.01 -8.06 25.60
N LYS C 225 28.36 -8.59 26.75
CA LYS C 225 29.70 -8.43 27.28
C LYS C 225 30.65 -8.73 26.12
N GLU C 226 31.77 -8.00 26.07
CA GLU C 226 32.66 -8.04 24.92
C GLU C 226 33.08 -9.47 24.53
N SER C 227 33.36 -10.30 25.51
CA SER C 227 33.82 -11.69 25.31
C SER C 227 32.69 -12.52 24.77
N MET C 228 31.47 -12.15 25.10
CA MET C 228 30.31 -12.85 24.59
C MET C 228 30.02 -12.41 23.17
N ALA C 229 30.14 -11.11 22.95
CA ALA C 229 29.91 -10.57 21.63
C ALA C 229 30.89 -11.17 20.64
N LYS C 230 32.17 -11.22 21.00
CA LYS C 230 33.17 -11.80 20.16
C LYS C 230 32.83 -13.28 19.79
N ARG C 231 32.42 -14.08 20.78
CA ARG C 231 32.12 -15.47 20.50
C ARG C 231 30.89 -15.62 19.63
N PHE C 232 29.90 -14.78 19.88
CA PHE C 232 28.66 -14.87 19.18
C PHE C 232 28.86 -14.49 17.71
N PHE C 233 29.60 -13.41 17.47
CA PHE C 233 29.82 -12.98 16.10
C PHE C 233 30.73 -13.86 15.32
N ASP C 234 31.66 -14.51 16.00
CA ASP C 234 32.44 -15.56 15.40
C ASP C 234 31.48 -16.69 14.99
N ALA C 235 30.50 -17.01 15.85
CA ALA C 235 29.62 -18.17 15.57
C ALA C 235 28.75 -17.92 14.33
N ILE C 236 28.25 -16.69 14.18
CA ILE C 236 27.42 -16.35 13.03
C ILE C 236 28.19 -15.73 11.83
N ALA C 237 29.52 -15.87 11.80
CA ALA C 237 30.32 -15.34 10.68
C ALA C 237 29.73 -15.76 9.32
N GLY C 238 29.67 -14.82 8.37
CA GLY C 238 29.08 -15.09 7.05
C GLY C 238 27.59 -14.77 6.89
N THR C 239 26.87 -14.59 8.00
CA THR C 239 25.44 -14.26 7.94
C THR C 239 25.28 -12.87 7.33
N LYS C 240 24.46 -12.76 6.29
CA LYS C 240 24.25 -11.46 5.65
C LYS C 240 23.25 -10.69 6.48
N ILE C 241 23.65 -9.53 6.96
CA ILE C 241 22.80 -8.72 7.84
C ILE C 241 22.93 -7.31 7.38
N GLN C 242 21.84 -6.66 7.07
CA GLN C 242 21.93 -5.29 6.61
C GLN C 242 21.93 -4.28 7.77
N SER C 243 21.05 -4.51 8.73
CA SER C 243 20.90 -3.61 9.85
C SER C 243 20.97 -4.42 11.18
N LEU C 244 21.98 -4.08 11.97
CA LEU C 244 22.29 -4.78 13.21
C LEU C 244 22.03 -3.85 14.41
N ILE C 245 21.05 -4.22 15.21
CA ILE C 245 20.67 -3.45 16.38
C ILE C 245 21.21 -4.11 17.63
N LEU C 246 22.13 -3.42 18.30
CA LEU C 246 22.77 -3.85 19.52
C LEU C 246 22.62 -2.79 20.58
N SER C 247 21.58 -1.98 20.52
CA SER C 247 21.34 -0.99 21.57
C SER C 247 21.09 -1.65 22.93
N ASN C 248 21.40 -0.91 23.99
CA ASN C 248 21.24 -1.43 25.34
C ASN C 248 22.05 -2.74 25.53
N SER C 249 23.27 -2.76 25.00
CA SER C 249 24.12 -3.90 25.24
C SER C 249 24.85 -3.55 26.53
N TYR C 250 24.18 -3.83 27.64
CA TYR C 250 24.48 -3.23 28.92
C TYR C 250 25.79 -3.78 29.54
N ASN C 251 26.33 -4.88 29.03
CA ASN C 251 27.62 -5.38 29.47
C ASN C 251 28.79 -5.02 28.54
N MET C 252 28.51 -4.30 27.46
CA MET C 252 29.47 -4.20 26.38
C MET C 252 30.53 -3.19 26.75
N GLY C 253 30.14 -2.08 27.36
CA GLY C 253 31.06 -1.02 27.63
C GLY C 253 31.73 -1.15 29.02
N SER C 254 32.91 -0.55 29.14
CA SER C 254 33.65 -0.53 30.38
C SER C 254 33.03 0.41 31.39
N SER C 255 32.35 1.44 30.88
CA SER C 255 31.73 2.47 31.67
C SER C 255 32.78 3.48 32.11
N PHE C 256 32.35 4.70 32.38
CA PHE C 256 33.23 5.78 32.75
C PHE C 256 33.66 5.58 34.18
N GLY C 257 34.96 5.50 34.39
CA GLY C 257 35.50 5.28 35.71
C GLY C 257 35.64 3.85 36.20
N HIS C 258 35.59 2.87 35.33
CA HIS C 258 35.68 1.48 35.78
C HIS C 258 36.35 0.67 34.73
N THR C 259 37.04 -0.40 35.10
CA THR C 259 37.77 -1.21 34.14
C THR C 259 37.52 -2.68 34.39
N ASN C 260 36.39 -3.03 35.01
CA ASN C 260 36.06 -4.43 35.24
C ASN C 260 35.74 -5.11 33.92
N PHE C 261 34.98 -4.43 33.07
CA PHE C 261 34.68 -4.89 31.73
C PHE C 261 35.50 -4.11 30.69
N LYS C 262 35.76 -4.79 29.58
CA LYS C 262 36.46 -4.24 28.42
C LYS C 262 35.53 -3.57 27.47
N ASP C 263 35.94 -2.42 26.91
CA ASP C 263 35.22 -1.86 25.79
C ASP C 263 35.55 -2.76 24.58
N PRO C 264 34.68 -2.76 23.57
CA PRO C 264 35.02 -3.50 22.35
C PRO C 264 36.25 -2.95 21.69
N ASP C 265 36.96 -3.85 21.03
CA ASP C 265 38.13 -3.48 20.26
C ASP C 265 37.98 -4.06 18.85
N ASN C 266 39.07 -3.93 18.12
CA ASN C 266 39.18 -4.39 16.74
C ASN C 266 38.73 -5.85 16.55
N PHE C 267 38.96 -6.70 17.55
CA PHE C 267 38.76 -8.15 17.36
C PHE C 267 37.35 -8.54 17.70
N THR C 268 36.68 -7.69 18.43
CA THR C 268 35.36 -7.98 18.92
C THR C 268 34.40 -8.27 17.78
N PHE C 269 34.49 -7.47 16.72
CA PHE C 269 33.48 -7.53 15.64
C PHE C 269 34.00 -8.22 14.39
N LYS C 270 35.13 -8.86 14.49
CA LYS C 270 35.76 -9.46 13.31
C LYS C 270 34.89 -10.49 12.58
N GLY C 271 34.13 -11.26 13.33
CA GLY C 271 33.15 -12.20 12.74
C GLY C 271 32.12 -11.58 11.81
N LEU C 272 31.87 -10.28 11.93
CA LEU C 272 30.89 -9.58 11.06
C LEU C 272 31.46 -9.10 9.71
N GLU C 273 32.73 -9.40 9.45
CA GLU C 273 33.42 -8.90 8.25
C GLU C 273 32.76 -9.30 6.94
N ALA C 274 32.06 -10.43 6.93
CA ALA C 274 31.42 -10.94 5.71
C ALA C 274 29.91 -10.72 5.70
N SER C 275 29.40 -9.90 6.62
CA SER C 275 27.95 -9.75 6.79
C SER C 275 27.36 -8.61 5.98
N GLY C 276 28.20 -7.69 5.50
CA GLY C 276 27.69 -6.60 4.65
C GLY C 276 26.87 -5.59 5.43
N VAL C 277 27.16 -5.43 6.71
CA VAL C 277 26.30 -4.60 7.56
C VAL C 277 26.34 -3.14 7.08
N LYS C 278 25.17 -2.57 6.86
CA LYS C 278 25.06 -1.18 6.37
C LYS C 278 24.78 -0.25 7.54
N THR C 279 24.01 -0.70 8.51
CA THR C 279 23.78 0.11 9.67
C THR C 279 23.93 -0.68 10.99
N CYS C 280 24.52 -0.02 11.99
CA CYS C 280 24.82 -0.62 13.27
C CYS C 280 24.50 0.36 14.39
N ASP C 281 23.68 -0.10 15.31
CA ASP C 281 23.24 0.61 16.48
C ASP C 281 23.82 0.01 17.76
N LEU C 282 24.78 0.74 18.33
CA LEU C 282 25.44 0.36 19.55
C LEU C 282 25.12 1.43 20.60
N SER C 283 23.96 2.07 20.52
CA SER C 283 23.63 3.04 21.56
C SER C 283 23.37 2.38 22.91
N LYS C 284 23.40 3.21 23.96
CA LYS C 284 23.05 2.81 25.30
C LYS C 284 23.79 1.60 25.81
N SER C 285 25.10 1.54 25.63
CA SER C 285 25.86 0.34 25.95
C SER C 285 27.09 0.60 26.85
N LYS C 286 27.09 1.72 27.55
CA LYS C 286 28.11 2.07 28.53
C LYS C 286 29.54 2.13 27.98
N ILE C 287 29.67 2.34 26.69
CA ILE C 287 30.99 2.42 26.08
C ILE C 287 31.68 3.69 26.56
N PHE C 288 32.94 3.58 26.96
CA PHE C 288 33.77 4.72 27.39
C PHE C 288 34.81 5.16 26.37
N ALA C 289 35.45 4.20 25.72
CA ALA C 289 36.54 4.47 24.80
C ALA C 289 36.26 3.84 23.45
N LEU C 290 36.48 4.59 22.39
CA LEU C 290 36.43 4.08 21.05
C LEU C 290 37.86 3.79 20.72
N LEU C 291 38.19 2.50 20.65
CA LEU C 291 39.59 2.10 20.51
C LEU C 291 40.01 2.04 19.03
N LYS C 292 41.32 2.01 18.80
CA LYS C 292 41.90 1.97 17.45
C LYS C 292 41.28 0.87 16.55
N SER C 293 40.71 1.27 15.41
CA SER C 293 40.13 0.34 14.40
C SER C 293 38.98 -0.50 14.88
N VAL C 294 38.24 -0.02 15.88
CA VAL C 294 37.24 -0.88 16.52
C VAL C 294 36.19 -1.29 15.52
N PHE C 295 35.92 -0.41 14.56
CA PHE C 295 34.86 -0.61 13.60
C PHE C 295 35.31 -1.12 12.22
N SER C 296 36.60 -1.31 12.04
CA SER C 296 37.17 -1.54 10.71
C SER C 296 36.76 -2.87 10.07
N HIS C 297 36.14 -3.79 10.81
CA HIS C 297 35.59 -4.98 10.16
C HIS C 297 34.20 -4.81 9.64
N PHE C 298 33.57 -3.69 9.95
CA PHE C 298 32.36 -3.28 9.25
C PHE C 298 32.72 -2.54 7.93
N THR C 299 33.16 -3.31 6.92
CA THR C 299 33.70 -2.73 5.71
C THR C 299 32.63 -2.07 4.81
N ASP C 300 31.35 -2.33 5.04
CA ASP C 300 30.28 -1.68 4.25
C ASP C 300 29.45 -0.64 5.01
N LEU C 301 29.86 -0.33 6.24
CA LEU C 301 29.02 0.45 7.15
C LEU C 301 28.68 1.85 6.59
N GLU C 302 27.38 2.14 6.58
CA GLU C 302 26.87 3.46 6.20
C GLU C 302 26.33 4.27 7.37
N GLN C 303 25.72 3.61 8.37
CA GLN C 303 25.18 4.32 9.53
C GLN C 303 25.68 3.68 10.82
N LEU C 304 26.12 4.55 11.72
CA LEU C 304 26.59 4.12 12.99
C LEU C 304 26.09 5.08 14.04
N THR C 305 25.30 4.56 15.00
CA THR C 305 24.95 5.31 16.17
C THR C 305 25.64 4.75 17.41
N LEU C 306 26.29 5.65 18.12
CA LEU C 306 26.87 5.40 19.43
C LEU C 306 26.27 6.35 20.44
N ALA C 307 25.05 6.78 20.21
CA ALA C 307 24.39 7.71 21.10
C ALA C 307 24.16 7.09 22.47
N GLN C 308 24.18 7.94 23.52
CA GLN C 308 23.81 7.54 24.87
C GLN C 308 24.73 6.50 25.50
N ASN C 309 26.03 6.56 25.17
CA ASN C 309 27.05 5.77 25.83
C ASN C 309 27.69 6.67 26.88
N GLU C 310 28.90 6.34 27.34
CA GLU C 310 29.62 7.14 28.28
C GLU C 310 30.95 7.51 27.66
N ILE C 311 30.93 7.82 26.36
CA ILE C 311 32.16 7.98 25.57
C ILE C 311 32.87 9.26 25.93
N ASN C 312 34.07 9.10 26.46
CA ASN C 312 34.92 10.24 26.80
C ASN C 312 36.25 10.28 26.03
N LYS C 313 36.56 9.18 25.34
CA LYS C 313 37.87 8.97 24.78
C LYS C 313 37.73 8.32 23.42
N ILE C 314 38.27 8.97 22.40
CA ILE C 314 38.22 8.44 21.05
C ILE C 314 39.66 8.38 20.56
N ASP C 315 40.14 7.18 20.31
CA ASP C 315 41.52 6.99 19.89
C ASP C 315 41.73 7.51 18.53
N ASP C 316 42.98 7.91 18.25
CA ASP C 316 43.35 8.16 16.87
C ASP C 316 43.03 6.81 16.20
N ASN C 317 42.51 6.92 14.99
CA ASN C 317 42.19 5.80 14.12
C ASN C 317 41.02 4.99 14.61
N ALA C 318 40.26 5.53 15.55
CA ALA C 318 39.03 4.85 16.02
C ALA C 318 38.09 4.48 14.88
N PHE C 319 38.01 5.35 13.87
CA PHE C 319 37.08 5.19 12.75
C PHE C 319 37.78 4.78 11.47
N TRP C 320 39.02 4.31 11.60
CA TRP C 320 39.74 3.75 10.48
CA TRP C 320 39.75 3.75 10.48
C TRP C 320 38.91 2.70 9.79
N GLY C 321 38.92 2.70 8.46
CA GLY C 321 38.24 1.67 7.67
C GLY C 321 36.77 1.89 7.42
N LEU C 322 36.27 3.07 7.81
CA LEU C 322 34.87 3.44 7.58
C LEU C 322 34.72 4.41 6.38
N THR C 323 35.21 3.96 5.24
CA THR C 323 35.31 4.81 4.04
C THR C 323 33.95 5.08 3.37
N HIS C 324 32.94 4.29 3.73
CA HIS C 324 31.59 4.40 3.21
C HIS C 324 30.61 5.03 4.16
N LEU C 325 31.06 5.44 5.34
CA LEU C 325 30.13 5.92 6.34
C LEU C 325 29.45 7.23 5.96
N LEU C 326 28.13 7.29 6.13
CA LEU C 326 27.35 8.48 5.83
C LEU C 326 26.86 9.25 7.05
N LYS C 327 26.64 8.53 8.12
CA LYS C 327 26.01 9.09 9.30
C LYS C 327 26.66 8.55 10.58
N LEU C 328 27.03 9.47 11.46
CA LEU C 328 27.69 9.14 12.70
C LEU C 328 27.00 9.89 13.82
N ASN C 329 26.33 9.15 14.70
CA ASN C 329 25.72 9.73 15.86
C ASN C 329 26.54 9.46 17.13
N LEU C 330 27.09 10.53 17.71
CA LEU C 330 27.69 10.51 19.00
C LEU C 330 26.94 11.37 20.04
N SER C 331 25.70 11.68 19.80
CA SER C 331 24.89 12.44 20.77
C SER C 331 24.81 11.79 22.14
N GLN C 332 24.70 12.61 23.19
CA GLN C 332 24.49 12.17 24.58
C GLN C 332 25.61 11.28 25.08
N ASN C 333 26.83 11.79 24.98
CA ASN C 333 28.02 11.11 25.52
C ASN C 333 28.81 12.10 26.40
N PHE C 334 30.09 11.83 26.65
CA PHE C 334 30.90 12.59 27.59
C PHE C 334 32.12 13.20 26.95
N LEU C 335 32.06 13.48 25.67
CA LEU C 335 33.21 14.12 24.98
C LEU C 335 33.46 15.50 25.53
N GLY C 336 34.74 15.78 25.80
CA GLY C 336 35.16 17.09 26.27
C GLY C 336 35.81 17.97 25.23
N SER C 337 36.20 17.37 24.11
CA SER C 337 36.74 18.14 23.00
C SER C 337 36.79 17.30 21.74
N ILE C 338 37.02 18.00 20.63
CA ILE C 338 37.14 17.44 19.33
C ILE C 338 38.41 17.97 18.71
N ASP C 339 39.16 17.08 18.05
CA ASP C 339 40.29 17.47 17.20
C ASP C 339 40.18 16.86 15.81
N SER C 340 41.07 17.29 14.91
CA SER C 340 41.02 16.90 13.49
C SER C 340 41.26 15.45 13.19
N ARG C 341 41.95 14.76 14.08
CA ARG C 341 42.30 13.40 13.75
C ARG C 341 41.17 12.39 13.99
N MET C 342 40.05 12.82 14.59
CA MET C 342 38.89 11.93 14.73
C MET C 342 38.22 11.67 13.37
N PHE C 343 37.73 12.72 12.74
CA PHE C 343 36.88 12.55 11.56
C PHE C 343 37.59 12.60 10.19
N GLU C 344 38.92 12.54 10.19
CA GLU C 344 39.65 12.36 8.93
C GLU C 344 39.33 11.00 8.28
N ASN C 345 39.39 10.99 6.96
CA ASN C 345 39.07 9.80 6.17
C ASN C 345 37.56 9.42 6.16
N LEU C 346 36.68 10.30 6.64
CA LEU C 346 35.23 10.06 6.55
C LEU C 346 34.71 10.94 5.43
N ASP C 347 35.32 10.73 4.26
CA ASP C 347 35.07 11.54 3.08
C ASP C 347 33.56 11.52 2.75
N LYS C 348 32.88 10.41 3.02
CA LYS C 348 31.48 10.35 2.60
C LYS C 348 30.51 10.82 3.64
N LEU C 349 30.97 11.18 4.83
CA LEU C 349 30.05 11.50 5.91
C LEU C 349 29.11 12.64 5.56
N GLU C 350 27.82 12.43 5.80
CA GLU C 350 26.76 13.43 5.57
C GLU C 350 26.07 13.99 6.82
N VAL C 351 25.99 13.19 7.86
CA VAL C 351 25.34 13.58 9.11
C VAL C 351 26.27 13.28 10.30
N LEU C 352 26.56 14.30 11.11
CA LEU C 352 27.43 14.16 12.28
C LEU C 352 26.75 14.81 13.46
N ASP C 353 26.23 14.00 14.38
CA ASP C 353 25.58 14.50 15.58
C ASP C 353 26.52 14.43 16.79
N LEU C 354 26.93 15.59 17.27
CA LEU C 354 27.78 15.70 18.45
C LEU C 354 27.05 16.46 19.54
N SER C 355 25.73 16.57 19.43
CA SER C 355 24.95 17.32 20.43
C SER C 355 25.00 16.64 21.80
N TYR C 356 24.72 17.39 22.86
CA TYR C 356 24.58 16.85 24.22
C TYR C 356 25.80 16.13 24.68
N ASN C 357 26.96 16.72 24.49
CA ASN C 357 28.19 16.28 25.07
C ASN C 357 28.68 17.36 26.01
N HIS C 358 29.97 17.36 26.33
CA HIS C 358 30.53 18.37 27.18
C HIS C 358 31.68 19.04 26.47
N ILE C 359 31.55 19.25 25.17
CA ILE C 359 32.65 19.68 24.35
C ILE C 359 32.93 21.14 24.67
N ARG C 360 34.17 21.44 25.03
CA ARG C 360 34.52 22.83 25.27
C ARG C 360 35.48 23.41 24.29
N ALA C 361 35.97 22.61 23.34
CA ALA C 361 36.87 23.15 22.34
C ALA C 361 36.90 22.27 21.06
N LEU C 362 36.96 22.93 19.91
CA LEU C 362 37.09 22.26 18.62
C LEU C 362 38.49 22.54 18.12
N GLY C 363 39.24 21.50 17.82
CA GLY C 363 40.55 21.63 17.21
C GLY C 363 40.50 22.31 15.86
N ASP C 364 41.62 22.96 15.52
CA ASP C 364 41.71 23.84 14.37
C ASP C 364 41.10 23.34 13.05
N GLN C 365 41.36 22.11 12.68
CA GLN C 365 40.87 21.67 11.37
C GLN C 365 39.94 20.47 11.58
N SER C 366 39.06 20.59 12.58
CA SER C 366 38.30 19.42 13.06
C SER C 366 37.52 18.74 11.94
N PHE C 367 36.97 19.55 11.05
CA PHE C 367 36.05 19.05 10.06
C PHE C 367 36.63 19.06 8.63
N LEU C 368 37.94 19.28 8.51
CA LEU C 368 38.62 19.30 7.21
C LEU C 368 38.36 18.06 6.36
N GLY C 369 38.25 16.88 6.97
CA GLY C 369 38.10 15.64 6.19
C GLY C 369 36.66 15.22 5.86
N LEU C 370 35.80 16.22 5.61
CA LEU C 370 34.31 16.04 5.64
C LEU C 370 33.62 16.98 4.68
N PRO C 371 33.92 16.85 3.42
CA PRO C 371 33.44 17.80 2.45
C PRO C 371 31.99 17.57 1.97
N ASN C 372 31.43 16.41 2.28
CA ASN C 372 30.06 16.06 1.91
C ASN C 372 29.05 16.23 3.05
N LEU C 373 29.52 16.72 4.18
CA LEU C 373 28.68 16.87 5.37
C LEU C 373 27.50 17.79 5.06
N LYS C 374 26.28 17.32 5.32
CA LYS C 374 25.04 18.12 5.16
C LYS C 374 24.49 18.64 6.49
N GLU C 375 24.71 17.86 7.55
CA GLU C 375 24.17 18.19 8.89
C GLU C 375 25.22 18.03 9.99
N LEU C 376 25.33 19.05 10.83
CA LEU C 376 26.34 19.06 11.88
C LEU C 376 25.68 19.61 13.10
N ALA C 377 25.51 18.76 14.13
CA ALA C 377 24.87 19.17 15.38
C ALA C 377 25.93 19.29 16.46
N LEU C 378 26.08 20.51 16.98
CA LEU C 378 26.95 20.84 18.10
C LEU C 378 26.20 21.48 19.26
N ASP C 379 24.87 21.42 19.24
CA ASP C 379 24.10 22.07 20.28
C ASP C 379 24.29 21.31 21.61
N THR C 380 24.06 22.03 22.69
CA THR C 380 24.11 21.54 24.05
C THR C 380 25.47 20.94 24.38
N ASN C 381 26.46 21.81 24.35
CA ASN C 381 27.82 21.48 24.72
C ASN C 381 28.32 22.65 25.60
N GLN C 382 29.63 22.89 25.64
CA GLN C 382 30.19 23.96 26.44
C GLN C 382 31.13 24.81 25.60
N LEU C 383 30.78 25.02 24.33
CA LEU C 383 31.60 25.82 23.45
C LEU C 383 31.46 27.32 23.79
N LYS C 384 32.60 27.99 23.92
CA LYS C 384 32.67 29.44 24.02
C LYS C 384 33.12 30.12 22.73
N SER C 385 33.79 29.37 21.87
CA SER C 385 34.28 29.89 20.62
C SER C 385 34.63 28.71 19.75
N VAL C 386 34.84 29.01 18.47
CA VAL C 386 35.39 28.08 17.51
C VAL C 386 36.57 28.76 16.82
N PRO C 387 37.50 27.99 16.28
CA PRO C 387 38.62 28.61 15.52
C PRO C 387 38.15 29.25 14.24
N ASP C 388 38.80 30.34 13.84
CA ASP C 388 38.45 31.03 12.61
C ASP C 388 38.51 30.05 11.44
N GLY C 389 37.49 30.09 10.58
CA GLY C 389 37.45 29.30 9.34
C GLY C 389 37.02 27.85 9.50
N ILE C 390 36.59 27.46 10.70
CA ILE C 390 36.33 26.06 11.01
C ILE C 390 35.28 25.41 10.09
N PHE C 391 34.31 26.19 9.65
CA PHE C 391 33.23 25.65 8.86
C PHE C 391 33.42 25.88 7.35
N ASP C 392 34.46 26.59 6.95
CA ASP C 392 34.58 27.07 5.58
C ASP C 392 34.61 25.98 4.51
N ARG C 393 35.10 24.80 4.88
CA ARG C 393 35.21 23.68 3.95
C ARG C 393 34.01 22.77 3.95
N LEU C 394 33.00 23.13 4.72
CA LEU C 394 31.77 22.37 4.70
C LEU C 394 30.77 22.82 3.57
N THR C 395 31.17 22.54 2.34
CA THR C 395 30.51 23.08 1.17
C THR C 395 29.20 22.39 0.79
N SER C 396 28.83 21.30 1.46
CA SER C 396 27.51 20.71 1.29
C SER C 396 26.61 20.99 2.49
N LEU C 397 27.06 21.79 3.43
CA LEU C 397 26.31 21.95 4.68
C LEU C 397 24.92 22.56 4.44
N GLN C 398 23.89 21.89 4.95
CA GLN C 398 22.49 22.35 4.80
C GLN C 398 21.98 22.85 6.13
N LYS C 399 22.29 22.12 7.20
CA LYS C 399 21.87 22.46 8.57
C LYS C 399 23.00 22.35 9.60
N ILE C 400 22.96 23.26 10.57
CA ILE C 400 23.92 23.28 11.65
C ILE C 400 23.17 23.74 12.91
N TRP C 401 23.47 23.07 14.02
CA TRP C 401 22.91 23.38 15.32
C TRP C 401 24.04 23.84 16.21
N LEU C 402 23.98 25.08 16.70
CA LEU C 402 25.02 25.64 17.57
C LEU C 402 24.48 26.15 18.88
N HIS C 403 23.17 26.00 19.08
CA HIS C 403 22.53 26.59 20.24
C HIS C 403 22.82 25.84 21.58
N THR C 404 22.46 26.51 22.66
CA THR C 404 22.61 26.01 24.02
C THR C 404 24.10 25.80 24.29
N ASN C 405 24.88 26.81 23.91
CA ASN C 405 26.32 26.85 24.13
C ASN C 405 26.67 28.20 24.70
N PRO C 406 27.65 28.25 25.61
CA PRO C 406 27.96 29.56 26.21
C PRO C 406 28.87 30.48 25.36
N TRP C 407 28.38 30.89 24.21
CA TRP C 407 29.22 31.68 23.30
C TRP C 407 29.77 32.96 23.91
N ASP C 408 31.09 33.14 23.79
CA ASP C 408 31.78 34.35 24.21
C ASP C 408 31.72 35.37 23.09
N CYS C 409 30.88 36.39 23.25
CA CYS C 409 30.66 37.34 22.18
C CYS C 409 31.49 38.59 22.31
N SER C 410 32.67 38.49 22.90
CA SER C 410 33.70 39.52 22.84
CA SER C 410 33.63 39.58 22.84
C SER C 410 34.16 39.74 21.40
N CYS C 411 34.57 40.96 21.08
CA CYS C 411 35.18 41.23 19.79
C CYS C 411 36.66 41.42 20.00
N PRO C 412 37.51 40.87 19.12
CA PRO C 412 37.14 40.22 17.87
C PRO C 412 36.98 38.70 17.92
N ARG C 413 36.97 38.11 19.11
CA ARG C 413 36.87 36.65 19.16
C ARG C 413 35.69 36.17 18.31
N ILE C 414 34.52 36.80 18.48
CA ILE C 414 33.26 36.29 17.88
C ILE C 414 33.08 36.71 16.40
N ASP C 415 34.08 37.37 15.85
CA ASP C 415 33.95 37.96 14.53
C ASP C 415 33.60 36.95 13.43
N TYR C 416 34.40 35.89 13.30
CA TYR C 416 34.17 34.88 12.29
C TYR C 416 32.80 34.22 12.43
N LEU C 417 32.49 33.71 13.62
CA LEU C 417 31.26 32.96 13.83
C LEU C 417 30.02 33.82 13.61
N SER C 418 30.02 35.03 14.13
CA SER C 418 28.86 35.93 13.90
C SER C 418 28.69 36.22 12.39
N ARG C 419 29.77 36.58 11.74
CA ARG C 419 29.68 36.86 10.31
C ARG C 419 29.26 35.61 9.54
N TRP C 420 29.72 34.44 9.99
CA TRP C 420 29.39 33.21 9.27
C TRP C 420 27.93 32.83 9.48
N LEU C 421 27.42 33.00 10.69
CA LEU C 421 26.04 32.62 10.99
C LEU C 421 25.08 33.59 10.38
N ASN C 422 25.52 34.81 10.19
CA ASN C 422 24.69 35.77 9.47
C ASN C 422 24.59 35.47 7.96
N LYS C 423 25.75 35.30 7.35
CA LYS C 423 25.88 34.84 5.97
C LYS C 423 25.17 33.50 5.66
N ASN C 424 25.06 32.62 6.64
CA ASN C 424 24.44 31.30 6.47
C ASN C 424 23.26 31.06 7.41
N SER C 425 22.50 32.14 7.69
CA SER C 425 21.38 32.11 8.65
C SER C 425 20.27 31.13 8.30
N GLN C 426 20.10 30.83 7.01
CA GLN C 426 19.20 29.77 6.57
C GLN C 426 19.60 28.39 7.12
N LYS C 427 20.87 28.17 7.47
CA LYS C 427 21.32 26.81 7.86
C LYS C 427 21.11 26.55 9.34
N GLU C 428 21.17 27.62 10.11
CA GLU C 428 21.14 27.50 11.53
C GLU C 428 19.77 27.02 12.07
N GLN C 429 19.79 25.94 12.83
CA GLN C 429 18.61 25.39 13.41
C GLN C 429 18.57 25.83 14.88
N GLY C 430 17.48 26.48 15.28
CA GLY C 430 17.44 27.18 16.58
C GLY C 430 18.38 28.36 16.57
N SER C 431 18.71 28.89 17.74
CA SER C 431 19.39 30.15 17.80
C SER C 431 20.52 30.19 18.85
N ALA C 432 21.76 30.21 18.35
CA ALA C 432 22.94 30.40 19.19
C ALA C 432 22.94 31.78 19.84
N LYS C 433 23.01 31.84 21.17
CA LYS C 433 22.99 33.11 21.94
C LYS C 433 24.30 33.40 22.68
N CYS C 434 24.63 34.68 22.81
CA CYS C 434 25.79 35.17 23.55
C CYS C 434 25.59 34.98 25.05
N SER C 435 26.62 34.50 25.75
CA SER C 435 26.60 34.43 27.21
C SER C 435 26.47 35.83 27.75
N GLY C 436 25.76 35.98 28.86
CA GLY C 436 25.63 37.31 29.47
C GLY C 436 24.47 38.05 28.86
N SER C 437 24.69 38.65 27.67
CA SER C 437 23.68 39.47 26.99
C SER C 437 22.44 38.70 26.49
N GLY C 438 22.63 37.44 26.10
CA GLY C 438 21.54 36.64 25.55
C GLY C 438 21.10 37.00 24.13
N LYS C 439 21.80 37.94 23.48
CA LYS C 439 21.47 38.25 22.09
C LYS C 439 21.94 37.15 21.12
N PRO C 440 21.22 36.99 20.00
CA PRO C 440 21.65 35.98 19.05
C PRO C 440 23.06 36.27 18.55
N VAL C 441 23.88 35.24 18.46
CA VAL C 441 25.24 35.39 17.95
C VAL C 441 25.27 36.01 16.53
N ARG C 442 24.29 35.64 15.72
CA ARG C 442 24.23 36.19 14.33
C ARG C 442 24.08 37.72 14.24
N SER C 443 23.64 38.36 15.33
CA SER C 443 23.42 39.80 15.34
C SER C 443 24.62 40.63 15.80
N ILE C 444 25.68 40.01 16.32
CA ILE C 444 26.88 40.76 16.74
C ILE C 444 27.66 41.26 15.53
N ILE C 445 28.02 42.55 15.51
CA ILE C 445 28.91 43.08 14.47
C ILE C 445 30.19 43.65 15.05
N CYS C 446 31.31 42.95 14.86
CA CYS C 446 32.61 43.41 15.34
C CYS C 446 33.22 44.48 14.40
N PRO C 447 33.72 45.58 14.97
CA PRO C 447 34.24 46.70 14.19
C PRO C 447 35.68 46.52 13.72
N GLY D 7 -23.25 16.17 22.89
CA GLY D 7 -22.61 16.05 24.23
C GLY D 7 -21.93 14.71 24.45
N GLN D 8 -22.50 13.65 23.87
CA GLN D 8 -21.90 12.29 23.95
C GLN D 8 -20.53 12.23 23.25
N ILE D 9 -20.38 13.00 22.17
CA ILE D 9 -19.10 13.13 21.45
C ILE D 9 -17.98 13.67 22.35
N ARG D 10 -18.29 14.75 23.09
CA ARG D 10 -17.34 15.31 24.05
C ARG D 10 -16.84 14.26 25.05
N GLY D 11 -17.75 13.40 25.51
CA GLY D 11 -17.47 12.35 26.49
C GLY D 11 -16.51 11.29 25.95
N LEU D 12 -16.75 10.84 24.73
CA LEU D 12 -15.84 9.93 24.02
C LEU D 12 -14.47 10.59 23.82
N GLU D 13 -14.47 11.85 23.38
CA GLU D 13 -13.24 12.63 23.17
C GLU D 13 -12.40 12.72 24.44
N MET D 14 -13.06 12.95 25.57
CA MET D 14 -12.42 13.01 26.88
C MET D 14 -11.85 11.66 27.33
N ALA D 15 -12.67 10.61 27.23
CA ALA D 15 -12.24 9.26 27.62
C ALA D 15 -11.03 8.84 26.81
N SER D 16 -10.99 9.29 25.57
CA SER D 16 -9.92 8.93 24.64
C SER D 16 -8.57 9.57 25.03
N LYS D 17 -8.61 10.90 25.20
CA LYS D 17 -7.47 11.70 25.68
C LYS D 17 -6.90 11.16 27.00
N ASN D 18 -7.80 10.86 27.95
CA ASN D 18 -7.38 10.24 29.22
C ASN D 18 -6.72 8.87 29.01
N SER D 19 -7.24 8.09 28.07
CA SER D 19 -6.61 6.80 27.71
C SER D 19 -5.22 7.00 27.14
N GLN D 20 -5.05 7.91 26.20
CA GLN D 20 -3.74 8.23 25.60
C GLN D 20 -2.75 8.68 26.64
N ASP D 21 -3.22 9.48 27.59
CA ASP D 21 -2.36 9.93 28.71
C ASP D 21 -1.91 8.80 29.62
N GLY D 22 -2.83 7.90 29.94
CA GLY D 22 -2.43 6.65 30.60
C GLY D 22 -1.33 5.97 29.80
N ILE D 23 -1.46 5.92 28.49
CA ILE D 23 -0.46 5.22 27.67
C ILE D 23 0.87 5.92 27.80
N SER D 24 0.89 7.26 27.73
CA SER D 24 2.16 8.00 27.81
C SER D 24 2.86 7.78 29.15
N LEU D 25 2.06 7.81 30.21
CA LEU D 25 2.57 7.55 31.57
C LEU D 25 3.22 6.18 31.66
N ILE D 26 2.52 5.19 31.13
CA ILE D 26 3.02 3.81 31.13
C ILE D 26 4.28 3.69 30.32
N GLN D 27 4.32 4.37 29.18
CA GLN D 27 5.55 4.36 28.37
C GLN D 27 6.73 4.95 29.12
N THR D 28 6.53 6.06 29.81
CA THR D 28 7.60 6.63 30.64
C THR D 28 8.08 5.66 31.68
N ALA D 29 7.14 4.95 32.31
CA ALA D 29 7.46 3.96 33.31
C ALA D 29 8.23 2.81 32.70
N GLU D 30 7.74 2.32 31.57
CA GLU D 30 8.38 1.21 30.90
C GLU D 30 9.79 1.57 30.47
N GLY D 31 10.01 2.80 30.05
CA GLY D 31 11.34 3.24 29.63
C GLY D 31 12.31 3.14 30.80
N ALA D 32 11.93 3.71 31.95
CA ALA D 32 12.76 3.67 33.16
C ALA D 32 13.00 2.26 33.69
N LEU D 33 11.97 1.41 33.66
CA LEU D 33 12.10 0.04 34.11
C LEU D 33 13.06 -0.73 33.23
N THR D 34 13.16 -0.40 31.95
CA THR D 34 14.11 -1.11 31.13
C THR D 34 15.55 -0.67 31.48
N GLU D 35 15.71 0.57 31.95
CA GLU D 35 17.02 1.02 32.44
C GLU D 35 17.39 0.32 33.75
N THR D 36 16.42 0.20 34.64
CA THR D 36 16.64 -0.52 35.87
C THR D 36 17.01 -1.96 35.58
N HIS D 37 16.29 -2.61 34.69
CA HIS D 37 16.58 -3.99 34.34
C HIS D 37 18.01 -4.13 33.80
N ALA D 38 18.43 -3.22 32.90
CA ALA D 38 19.79 -3.23 32.35
C ALA D 38 20.86 -3.10 33.44
N ILE D 39 20.67 -2.17 34.37
CA ILE D 39 21.59 -2.03 35.49
C ILE D 39 21.68 -3.30 36.37
N LEU D 40 20.53 -3.88 36.67
CA LEU D 40 20.50 -5.11 37.39
C LEU D 40 21.19 -6.27 36.69
N GLN D 41 21.07 -6.36 35.39
CA GLN D 41 21.73 -7.42 34.67
C GLN D 41 23.23 -7.19 34.65
N ARG D 42 23.67 -5.92 34.60
CA ARG D 42 25.11 -5.65 34.59
C ARG D 42 25.64 -5.99 35.99
N MET D 43 24.88 -5.65 37.02
CA MET D 43 25.20 -6.07 38.40
C MET D 43 25.32 -7.58 38.55
N ARG D 44 24.43 -8.29 37.91
CA ARG D 44 24.48 -9.73 37.91
C ARG D 44 25.75 -10.22 37.28
N GLU D 45 26.11 -9.63 36.15
CA GLU D 45 27.32 -10.05 35.44
C GLU D 45 28.59 -9.74 36.21
N LEU D 46 28.57 -8.62 36.92
CA LEU D 46 29.71 -8.28 37.78
C LEU D 46 29.80 -9.25 38.95
N THR D 47 28.64 -9.71 39.43
CA THR D 47 28.63 -10.57 40.56
C THR D 47 29.19 -11.95 40.13
N VAL D 48 28.72 -12.43 38.98
CA VAL D 48 29.23 -13.67 38.41
C VAL D 48 30.74 -13.63 38.23
N GLN D 49 31.23 -12.54 37.66
CA GLN D 49 32.67 -12.37 37.44
C GLN D 49 33.40 -12.37 38.76
N ALA D 50 32.80 -11.73 39.77
CA ALA D 50 33.39 -11.74 41.11
C ALA D 50 33.50 -13.18 41.67
N GLY D 51 32.46 -13.99 41.48
CA GLY D 51 32.48 -15.37 41.97
C GLY D 51 33.46 -16.27 41.25
N ASN D 52 33.85 -15.91 40.03
CA ASN D 52 34.81 -16.63 39.28
C ASN D 52 36.20 -16.06 39.47
N THR D 53 36.36 -15.15 40.41
CA THR D 53 37.69 -14.58 40.63
C THR D 53 38.50 -15.56 41.47
N GLY D 54 39.70 -15.88 40.98
CA GLY D 54 40.61 -16.78 41.68
C GLY D 54 41.09 -16.23 43.02
N THR D 55 41.86 -17.05 43.72
CA THR D 55 42.34 -16.74 45.08
C THR D 55 43.48 -15.72 44.98
N GLN D 56 44.36 -15.93 43.99
CA GLN D 56 45.44 -14.99 43.66
C GLN D 56 45.00 -13.72 42.94
N GLN D 57 43.71 -13.65 42.59
CA GLN D 57 43.16 -12.49 41.90
C GLN D 57 42.18 -11.72 42.78
N ALA D 58 42.31 -11.86 44.09
CA ALA D 58 41.37 -11.24 45.03
C ALA D 58 41.34 -9.70 44.98
N GLU D 59 42.44 -9.08 44.55
N GLU D 59 42.41 -9.04 44.54
CA GLU D 59 42.56 -7.61 44.42
CA GLU D 59 42.46 -7.57 44.49
C GLU D 59 41.52 -7.01 43.47
C GLU D 59 41.45 -7.00 43.49
N ASP D 60 41.06 -7.81 42.51
CA ASP D 60 40.00 -7.42 41.57
C ASP D 60 38.62 -7.17 42.23
N LEU D 61 38.36 -7.77 43.40
CA LEU D 61 37.04 -7.72 43.97
C LEU D 61 36.65 -6.30 44.40
N GLY D 62 37.61 -5.51 44.86
CA GLY D 62 37.31 -4.14 45.32
C GLY D 62 36.83 -3.28 44.15
N ALA D 63 37.40 -3.51 42.97
CA ALA D 63 37.11 -2.70 41.77
C ALA D 63 35.72 -3.07 41.29
N ILE D 64 35.38 -4.34 41.41
CA ILE D 64 34.01 -4.76 41.17
C ILE D 64 32.98 -4.14 42.12
N LYS D 65 33.23 -4.20 43.42
CA LYS D 65 32.31 -3.57 44.39
C LYS D 65 32.18 -2.07 44.11
N ASP D 66 33.27 -1.38 43.76
CA ASP D 66 33.21 0.04 43.43
C ASP D 66 32.16 0.31 42.29
N GLU D 67 32.19 -0.51 41.24
CA GLU D 67 31.29 -0.30 40.13
C GLU D 67 29.84 -0.66 40.56
N MET D 68 29.68 -1.78 41.23
CA MET D 68 28.34 -2.18 41.71
C MET D 68 27.71 -1.13 42.63
N ASP D 69 28.54 -0.55 43.49
CA ASP D 69 28.05 0.52 44.36
C ASP D 69 27.51 1.68 43.54
N ALA D 70 28.24 2.09 42.48
CA ALA D 70 27.75 3.15 41.59
C ALA D 70 26.47 2.75 40.86
N LEU D 71 26.39 1.49 40.47
CA LEU D 71 25.21 0.99 39.79
C LEU D 71 24.02 1.03 40.76
N ILE D 72 24.24 0.68 42.01
CA ILE D 72 23.17 0.79 43.01
C ILE D 72 22.72 2.25 43.15
N GLU D 73 23.66 3.18 43.12
CA GLU D 73 23.30 4.63 43.09
C GLU D 73 22.45 4.94 41.82
N GLU D 74 22.80 4.38 40.67
CA GLU D 74 22.02 4.67 39.46
C GLU D 74 20.59 4.14 39.61
N ILE D 75 20.42 2.97 40.19
CA ILE D 75 19.10 2.42 40.37
C ILE D 75 18.27 3.39 41.23
N ASP D 76 18.88 3.89 42.28
CA ASP D 76 18.19 4.84 43.11
C ASP D 76 17.90 6.14 42.42
N GLY D 77 18.81 6.59 41.55
CA GLY D 77 18.60 7.80 40.79
C GLY D 77 17.34 7.70 39.92
N ILE D 78 17.22 6.57 39.21
CA ILE D 78 16.09 6.28 38.34
C ILE D 78 14.79 6.21 39.11
N SER D 79 14.81 5.48 40.20
CA SER D 79 13.70 5.41 41.13
C SER D 79 13.19 6.79 41.59
N ASN D 80 14.12 7.72 41.80
CA ASN D 80 13.79 8.98 42.44
C ASN D 80 13.43 10.05 41.44
N ARG D 81 13.98 9.99 40.22
CA ARG D 81 13.67 11.05 39.26
C ARG D 81 12.50 10.76 38.29
N THR D 82 12.23 9.49 37.98
CA THR D 82 11.27 9.15 36.96
C THR D 82 9.92 9.75 37.31
N GLU D 83 9.44 10.61 36.42
CA GLU D 83 8.17 11.32 36.62
C GLU D 83 7.36 11.47 35.33
N PHE D 84 6.04 11.49 35.48
CA PHE D 84 5.16 11.91 34.39
C PHE D 84 4.13 12.87 34.93
N ASN D 85 3.93 13.98 34.25
CA ASN D 85 2.91 14.93 34.69
C ASN D 85 3.19 15.39 36.15
N GLY D 86 4.46 15.58 36.48
CA GLY D 86 4.87 16.04 37.79
C GLY D 86 4.73 15.02 38.92
N LYS D 87 4.47 13.77 38.57
CA LYS D 87 4.24 12.74 39.56
C LYS D 87 5.35 11.69 39.50
N LYS D 88 5.88 11.32 40.64
CA LYS D 88 6.90 10.30 40.70
C LYS D 88 6.29 8.93 40.44
N LEU D 89 6.89 8.16 39.55
CA LEU D 89 6.31 6.92 39.07
C LEU D 89 6.86 5.69 39.81
N LEU D 90 8.12 5.77 40.25
CA LEU D 90 8.87 4.60 40.66
C LEU D 90 9.52 4.68 42.05
N ASP D 91 9.10 5.63 42.88
CA ASP D 91 9.65 5.72 44.21
C ASP D 91 8.68 5.24 45.30
N GLY D 92 7.58 4.61 44.89
CA GLY D 92 6.59 4.07 45.83
C GLY D 92 5.63 5.06 46.45
N THR D 93 5.89 6.36 46.28
CA THR D 93 5.06 7.40 46.94
C THR D 93 3.62 7.48 46.43
N ASN D 94 3.36 6.94 45.26
CA ASN D 94 2.01 6.90 44.69
C ASN D 94 1.43 5.49 44.64
N SER D 95 2.14 4.51 45.18
CA SER D 95 1.73 3.11 45.04
C SER D 95 0.61 2.65 46.00
N THR D 96 0.14 3.51 46.90
CA THR D 96 -1.00 3.16 47.75
C THR D 96 -2.30 3.39 46.94
N ASP D 97 -2.53 4.64 46.53
CA ASP D 97 -3.67 5.01 45.66
C ASP D 97 -3.47 4.61 44.18
N GLY D 98 -2.26 4.81 43.69
CA GLY D 98 -1.99 4.51 42.29
C GLY D 98 -2.42 5.65 41.39
N PHE D 99 -2.40 5.41 40.08
CA PHE D 99 -2.85 6.42 39.11
C PHE D 99 -4.19 6.01 38.50
N THR D 100 -5.17 6.92 38.59
CA THR D 100 -6.51 6.62 38.12
C THR D 100 -6.82 7.39 36.86
N PHE D 101 -7.34 6.67 35.87
CA PHE D 101 -7.71 7.26 34.59
C PHE D 101 -9.19 7.10 34.31
N GLN D 102 -9.82 8.22 33.96
CA GLN D 102 -11.22 8.28 33.59
C GLN D 102 -11.34 7.97 32.13
N ILE D 103 -11.57 6.71 31.81
CA ILE D 103 -11.53 6.24 30.42
C ILE D 103 -12.89 5.82 29.85
N GLY D 104 -13.91 5.84 30.70
CA GLY D 104 -15.23 5.39 30.29
C GLY D 104 -16.06 6.58 29.91
N ALA D 105 -16.96 6.37 28.94
CA ALA D 105 -17.87 7.42 28.47
C ALA D 105 -18.89 7.81 29.56
N ASN D 106 -18.91 7.07 30.67
CA ASN D 106 -19.69 7.44 31.85
C ASN D 106 -18.88 7.19 33.12
N ALA D 107 -19.20 7.95 34.17
CA ALA D 107 -18.53 7.80 35.48
C ALA D 107 -18.73 6.39 36.05
N GLY D 108 -17.69 5.88 36.73
CA GLY D 108 -17.68 4.52 37.24
C GLY D 108 -16.72 3.64 36.45
N GLN D 109 -16.77 3.77 35.12
CA GLN D 109 -15.84 3.07 34.20
C GLN D 109 -14.41 3.68 34.28
N GLN D 110 -13.52 2.95 34.95
CA GLN D 110 -12.32 3.55 35.51
C GLN D 110 -11.17 2.58 35.64
N LEU D 111 -9.96 3.11 35.59
CA LEU D 111 -8.79 2.27 35.53
C LEU D 111 -7.72 2.79 36.46
N ASN D 112 -7.27 1.90 37.35
CA ASN D 112 -6.28 2.26 38.35
C ASN D 112 -5.04 1.46 38.11
N VAL D 113 -3.90 2.13 38.13
CA VAL D 113 -2.64 1.47 37.89
C VAL D 113 -1.70 1.71 39.07
N LYS D 114 -1.23 0.61 39.69
CA LYS D 114 -0.31 0.69 40.82
C LYS D 114 1.06 0.30 40.33
N ILE D 115 2.05 1.09 40.71
CA ILE D 115 3.43 0.82 40.37
C ILE D 115 4.20 0.79 41.68
N ASP D 116 4.87 -0.33 41.94
CA ASP D 116 5.62 -0.43 43.18
C ASP D 116 6.92 0.35 43.04
N SER D 117 7.51 0.67 44.20
CA SER D 117 8.84 1.30 44.26
C SER D 117 9.92 0.39 43.63
N MET D 118 10.84 1.01 42.88
CA MET D 118 11.97 0.33 42.30
C MET D 118 13.30 0.90 42.81
N SER D 119 13.31 1.41 44.02
CA SER D 119 14.57 1.73 44.67
C SER D 119 15.40 0.46 44.98
N SER D 120 16.69 0.68 45.21
CA SER D 120 17.57 -0.41 45.52
C SER D 120 17.17 -1.09 46.84
N THR D 121 16.68 -0.30 47.79
CA THR D 121 16.17 -0.87 49.03
C THR D 121 14.91 -1.70 48.80
N ALA D 122 13.94 -1.15 48.04
CA ALA D 122 12.71 -1.87 47.80
C ALA D 122 12.99 -3.13 46.99
N LEU D 123 13.96 -3.09 46.07
CA LEU D 123 14.30 -4.26 45.26
C LEU D 123 15.19 -5.29 46.02
N GLY D 124 15.80 -4.85 47.12
CA GLY D 124 16.67 -5.67 47.99
C GLY D 124 18.09 -5.92 47.48
N VAL D 125 18.63 -4.96 46.72
CA VAL D 125 19.98 -5.08 46.17
C VAL D 125 20.96 -4.08 46.77
N ASN D 126 20.49 -3.37 47.78
CA ASN D 126 21.22 -2.37 48.54
CA ASN D 126 21.29 -2.34 48.45
C ASN D 126 22.44 -2.91 49.30
N ALA D 127 22.27 -4.12 49.83
CA ALA D 127 23.28 -4.75 50.69
C ALA D 127 24.36 -5.55 49.97
N LEU D 128 24.30 -5.65 48.65
CA LEU D 128 25.27 -6.45 47.89
C LEU D 128 26.71 -6.04 48.23
N ASP D 129 27.58 -7.04 48.36
CA ASP D 129 28.99 -6.79 48.66
C ASP D 129 29.82 -8.00 48.26
N VAL D 130 30.50 -7.81 47.12
CA VAL D 130 31.23 -8.82 46.44
C VAL D 130 32.60 -9.10 47.13
N THR D 131 33.04 -8.21 48.02
CA THR D 131 34.26 -8.45 48.80
C THR D 131 33.92 -9.31 50.05
N ASP D 132 32.66 -9.70 50.22
CA ASP D 132 32.18 -10.31 51.43
C ASP D 132 31.36 -11.57 51.22
N PHE D 133 31.79 -12.43 50.31
CA PHE D 133 31.09 -13.70 50.06
C PHE D 133 31.24 -14.62 51.27
N ALA D 134 32.24 -14.32 52.11
CA ALA D 134 32.47 -14.98 53.37
C ALA D 134 31.41 -14.74 54.42
N ALA D 135 30.63 -13.67 54.29
CA ALA D 135 29.57 -13.35 55.25
C ALA D 135 28.18 -13.43 54.61
N THR D 136 28.04 -12.99 53.37
CA THR D 136 26.80 -13.11 52.63
CA THR D 136 26.78 -13.18 52.67
C THR D 136 27.13 -13.94 51.40
N ALA D 137 26.69 -15.20 51.39
CA ALA D 137 27.04 -16.17 50.34
C ALA D 137 26.78 -15.64 48.96
N PHE D 138 27.69 -15.94 48.05
CA PHE D 138 27.46 -15.69 46.63
C PHE D 138 26.06 -16.05 46.19
N ASP D 139 25.60 -17.25 46.50
CA ASP D 139 24.30 -17.70 45.99
C ASP D 139 23.19 -16.79 46.45
N ASP D 140 23.30 -16.25 47.64
CA ASP D 140 22.26 -15.41 48.21
C ASP D 140 22.30 -14.07 47.57
N GLN D 141 23.49 -13.56 47.32
CA GLN D 141 23.64 -12.30 46.61
C GLN D 141 23.09 -12.40 45.20
N LEU D 142 23.47 -13.46 44.48
CA LEU D 142 22.96 -13.67 43.13
C LEU D 142 21.44 -13.84 43.16
N LYS D 143 20.92 -14.55 44.15
CA LYS D 143 19.47 -14.69 44.25
C LYS D 143 18.79 -13.30 44.48
N SER D 144 19.37 -12.45 45.30
CA SER D 144 18.77 -11.14 45.55
C SER D 144 18.67 -10.41 44.22
N ILE D 145 19.72 -10.51 43.40
CA ILE D 145 19.72 -9.81 42.11
C ILE D 145 18.65 -10.40 41.18
N ASP D 146 18.59 -11.73 41.08
CA ASP D 146 17.59 -12.40 40.24
C ASP D 146 16.15 -12.12 40.70
N THR D 147 15.94 -11.99 42.01
CA THR D 147 14.61 -11.64 42.52
C THR D 147 14.29 -10.22 42.07
N ALA D 148 15.27 -9.33 42.15
CA ALA D 148 15.13 -7.96 41.69
C ALA D 148 14.81 -7.90 40.21
N ILE D 149 15.51 -8.68 39.40
CA ILE D 149 15.26 -8.73 37.97
C ILE D 149 13.81 -9.19 37.69
N ASN D 150 13.39 -10.27 38.35
CA ASN D 150 12.05 -10.80 38.16
C ASN D 150 11.00 -9.76 38.53
N THR D 151 11.23 -9.07 39.63
CA THR D 151 10.30 -8.06 40.13
C THR D 151 10.16 -6.96 39.11
N VAL D 152 11.27 -6.46 38.59
CA VAL D 152 11.19 -5.40 37.60
C VAL D 152 10.50 -5.90 36.32
N SER D 153 10.90 -7.08 35.90
CA SER D 153 10.35 -7.68 34.72
C SER D 153 8.84 -7.93 34.82
N THR D 154 8.40 -8.34 35.98
CA THR D 154 6.99 -8.57 36.22
C THR D 154 6.24 -7.24 36.20
N GLN D 155 6.80 -6.19 36.81
CA GLN D 155 6.11 -4.89 36.82
C GLN D 155 5.96 -4.39 35.36
N ARG D 156 6.99 -4.62 34.54
CA ARG D 156 6.94 -4.17 33.13
C ARG D 156 5.83 -4.92 32.34
N ALA D 157 5.77 -6.22 32.53
CA ALA D 157 4.77 -7.04 31.86
C ALA D 157 3.38 -6.61 32.27
N LYS D 158 3.20 -6.31 33.57
CA LYS D 158 1.91 -5.84 34.06
C LYS D 158 1.51 -4.56 33.37
N LEU D 159 2.46 -3.65 33.23
CA LEU D 159 2.21 -2.38 32.57
C LEU D 159 1.92 -2.58 31.07
N GLY D 160 2.46 -3.63 30.46
CA GLY D 160 2.18 -3.95 29.06
C GLY D 160 0.72 -4.39 28.86
N ALA D 161 0.20 -5.12 29.83
CA ALA D 161 -1.17 -5.57 29.79
C ALA D 161 -2.12 -4.38 29.89
N VAL D 162 -1.83 -3.43 30.78
CA VAL D 162 -2.68 -2.24 30.93
C VAL D 162 -2.62 -1.38 29.69
N GLN D 163 -1.42 -1.16 29.15
CA GLN D 163 -1.26 -0.41 27.93
C GLN D 163 -2.12 -0.98 26.79
N ASN D 164 -2.18 -2.30 26.71
CA ASN D 164 -2.93 -2.99 25.68
C ASN D 164 -4.42 -2.76 25.88
N ARG D 165 -4.83 -2.74 27.14
CA ARG D 165 -6.20 -2.46 27.51
C ARG D 165 -6.57 -1.04 27.07
N LEU D 166 -5.66 -0.11 27.30
CA LEU D 166 -5.88 1.30 26.92
C LEU D 166 -5.91 1.51 25.39
N GLU D 167 -5.09 0.75 24.66
CA GLU D 167 -5.15 0.83 23.19
C GLU D 167 -6.51 0.35 22.66
N HIS D 168 -7.01 -0.76 23.22
CA HIS D 168 -8.32 -1.26 22.86
C HIS D 168 -9.42 -0.29 23.24
N THR D 169 -9.29 0.37 24.39
CA THR D 169 -10.32 1.31 24.82
C THR D 169 -10.41 2.48 23.85
N ILE D 170 -9.26 2.97 23.42
CA ILE D 170 -9.20 4.02 22.40
C ILE D 170 -9.90 3.61 21.10
N ASN D 171 -9.58 2.43 20.57
CA ASN D 171 -10.27 1.94 19.39
C ASN D 171 -11.79 1.85 19.62
N ASN D 172 -12.17 1.42 20.81
CA ASN D 172 -13.58 1.27 21.14
C ASN D 172 -14.31 2.60 21.09
N LEU D 173 -13.70 3.62 21.70
CA LEU D 173 -14.32 4.96 21.80
C LEU D 173 -14.41 5.60 20.44
N GLY D 174 -13.39 5.37 19.59
CA GLY D 174 -13.36 5.86 18.21
C GLY D 174 -14.49 5.27 17.39
N ALA D 175 -14.71 3.97 17.55
CA ALA D 175 -15.91 3.32 17.08
C ALA D 175 -17.08 3.74 17.99
C1 NAG E . -28.62 -0.53 -17.63
C2 NAG E . -28.37 -0.63 -16.10
C3 NAG E . -28.11 0.73 -15.49
C4 NAG E . -27.02 1.44 -16.30
C5 NAG E . -27.45 1.42 -17.77
C6 NAG E . -26.51 2.18 -18.69
C7 NAG E . -29.45 -2.37 -14.78
C8 NAG E . -30.76 -2.91 -14.21
N2 NAG E . -29.54 -1.25 -15.51
O3 NAG E . -27.77 0.58 -14.15
O4 NAG E . -26.97 2.81 -16.03
O5 NAG E . -27.49 0.11 -18.19
O6 NAG E . -25.31 1.51 -18.58
O7 NAG E . -28.33 -2.92 -14.62
C1 NAG E . -26.12 3.15 -14.94
C2 NAG E . -25.54 4.54 -15.17
C3 NAG E . -24.77 4.95 -13.91
C4 NAG E . -25.63 4.79 -12.64
C5 NAG E . -26.18 3.36 -12.60
C6 NAG E . -27.04 3.05 -11.36
C7 NAG E . -25.00 5.38 -17.46
C8 NAG E . -24.00 5.35 -18.59
N2 NAG E . -24.68 4.64 -16.36
O3 NAG E . -24.40 6.30 -14.04
O4 NAG E . -24.86 5.03 -11.48
O5 NAG E . -26.92 3.17 -13.79
O6 NAG E . -28.39 3.47 -11.54
O7 NAG E . -26.04 6.06 -17.60
C1 NAG F . 21.18 10.40 17.68
C2 NAG F . 20.06 11.08 16.82
C3 NAG F . 19.10 11.81 17.73
C4 NAG F . 18.65 10.88 18.88
C5 NAG F . 19.85 10.23 19.55
C6 NAG F . 19.43 9.29 20.70
C7 NAG F . 20.58 11.75 14.51
C8 NAG F . 21.15 12.79 13.55
N2 NAG F . 20.59 12.02 15.83
O3 NAG F . 18.01 12.29 16.96
O4 NAG F . 18.00 11.65 19.88
O5 NAG F . 20.59 9.48 18.60
O6 NAG F . 18.76 8.15 20.21
O7 NAG F . 20.11 10.71 14.04
C1 NAG F . 16.59 11.62 19.76
C2 NAG F . 15.94 11.86 21.13
C3 NAG F . 14.82 12.86 21.02
C4 NAG F . 15.51 14.17 20.63
C5 NAG F . 16.23 14.01 19.28
C6 NAG F . 17.55 14.77 19.19
C7 NAG F . 16.18 10.05 22.75
C8 NAG F . 15.68 8.70 23.21
N2 NAG F . 15.54 10.57 21.69
O3 NAG F . 14.10 12.96 22.22
O4 NAG F . 14.57 15.24 20.48
O5 NAG F . 16.32 12.64 18.85
O6 NAG F . 17.61 15.50 17.97
O7 NAG F . 17.13 10.63 23.33
C1 NAG G . 25.06 3.33 -11.33
C2 NAG G . 26.28 2.39 -11.32
C3 NAG G . 27.43 2.97 -10.52
C4 NAG G . 27.77 4.36 -11.05
C5 NAG G . 26.50 5.23 -10.94
C6 NAG G . 26.70 6.66 -11.46
C7 NAG G . 26.27 -0.13 -11.14
C8 NAG G . 25.76 -1.30 -10.35
N2 NAG G . 25.91 1.10 -10.72
O3 NAG G . 28.55 2.13 -10.59
O4 NAG G . 28.90 4.91 -10.37
O5 NAG G . 25.44 4.65 -11.69
O6 NAG G . 25.57 7.43 -11.09
O7 NAG G . 26.96 -0.36 -12.12
C1 NAG H . 21.73 -6.10 -20.86
C2 NAG H . 23.04 -5.90 -21.64
C3 NAG H . 23.36 -6.98 -22.69
C4 NAG H . 22.77 -8.37 -22.44
C5 NAG H . 21.33 -8.24 -21.93
C6 NAG H . 20.64 -9.60 -21.72
C7 NAG H . 23.94 -3.63 -22.15
C8 NAG H . 23.74 -2.40 -23.02
N2 NAG H . 23.03 -4.61 -22.34
O3 NAG H . 24.76 -7.05 -22.71
O4 NAG H . 22.84 -9.21 -23.60
O5 NAG H . 21.36 -7.46 -20.72
O6 NAG H . 20.59 -9.96 -20.34
O7 NAG H . 24.88 -3.67 -21.35
C1 NAG I . -3.96 -26.65 -25.19
C2 NAG I . -3.66 -28.00 -25.88
C3 NAG I . -3.34 -29.12 -24.90
C4 NAG I . -2.31 -28.64 -23.88
C5 NAG I . -2.87 -27.37 -23.19
C6 NAG I . -1.94 -26.75 -22.15
C7 NAG I . -4.74 -28.27 -28.11
C8 NAG I . -5.98 -28.79 -28.83
N2 NAG I . -4.75 -28.41 -26.78
O3 NAG I . -2.81 -30.22 -25.62
O4 NAG I . -1.96 -29.68 -22.96
O5 NAG I . -3.02 -26.37 -24.16
O6 NAG I . -0.72 -26.72 -22.84
O7 NAG I . -3.80 -27.79 -28.77
O1 PG4 J . -40.61 6.93 -31.61
C1 PG4 J . -39.29 7.35 -32.00
C2 PG4 J . -38.68 8.07 -30.83
O2 PG4 J . -39.68 8.98 -30.37
C3 PG4 J . -39.17 10.31 -30.15
C4 PG4 J . -40.27 11.26 -29.66
O3 PG4 J . -39.84 11.92 -28.47
C5 PG4 J . -40.60 11.72 -27.28
C6 PG4 J . -39.99 12.56 -26.16
O4 PG4 J . -39.80 11.78 -24.99
C7 PG4 J . -39.04 12.45 -23.99
C8 PG4 J . -37.97 11.52 -23.40
O5 PG4 J . -38.44 10.78 -22.25
C1 NAG K . -18.66 -24.91 21.66
C2 NAG K . -19.00 -26.38 21.78
C3 NAG K . -20.35 -26.64 22.46
C4 NAG K . -20.48 -25.81 23.74
C5 NAG K . -20.16 -24.35 23.38
C6 NAG K . -20.47 -23.36 24.50
C7 NAG K . -18.83 -28.25 20.17
C8 NAG K . -18.74 -28.66 18.73
N2 NAG K . -18.91 -26.94 20.44
O3 NAG K . -20.54 -28.01 22.76
O4 NAG K . -21.80 -26.00 24.27
O5 NAG K . -18.81 -24.26 22.94
O6 NAG K . -19.84 -22.16 24.11
O7 NAG K . -18.83 -29.11 21.06
C1 NAG L . -6.94 -32.10 18.18
C2 NAG L . -7.30 -33.41 18.92
C3 NAG L . -6.06 -34.30 19.11
C4 NAG L . -5.33 -34.51 17.78
C5 NAG L . -4.98 -33.12 17.25
C6 NAG L . -4.09 -33.17 16.00
C7 NAG L . -9.07 -33.26 20.66
C8 NAG L . -9.35 -32.92 22.10
N2 NAG L . -7.80 -33.13 20.25
O3 NAG L . -6.41 -35.54 19.73
O4 NAG L . -4.10 -35.18 18.02
O5 NAG L . -6.20 -32.42 17.02
O6 NAG L . -4.40 -32.11 15.12
O7 NAG L . -10.00 -33.65 19.94
C1 NAG M . 20.61 -22.44 1.36
C2 NAG M . 21.40 -23.37 0.37
C3 NAG M . 20.90 -23.40 -1.08
C4 NAG M . 19.37 -23.52 -1.08
C5 NAG M . 18.76 -22.38 -0.23
C6 NAG M . 17.23 -22.43 -0.18
C7 NAG M . 23.66 -23.70 1.30
C8 NAG M . 25.12 -23.31 1.24
N2 NAG M . 22.84 -23.10 0.43
O3 NAG M . 21.47 -24.51 -1.77
O4 NAG M . 18.81 -23.66 -2.40
O5 NAG M . 19.21 -22.43 1.12
O6 NAG M . 16.86 -23.73 0.22
O7 NAG M . 23.28 -24.54 2.14
O1 PG4 N . 36.10 15.59 29.68
C1 PG4 N . 35.39 15.27 30.90
C2 PG4 N . 33.87 15.35 30.73
O2 PG4 N . 33.40 16.67 31.07
C3 PG4 N . 32.29 16.76 32.00
C4 PG4 N . 32.27 18.16 32.65
O3 PG4 N . 30.98 18.79 32.53
C5 PG4 N . 30.93 20.08 31.93
C6 PG4 N . 29.53 20.65 32.04
O4 PG4 N . 28.69 20.21 30.98
C7 PG4 N . 27.40 20.80 30.98
C8 PG4 N . 26.45 19.94 30.14
O5 PG4 N . 26.42 20.29 28.74
#